data_8I6Y
#
_entry.id   8I6Y
#
_cell.length_a   116.368
_cell.length_b   119.349
_cell.length_c   135.360
_cell.angle_alpha   90.000
_cell.angle_beta   90.000
_cell.angle_gamma   90.000
#
_symmetry.space_group_name_H-M   'P 21 21 21'
#
loop_
_entity.id
_entity.type
_entity.pdbx_description
1 polymer 'Linoleate 9S-lipoxygenase 1'
2 non-polymer 'FE (III) ION'
3 water water
#
_entity_poly.entity_id   1
_entity_poly.type   'polypeptide(L)'
_entity_poly.pdbx_seq_one_letter_code
;MFGELRDLLTGGGNETTTKKVKGTVVLMKKNVLDFNDFNASFLDRLHEFLGNKITLRLVSSDVTDSENGSKGKLGKAAHL
EDWITTITSLTAGESAFKVTFDYETDFGYPGAFLIRNSHFSEFLLKSLTLEDVPGHGRVHYICNSWIYPAKHYTTDRVFF
SNKTYLPHETPATLLKYREEELVSLRGTGEGELKEWDRVYDYAYYNDLGVPPKNPRPVLGGTQEYPYPRRGRTGRKPTKE
DPQTESRLPITSSLDIYVPRDERFGHLKMSDFLAYALKAIAQFIQPALEAVFDDTPKEFDSFEDVLKIYEEGIDLPNQAL
IDSIVKNIPLEMLKEIFRTDGQKFLKFPVPQVIKEDKTAWRTDEEFAREMLAGLNPVVIQLLKEFPPKSKLDSESYGNQN
STITKSHIEHNLDGLTVEEALEKERLFILDHHDTLMPYLGRVNTTTTKTYASRTLLFLKDDGTLKPLVIELSLPHPNGDK
FGAVSEVYTPGEGVYDSLWQLAKAFVGVNDSGNHQLISHWMQTHASIEPFVIATNRQLSVLHPVFKLLEPHFRDTMNINA
LARQILINGGGIFEITVFPSKYAMEMSSFIYKNHWTFPDQALPAELKKRGMAVEDPEAPHGLRLRIKDYPYAVDGLEVWY
AIESWVRDYIFLFYKIEEDIQTDTELQAWWKEVREEGHGDKKSEPWWPKMQTREELVESCTIIIWVASALHAAVNFGQYP
VAGYLPNRPTISRQYMPKENTPEFEELEKNPDKVFLKTITAQLQTLLGISLIEILSTHSSDEVYLGQRDSKEWAAEKEAL
EAFEKFGEKVKEIEKNIDERNDDETLKNRTGLVKMPYTLLFPSSEGGVTGRGIPNSVSI
;
_entity_poly.pdbx_strand_id   A,B
#
# COMPACT_ATOMS: atom_id res chain seq x y z
N THR A 16 47.99 -9.02 -52.04
CA THR A 16 47.67 -8.82 -50.62
C THR A 16 47.35 -10.13 -49.91
N THR A 17 48.33 -10.78 -49.28
CA THR A 17 47.99 -12.00 -48.57
C THR A 17 47.43 -11.62 -47.21
N THR A 18 46.16 -11.93 -47.03
CA THR A 18 45.48 -11.68 -45.78
C THR A 18 46.19 -12.43 -44.65
N LYS A 19 46.32 -11.76 -43.52
CA LYS A 19 46.98 -12.30 -42.34
C LYS A 19 46.13 -11.97 -41.12
N LYS A 20 45.96 -12.93 -40.21
CA LYS A 20 44.99 -12.78 -39.12
C LYS A 20 45.59 -12.09 -37.89
N VAL A 21 44.75 -11.33 -37.17
CA VAL A 21 45.11 -10.59 -35.96
C VAL A 21 44.07 -10.82 -34.87
N LYS A 22 44.55 -11.10 -33.64
CA LYS A 22 43.67 -11.51 -32.54
C LYS A 22 43.22 -10.31 -31.74
N GLY A 23 41.92 -10.27 -31.42
CA GLY A 23 41.32 -9.13 -30.78
C GLY A 23 40.71 -9.50 -29.43
N THR A 24 40.37 -8.44 -28.67
CA THR A 24 39.66 -8.54 -27.40
C THR A 24 38.72 -7.35 -27.29
N VAL A 25 37.42 -7.63 -27.19
CA VAL A 25 36.40 -6.62 -26.92
C VAL A 25 35.88 -6.86 -25.50
N VAL A 26 35.90 -5.80 -24.69
CA VAL A 26 35.29 -5.81 -23.36
C VAL A 26 33.98 -5.01 -23.42
N LEU A 27 32.99 -5.47 -22.65
CA LEU A 27 31.69 -4.82 -22.63
C LEU A 27 30.93 -5.26 -21.40
N MET A 28 30.16 -4.33 -20.82
CA MET A 28 29.33 -4.61 -19.66
C MET A 28 27.88 -4.78 -20.10
N LYS A 29 27.28 -5.89 -19.74
CA LYS A 29 25.93 -6.14 -20.14
C LYS A 29 25.06 -5.16 -19.44
N LYS A 30 23.91 -4.86 -20.00
CA LYS A 30 22.99 -3.92 -19.39
C LYS A 30 22.49 -4.37 -18.01
N ASN A 31 22.28 -5.66 -17.82
CA ASN A 31 21.72 -6.10 -16.58
C ASN A 31 22.63 -5.65 -15.48
N VAL A 32 23.91 -5.68 -15.76
CA VAL A 32 24.89 -5.51 -14.72
C VAL A 32 24.75 -4.19 -14.05
N LEU A 33 24.52 -3.16 -14.82
CA LEU A 33 24.53 -1.80 -14.32
C LEU A 33 23.17 -1.28 -13.99
N ASP A 34 22.17 -2.11 -14.08
CA ASP A 34 20.83 -1.68 -13.71
C ASP A 34 20.79 -1.73 -12.23
N PHE A 35 19.70 -1.26 -11.66
CA PHE A 35 19.60 -1.14 -10.23
C PHE A 35 19.78 -2.49 -9.53
N ASN A 36 19.20 -3.55 -10.08
CA ASN A 36 19.25 -4.84 -9.39
C ASN A 36 20.69 -5.26 -9.15
N ASP A 37 20.90 -5.84 -7.97
CA ASP A 37 22.22 -6.18 -7.46
C ASP A 37 22.96 -7.17 -8.32
N PHE A 38 24.20 -6.86 -8.67
CA PHE A 38 24.92 -7.67 -9.65
C PHE A 38 25.46 -8.92 -9.00
N ASN A 39 25.25 -10.03 -9.67
CA ASN A 39 25.65 -11.32 -9.18
C ASN A 39 26.33 -12.03 -10.31
N ALA A 40 27.09 -13.06 -10.00
CA ALA A 40 27.80 -13.77 -11.02
C ALA A 40 26.77 -14.29 -12.02
N SER A 41 25.54 -14.40 -11.59
CA SER A 41 24.46 -14.90 -12.41
C SER A 41 24.30 -14.06 -13.67
N PHE A 42 24.59 -12.78 -13.57
CA PHE A 42 24.32 -11.87 -14.68
C PHE A 42 25.09 -12.12 -16.00
N LEU A 43 26.24 -12.78 -15.94
CA LEU A 43 27.01 -13.04 -17.15
C LEU A 43 26.33 -13.88 -18.22
N ASP A 44 25.66 -14.95 -17.85
CA ASP A 44 25.31 -15.97 -18.80
C ASP A 44 24.21 -15.62 -19.78
N ARG A 45 24.05 -16.48 -20.78
CA ARG A 45 23.39 -16.16 -22.02
C ARG A 45 24.36 -15.34 -22.87
N LEU A 46 25.64 -15.49 -22.58
CA LEU A 46 26.68 -14.72 -23.22
C LEU A 46 26.72 -15.00 -24.68
N HIS A 47 26.33 -16.20 -25.07
CA HIS A 47 26.46 -16.57 -26.46
C HIS A 47 25.64 -15.64 -27.30
N GLU A 48 24.62 -15.06 -26.71
CA GLU A 48 23.71 -14.25 -27.50
C GLU A 48 24.45 -13.12 -28.23
N PHE A 49 25.42 -12.49 -27.61
CA PHE A 49 26.18 -11.45 -28.28
C PHE A 49 26.98 -11.98 -29.44
N LEU A 50 27.00 -13.29 -29.53
CA LEU A 50 27.87 -14.06 -30.40
C LEU A 50 27.17 -14.48 -31.66
N GLY A 51 27.80 -14.22 -32.77
CA GLY A 51 27.19 -14.65 -34.01
C GLY A 51 27.30 -13.47 -34.93
N ASN A 52 26.45 -13.49 -35.94
CA ASN A 52 26.42 -12.42 -36.92
C ASN A 52 26.01 -11.14 -36.23
N LYS A 53 25.54 -11.24 -35.00
CA LYS A 53 24.87 -10.12 -34.39
C LYS A 53 25.72 -8.88 -34.24
N ILE A 54 26.95 -8.99 -33.77
CA ILE A 54 27.73 -7.79 -33.50
C ILE A 54 28.86 -7.65 -34.47
N THR A 55 28.85 -6.53 -35.18
CA THR A 55 29.77 -6.37 -36.26
C THR A 55 30.71 -5.28 -35.94
N LEU A 56 31.96 -5.50 -36.32
CA LEU A 56 33.05 -4.56 -36.14
C LEU A 56 33.88 -4.53 -37.42
N ARG A 57 34.21 -3.33 -37.88
CA ARG A 57 35.11 -3.18 -39.03
C ARG A 57 36.18 -2.18 -38.68
N LEU A 58 37.43 -2.50 -39.04
CA LEU A 58 38.53 -1.57 -38.89
C LEU A 58 38.47 -0.47 -39.93
N VAL A 59 39.16 0.63 -39.66
CA VAL A 59 39.35 1.76 -40.57
C VAL A 59 40.81 2.17 -40.54
N SER A 60 41.32 2.79 -41.59
CA SER A 60 42.77 2.95 -41.73
C SER A 60 43.27 4.35 -41.71
N SER A 61 44.27 4.62 -40.90
CA SER A 61 44.94 5.91 -40.91
C SER A 61 45.74 6.17 -42.17
N ASP A 62 46.50 5.16 -42.57
CA ASP A 62 47.40 5.24 -43.71
C ASP A 62 46.80 5.27 -45.11
N VAL A 63 45.82 4.45 -45.36
CA VAL A 63 45.39 4.23 -46.72
C VAL A 63 43.95 4.56 -46.86
N THR A 64 43.55 4.89 -48.07
CA THR A 64 42.25 5.45 -48.28
C THR A 64 41.42 4.54 -49.12
N ASP A 65 40.17 4.47 -48.75
CA ASP A 65 39.16 3.75 -49.48
C ASP A 65 38.57 4.78 -50.37
N SER A 66 38.81 4.64 -51.67
CA SER A 66 38.34 5.64 -52.60
C SER A 66 36.86 5.63 -52.49
N GLU A 67 36.30 4.42 -52.46
CA GLU A 67 34.86 4.18 -52.61
C GLU A 67 34.02 4.76 -51.51
N ASN A 68 34.50 4.61 -50.29
CA ASN A 68 33.81 5.07 -49.09
C ASN A 68 33.65 6.58 -49.05
N GLY A 69 34.70 7.27 -49.52
CA GLY A 69 34.80 8.70 -49.47
C GLY A 69 36.28 8.87 -49.69
N SER A 70 36.85 9.97 -49.23
CA SER A 70 38.29 10.02 -49.03
C SER A 70 38.58 9.79 -47.54
N LYS A 71 37.61 9.16 -46.88
CA LYS A 71 37.63 8.87 -45.48
C LYS A 71 38.75 7.95 -45.02
N GLY A 72 39.03 6.92 -45.79
CA GLY A 72 40.06 5.99 -45.39
C GLY A 72 39.49 4.61 -45.22
N LYS A 73 40.25 3.61 -45.64
CA LYS A 73 39.76 2.31 -45.99
C LYS A 73 39.15 1.53 -44.87
N LEU A 74 38.15 0.74 -45.22
CA LEU A 74 37.45 -0.10 -44.26
C LEU A 74 37.85 -1.56 -44.50
N GLY A 75 38.40 -2.20 -43.48
CA GLY A 75 38.67 -3.63 -43.56
C GLY A 75 37.39 -4.45 -43.59
N LYS A 76 37.55 -5.78 -43.70
CA LYS A 76 36.39 -6.66 -43.74
C LYS A 76 35.81 -6.85 -42.34
N ALA A 77 34.56 -7.25 -42.30
CA ALA A 77 33.81 -7.24 -41.05
C ALA A 77 34.17 -8.44 -40.18
N ALA A 78 34.25 -8.21 -38.88
CA ALA A 78 34.40 -9.30 -37.92
C ALA A 78 33.14 -9.39 -37.06
N HIS A 79 33.10 -10.47 -36.29
CA HIS A 79 32.06 -10.71 -35.32
C HIS A 79 32.70 -11.35 -34.10
N LEU A 80 32.07 -11.19 -32.95
CA LEU A 80 32.56 -11.81 -31.73
C LEU A 80 32.41 -13.31 -31.75
N GLU A 81 33.41 -14.07 -31.34
CA GLU A 81 33.33 -15.51 -31.55
C GLU A 81 33.02 -16.38 -30.37
N ASP A 82 33.70 -16.11 -29.28
CA ASP A 82 33.51 -16.88 -28.07
C ASP A 82 33.89 -15.92 -26.98
N TRP A 83 33.33 -16.10 -25.79
CA TRP A 83 33.76 -15.28 -24.67
C TRP A 83 35.00 -15.83 -24.01
N ILE A 84 35.69 -14.99 -23.27
CA ILE A 84 36.76 -15.50 -22.43
C ILE A 84 36.55 -14.94 -21.04
N THR A 85 36.93 -15.69 -20.02
CA THR A 85 36.61 -15.30 -18.67
C THR A 85 37.87 -14.87 -17.96
N THR A 86 37.79 -13.77 -17.23
CA THR A 86 38.96 -13.23 -16.56
C THR A 86 38.67 -12.98 -15.11
N ILE A 87 39.72 -12.87 -14.32
CA ILE A 87 39.59 -12.64 -12.90
C ILE A 87 38.81 -11.34 -12.78
N THR A 88 39.06 -10.42 -13.70
CA THR A 88 38.26 -9.23 -13.83
C THR A 88 36.81 -9.53 -14.21
N SER A 89 36.56 -10.56 -15.01
CA SER A 89 35.21 -10.77 -15.51
C SER A 89 34.32 -10.92 -14.31
N LEU A 90 34.79 -11.64 -13.31
CA LEU A 90 34.03 -11.83 -12.10
C LEU A 90 33.82 -10.53 -11.36
N THR A 91 34.83 -9.67 -11.33
CA THR A 91 34.78 -8.43 -10.54
C THR A 91 34.56 -7.21 -11.43
N ALA A 92 33.45 -6.54 -11.22
CA ALA A 92 33.00 -5.45 -12.06
C ALA A 92 32.35 -6.00 -13.31
N GLY A 93 32.31 -7.30 -13.43
CA GLY A 93 31.45 -7.92 -14.40
C GLY A 93 31.64 -7.40 -15.79
N GLU A 94 32.87 -7.09 -16.18
CA GLU A 94 33.14 -6.86 -17.57
C GLU A 94 33.12 -8.25 -18.09
N SER A 95 32.57 -8.45 -19.27
CA SER A 95 32.64 -9.74 -19.91
C SER A 95 33.37 -9.53 -21.20
N ALA A 96 34.46 -10.25 -21.38
CA ALA A 96 35.23 -10.07 -22.60
C ALA A 96 34.83 -11.11 -23.64
N PHE A 97 35.06 -10.76 -24.91
CA PHE A 97 34.75 -11.64 -26.04
C PHE A 97 35.99 -11.83 -26.89
N LYS A 98 35.96 -12.87 -27.73
CA LYS A 98 37.01 -13.11 -28.71
C LYS A 98 36.61 -12.56 -30.06
N VAL A 99 37.62 -12.17 -30.86
CA VAL A 99 37.36 -11.73 -32.23
C VAL A 99 38.66 -11.78 -33.01
N THR A 100 38.57 -12.22 -34.28
CA THR A 100 39.72 -12.41 -35.18
C THR A 100 39.58 -11.55 -36.42
N PHE A 101 40.58 -10.75 -36.73
CA PHE A 101 40.50 -9.80 -37.84
C PHE A 101 41.33 -10.25 -39.03
N ASP A 102 40.73 -10.27 -40.20
CA ASP A 102 41.47 -10.70 -41.37
C ASP A 102 42.13 -9.42 -41.75
N TYR A 103 43.43 -9.34 -41.49
CA TYR A 103 44.10 -8.07 -41.56
C TYR A 103 45.13 -8.10 -42.62
N GLU A 104 44.98 -7.22 -43.59
CA GLU A 104 45.91 -7.13 -44.70
C GLU A 104 47.19 -6.39 -44.40
N THR A 105 48.24 -6.73 -45.12
CA THR A 105 49.53 -6.09 -44.99
C THR A 105 49.60 -4.66 -45.52
N ASP A 106 48.72 -4.32 -46.45
CA ASP A 106 48.74 -2.98 -47.03
C ASP A 106 47.76 -2.03 -46.36
N PHE A 107 47.15 -2.46 -45.27
CA PHE A 107 46.23 -1.64 -44.48
C PHE A 107 46.79 -0.44 -43.74
N GLY A 108 47.95 -0.59 -43.12
CA GLY A 108 48.51 0.46 -42.31
C GLY A 108 47.97 0.42 -40.89
N TYR A 109 48.15 1.51 -40.17
CA TYR A 109 47.70 1.56 -38.79
C TYR A 109 46.17 1.62 -38.77
N PRO A 110 45.49 0.82 -37.90
CA PRO A 110 44.03 0.98 -37.74
C PRO A 110 43.66 2.08 -36.76
N GLY A 111 43.57 3.32 -37.28
CA GLY A 111 43.24 4.45 -36.43
C GLY A 111 41.90 4.30 -35.74
N ALA A 112 40.92 3.67 -36.41
CA ALA A 112 39.55 3.65 -35.93
C ALA A 112 38.92 2.26 -36.11
N PHE A 113 37.70 2.13 -35.62
CA PHE A 113 36.90 0.96 -35.89
C PHE A 113 35.44 1.28 -35.87
N LEU A 114 34.65 0.49 -36.59
CA LEU A 114 33.21 0.71 -36.76
C LEU A 114 32.40 -0.43 -36.19
N ILE A 115 31.37 -0.12 -35.42
CA ILE A 115 30.57 -1.16 -34.79
C ILE A 115 29.08 -1.04 -35.10
N ARG A 116 28.42 -2.17 -35.30
CA ARG A 116 26.99 -2.23 -35.49
C ARG A 116 26.44 -3.16 -34.46
N ASN A 117 25.40 -2.78 -33.74
CA ASN A 117 24.77 -3.70 -32.82
C ASN A 117 23.45 -4.17 -33.40
N SER A 118 23.32 -5.47 -33.62
CA SER A 118 22.11 -6.04 -34.18
C SER A 118 21.32 -6.91 -33.20
N HIS A 119 21.75 -6.87 -31.97
CA HIS A 119 21.16 -7.54 -30.82
C HIS A 119 19.93 -6.74 -30.37
N PHE A 120 19.19 -7.27 -29.43
CA PHE A 120 17.95 -6.66 -28.94
C PHE A 120 18.18 -5.51 -27.96
N SER A 121 19.21 -5.63 -27.14
CA SER A 121 19.49 -4.64 -26.11
C SER A 121 20.87 -4.01 -26.22
N GLU A 122 20.98 -2.82 -25.66
CA GLU A 122 22.21 -2.09 -25.62
C GLU A 122 23.17 -2.65 -24.59
N PHE A 123 24.45 -2.49 -24.90
CA PHE A 123 25.51 -2.94 -24.04
C PHE A 123 26.47 -1.81 -23.98
N LEU A 124 27.34 -1.81 -22.97
CA LEU A 124 28.32 -0.74 -22.84
C LEU A 124 29.67 -1.25 -23.23
N LEU A 125 30.25 -0.59 -24.21
CA LEU A 125 31.50 -1.01 -24.77
C LEU A 125 32.59 -0.20 -24.16
N LYS A 126 33.31 -0.80 -23.23
CA LYS A 126 34.48 -0.20 -22.65
C LYS A 126 35.69 -0.08 -23.53
N SER A 127 36.00 -1.13 -24.27
CA SER A 127 37.33 -1.27 -24.79
C SER A 127 37.43 -2.08 -26.04
N LEU A 128 38.53 -1.94 -26.75
CA LEU A 128 38.96 -2.89 -27.75
C LEU A 128 40.46 -3.03 -27.63
N THR A 129 40.98 -4.22 -27.86
CA THR A 129 42.43 -4.43 -27.90
C THR A 129 42.77 -5.27 -29.12
N LEU A 130 43.72 -4.79 -29.92
CA LEU A 130 44.27 -5.56 -31.02
C LEU A 130 45.69 -5.98 -30.67
N GLU A 131 45.98 -7.26 -30.84
CA GLU A 131 47.28 -7.81 -30.52
C GLU A 131 47.99 -8.20 -31.81
N ASP A 132 49.29 -7.94 -31.78
CA ASP A 132 50.15 -8.27 -32.85
C ASP A 132 49.60 -7.75 -34.14
N VAL A 133 49.20 -6.48 -34.15
CA VAL A 133 48.92 -5.83 -35.40
C VAL A 133 50.23 -5.76 -36.12
N PRO A 134 50.20 -6.12 -37.48
CA PRO A 134 51.52 -6.04 -38.12
C PRO A 134 52.05 -4.62 -38.17
N GLY A 135 53.31 -4.48 -37.79
CA GLY A 135 54.08 -3.27 -37.96
C GLY A 135 53.83 -2.24 -36.88
N HIS A 136 52.85 -2.48 -36.02
CA HIS A 136 52.55 -1.55 -34.94
C HIS A 136 52.43 -2.16 -33.55
N GLY A 137 52.58 -3.47 -33.44
CA GLY A 137 52.39 -4.14 -32.18
C GLY A 137 50.98 -4.05 -31.68
N ARG A 138 50.81 -3.53 -30.47
CA ARG A 138 49.53 -3.46 -29.76
C ARG A 138 48.83 -2.14 -29.91
N VAL A 139 47.56 -2.17 -30.23
CA VAL A 139 46.76 -0.94 -30.31
C VAL A 139 45.55 -1.08 -29.40
N HIS A 140 45.30 -0.06 -28.58
CA HIS A 140 44.18 -0.07 -27.65
C HIS A 140 43.15 0.97 -28.06
N TYR A 141 41.88 0.67 -27.94
CA TYR A 141 40.88 1.67 -28.20
C TYR A 141 40.07 1.82 -26.94
N ILE A 142 39.99 3.02 -26.38
CA ILE A 142 39.15 3.21 -25.22
C ILE A 142 37.91 4.00 -25.56
N CYS A 143 36.78 3.30 -25.56
CA CYS A 143 35.50 3.91 -25.83
C CYS A 143 34.68 3.53 -24.66
N ASN A 144 33.88 4.45 -24.17
CA ASN A 144 33.07 4.15 -23.03
C ASN A 144 31.71 4.58 -23.43
N SER A 145 31.09 3.81 -24.32
CA SER A 145 29.87 4.23 -24.94
C SER A 145 28.80 3.17 -24.87
N TRP A 146 27.59 3.52 -24.50
CA TRP A 146 26.45 2.64 -24.69
C TRP A 146 26.18 2.48 -26.18
N ILE A 147 26.09 1.23 -26.64
CA ILE A 147 25.88 0.94 -28.05
C ILE A 147 24.44 0.47 -28.22
N TYR A 148 23.60 1.31 -28.78
CA TYR A 148 22.21 0.92 -28.87
C TYR A 148 21.98 0.17 -30.17
N PRO A 149 20.96 -0.68 -30.22
CA PRO A 149 20.77 -1.51 -31.41
C PRO A 149 20.76 -0.63 -32.65
N ALA A 150 21.20 -1.17 -33.79
CA ALA A 150 21.47 -0.34 -34.96
C ALA A 150 20.25 0.43 -35.46
N LYS A 151 19.09 0.06 -35.01
CA LYS A 151 17.84 0.69 -35.38
C LYS A 151 17.77 2.17 -34.94
N HIS A 152 18.33 2.48 -33.79
CA HIS A 152 18.27 3.78 -33.16
C HIS A 152 19.35 4.73 -33.66
N TYR A 153 20.09 4.39 -34.70
CA TYR A 153 21.14 5.26 -35.20
C TYR A 153 20.96 5.43 -36.70
N THR A 154 21.39 6.58 -37.21
CA THR A 154 21.41 6.79 -38.64
C THR A 154 22.74 6.41 -39.26
N THR A 155 23.74 6.06 -38.45
CA THR A 155 25.00 5.58 -39.01
C THR A 155 25.85 4.96 -37.90
N ASP A 156 26.75 4.06 -38.30
CA ASP A 156 27.47 3.19 -37.37
C ASP A 156 28.39 3.97 -36.43
N ARG A 157 28.31 3.64 -35.13
CA ARG A 157 29.21 4.22 -34.14
C ARG A 157 30.65 4.02 -34.59
N VAL A 158 31.50 4.99 -34.25
CA VAL A 158 32.91 4.93 -34.59
C VAL A 158 33.71 5.37 -33.38
N PHE A 159 34.77 4.62 -33.08
CA PHE A 159 35.67 4.86 -31.95
C PHE A 159 37.10 4.91 -32.47
N PHE A 160 37.90 5.80 -31.90
CA PHE A 160 39.24 6.04 -32.34
C PHE A 160 40.23 5.35 -31.42
N SER A 161 41.45 5.20 -31.89
CA SER A 161 42.54 4.61 -31.15
C SER A 161 42.95 5.57 -30.07
N ASN A 162 43.71 5.11 -29.09
CA ASN A 162 44.04 5.96 -27.96
C ASN A 162 44.96 7.11 -28.32
N LYS A 163 45.52 7.11 -29.52
CA LYS A 163 46.50 8.11 -29.87
C LYS A 163 45.85 9.43 -29.72
N THR A 164 46.61 10.43 -29.29
CA THR A 164 46.08 11.75 -28.97
C THR A 164 46.58 12.72 -29.98
N TYR A 165 45.64 13.41 -30.63
CA TYR A 165 45.94 14.27 -31.78
C TYR A 165 45.37 15.66 -31.66
N LEU A 166 46.12 16.63 -32.14
CA LEU A 166 45.61 17.97 -32.44
C LEU A 166 44.93 17.99 -33.81
N PRO A 167 44.15 19.04 -34.12
CA PRO A 167 43.41 19.03 -35.40
C PRO A 167 44.30 19.01 -36.63
N HIS A 168 45.55 19.47 -36.56
CA HIS A 168 46.43 19.43 -37.72
C HIS A 168 47.56 18.40 -37.57
N GLU A 169 47.41 17.44 -36.65
CA GLU A 169 48.21 16.21 -36.63
C GLU A 169 47.35 14.96 -36.73
N THR A 170 46.05 15.12 -36.90
CA THR A 170 45.18 14.00 -37.15
C THR A 170 45.43 13.45 -38.56
N PRO A 171 45.50 12.13 -38.71
CA PRO A 171 45.53 11.54 -40.05
C PRO A 171 44.41 12.06 -40.93
N ALA A 172 44.69 12.09 -42.25
CA ALA A 172 43.75 12.70 -43.18
C ALA A 172 42.50 11.85 -43.41
N THR A 173 42.65 10.52 -43.33
CA THR A 173 41.55 9.57 -43.48
C THR A 173 40.63 9.49 -42.27
N LEU A 174 41.00 10.11 -41.14
CA LEU A 174 40.16 10.13 -39.96
C LEU A 174 39.55 11.50 -39.68
N LEU A 175 40.01 12.54 -40.38
CA LEU A 175 39.43 13.88 -40.19
C LEU A 175 37.92 13.84 -40.33
N LYS A 176 37.42 13.16 -41.40
CA LYS A 176 35.98 13.15 -41.63
C LYS A 176 35.26 12.38 -40.55
N TYR A 177 35.79 11.22 -40.14
CA TYR A 177 35.21 10.55 -38.99
C TYR A 177 35.27 11.44 -37.75
N ARG A 178 36.33 12.25 -37.60
CA ARG A 178 36.43 13.12 -36.43
C ARG A 178 35.39 14.22 -36.47
N GLU A 179 35.24 14.87 -37.63
CA GLU A 179 34.30 15.97 -37.79
C GLU A 179 32.84 15.53 -37.79
N GLU A 180 32.53 14.29 -38.14
CA GLU A 180 31.14 13.88 -38.17
C GLU A 180 30.64 13.61 -36.76
N GLU A 181 31.43 12.92 -35.97
CA GLU A 181 30.99 12.66 -34.61
C GLU A 181 30.73 13.96 -33.88
N LEU A 182 31.51 15.00 -34.19
CA LEU A 182 31.30 16.31 -33.58
C LEU A 182 29.93 16.91 -33.97
N VAL A 183 29.65 16.91 -35.25
CA VAL A 183 28.41 17.44 -35.73
C VAL A 183 27.30 16.67 -35.08
N SER A 184 27.49 15.37 -34.97
CA SER A 184 26.51 14.52 -34.38
C SER A 184 26.29 14.84 -32.94
N LEU A 185 27.36 15.14 -32.23
CA LEU A 185 27.27 15.46 -30.80
C LEU A 185 26.49 16.73 -30.51
N ARG A 186 26.74 17.79 -31.27
CA ARG A 186 26.05 19.03 -31.06
C ARG A 186 24.58 18.91 -31.32
N GLY A 187 24.21 18.12 -32.32
CA GLY A 187 22.83 17.90 -32.61
C GLY A 187 22.31 19.06 -33.38
N THR A 188 21.01 19.11 -33.55
CA THR A 188 20.38 20.10 -34.41
C THR A 188 19.79 21.27 -33.65
N GLY A 189 19.81 21.22 -32.33
CA GLY A 189 19.32 22.31 -31.52
C GLY A 189 17.82 22.37 -31.42
N GLU A 190 17.17 21.34 -31.90
CA GLU A 190 15.74 21.31 -31.93
C GLU A 190 15.32 19.93 -31.55
N GLY A 191 14.05 19.82 -31.22
CA GLY A 191 13.44 18.55 -30.93
C GLY A 191 13.57 18.11 -29.51
N GLU A 192 12.95 16.99 -29.18
CA GLU A 192 13.00 16.48 -27.85
C GLU A 192 13.96 15.35 -27.89
N LEU A 193 14.97 15.43 -27.06
CA LEU A 193 16.04 14.47 -27.05
C LEU A 193 15.63 13.15 -26.47
N LYS A 194 16.21 12.09 -26.96
CA LYS A 194 15.76 10.75 -26.65
C LYS A 194 16.80 9.92 -25.95
N GLU A 195 16.43 8.72 -25.52
CA GLU A 195 17.22 7.92 -24.61
C GLU A 195 18.57 7.62 -25.19
N TRP A 196 18.60 7.40 -26.48
CA TRP A 196 19.80 6.96 -27.15
C TRP A 196 20.53 8.08 -27.82
N ASP A 197 20.17 9.30 -27.49
CA ASP A 197 20.69 10.46 -28.20
C ASP A 197 21.87 11.02 -27.47
N ARG A 198 23.03 11.01 -28.08
CA ARG A 198 24.19 11.63 -27.49
C ARG A 198 24.31 13.07 -27.95
N VAL A 199 23.39 13.92 -27.55
CA VAL A 199 23.33 15.30 -28.03
C VAL A 199 23.63 16.24 -26.91
N TYR A 200 24.59 17.13 -27.13
CA TYR A 200 25.06 18.06 -26.11
C TYR A 200 24.68 19.46 -26.48
N ASP A 201 23.90 20.12 -25.64
CA ASP A 201 23.36 21.41 -25.98
C ASP A 201 22.94 22.14 -24.74
N TYR A 202 22.62 23.40 -24.91
CA TYR A 202 22.44 24.39 -23.87
C TYR A 202 20.97 24.82 -23.72
N ALA A 203 20.59 25.11 -22.49
CA ALA A 203 19.22 25.54 -22.22
C ALA A 203 19.21 26.28 -20.91
N TYR A 204 18.24 27.18 -20.75
CA TYR A 204 18.07 27.91 -19.51
C TYR A 204 17.57 26.99 -18.40
N TYR A 205 17.63 27.48 -17.18
CA TYR A 205 17.03 26.77 -16.08
C TYR A 205 15.58 27.14 -16.02
N ASN A 206 14.79 26.65 -16.96
CA ASN A 206 13.35 26.85 -16.92
C ASN A 206 12.51 25.64 -16.65
N ASP A 207 13.10 24.50 -16.36
CA ASP A 207 12.33 23.31 -16.08
C ASP A 207 12.00 23.24 -14.61
N LEU A 208 12.50 24.22 -13.86
CA LEU A 208 12.46 24.28 -12.41
C LEU A 208 11.11 24.36 -11.71
N GLY A 209 10.18 25.10 -12.27
CA GLY A 209 8.93 25.35 -11.59
C GLY A 209 7.71 24.84 -12.29
N VAL A 210 6.64 24.63 -11.54
CA VAL A 210 5.36 24.25 -12.11
C VAL A 210 4.42 25.43 -12.02
N PRO A 211 3.94 25.90 -13.24
CA PRO A 211 3.13 27.12 -13.10
C PRO A 211 1.86 26.99 -12.26
N PRO A 212 1.09 25.81 -12.41
CA PRO A 212 -0.09 25.78 -11.52
C PRO A 212 0.27 25.80 -10.04
N LYS A 213 1.33 25.13 -9.65
CA LYS A 213 1.75 25.19 -8.27
C LYS A 213 3.23 25.52 -8.17
N ASN A 214 3.61 26.56 -7.44
CA ASN A 214 5.01 26.93 -7.35
C ASN A 214 5.74 27.32 -8.62
N PRO A 215 5.23 28.47 -9.26
CA PRO A 215 6.05 28.91 -10.40
C PRO A 215 7.31 29.69 -10.03
N ARG A 216 8.28 29.70 -10.93
CA ARG A 216 9.55 30.38 -10.71
C ARG A 216 10.02 31.13 -11.96
N PRO A 217 10.79 32.23 -11.82
CA PRO A 217 11.33 32.84 -13.04
C PRO A 217 12.37 31.96 -13.68
N VAL A 218 12.58 32.16 -14.97
CA VAL A 218 13.58 31.46 -15.74
C VAL A 218 14.96 31.97 -15.36
N LEU A 219 15.99 31.13 -15.39
CA LEU A 219 17.33 31.63 -15.07
C LEU A 219 18.22 31.54 -16.30
N GLY A 220 18.82 32.67 -16.69
CA GLY A 220 19.53 32.80 -17.94
C GLY A 220 18.79 33.68 -18.92
N GLY A 221 19.50 34.14 -19.95
CA GLY A 221 18.91 34.87 -21.06
C GLY A 221 18.49 36.29 -20.74
N THR A 222 18.43 36.68 -19.48
CA THR A 222 17.99 38.03 -19.13
C THR A 222 18.97 38.71 -18.19
N GLN A 223 19.06 40.01 -18.31
CA GLN A 223 19.92 40.82 -17.51
C GLN A 223 19.49 40.68 -16.08
N GLU A 224 18.20 40.48 -15.84
CA GLU A 224 17.78 40.41 -14.45
C GLU A 224 18.16 39.10 -13.79
N TYR A 225 18.17 38.01 -14.56
CA TYR A 225 18.50 36.67 -14.04
C TYR A 225 19.50 35.97 -14.95
N PRO A 226 20.76 36.41 -14.97
CA PRO A 226 21.79 35.65 -15.64
C PRO A 226 22.14 34.44 -14.80
N TYR A 227 22.53 33.36 -15.49
CA TYR A 227 22.81 32.09 -14.83
C TYR A 227 23.47 31.17 -15.83
N PRO A 228 24.32 30.25 -15.38
CA PRO A 228 24.97 29.34 -16.31
C PRO A 228 23.95 28.38 -16.89
N ARG A 229 24.35 27.76 -18.01
CA ARG A 229 23.44 26.94 -18.78
C ARG A 229 23.50 25.47 -18.34
N ARG A 230 22.47 24.73 -18.73
CA ARG A 230 22.31 23.32 -18.45
C ARG A 230 21.98 22.59 -19.74
N GLY A 231 22.22 21.28 -19.72
CA GLY A 231 21.99 20.46 -20.91
C GLY A 231 20.54 20.55 -21.37
N ARG A 232 20.37 20.74 -22.67
CA ARG A 232 19.03 20.91 -23.24
C ARG A 232 18.25 19.61 -23.14
N THR A 233 17.00 19.68 -22.67
CA THR A 233 16.19 18.48 -22.75
C THR A 233 15.21 18.50 -23.91
N GLY A 234 14.70 19.68 -24.26
CA GLY A 234 13.75 19.77 -25.34
C GLY A 234 12.39 19.18 -25.06
N ARG A 235 12.02 19.02 -23.79
CA ARG A 235 10.66 18.64 -23.50
C ARG A 235 9.69 19.74 -23.99
N LYS A 236 8.44 19.38 -24.13
CA LYS A 236 7.44 20.25 -24.67
C LYS A 236 7.08 21.37 -23.70
N PRO A 237 6.78 22.60 -24.30
CA PRO A 237 6.45 23.67 -23.34
C PRO A 237 5.08 23.55 -22.73
N THR A 238 4.86 24.18 -21.60
CA THR A 238 3.61 24.07 -20.90
C THR A 238 2.52 24.78 -21.64
N LYS A 239 1.28 24.40 -21.38
CA LYS A 239 0.17 25.10 -21.97
C LYS A 239 0.09 26.53 -21.49
N GLU A 240 0.26 26.78 -20.20
CA GLU A 240 0.24 28.15 -19.68
C GLU A 240 1.38 29.07 -20.05
N ASP A 241 2.61 28.59 -19.98
CA ASP A 241 3.77 29.42 -20.15
C ASP A 241 4.67 28.85 -21.18
N PRO A 242 4.98 29.67 -22.28
CA PRO A 242 5.87 29.03 -23.25
C PRO A 242 7.34 29.25 -22.93
N GLN A 243 7.60 30.02 -21.88
CA GLN A 243 8.91 30.12 -21.30
C GLN A 243 9.41 28.84 -20.66
N THR A 244 8.49 28.11 -20.05
CA THR A 244 8.76 27.00 -19.14
C THR A 244 8.57 25.58 -19.72
N GLU A 245 9.52 24.68 -19.51
CA GLU A 245 9.44 23.30 -19.96
C GLU A 245 8.55 22.49 -19.05
N SER A 246 8.01 21.41 -19.56
CA SER A 246 7.18 20.54 -18.74
C SER A 246 8.07 19.63 -17.95
N ARG A 247 7.75 19.45 -16.66
CA ARG A 247 8.53 18.60 -15.76
C ARG A 247 7.93 17.20 -15.68
N LEU A 248 8.78 16.22 -15.41
CA LEU A 248 8.34 14.87 -15.19
C LEU A 248 7.63 14.79 -13.88
N PRO A 249 6.67 13.78 -13.80
CA PRO A 249 6.02 13.70 -12.49
C PRO A 249 6.98 13.19 -11.45
N ILE A 250 6.70 13.49 -10.20
CA ILE A 250 7.44 12.93 -9.11
C ILE A 250 7.21 11.45 -9.14
N THR A 251 5.98 11.07 -9.41
CA THR A 251 5.67 9.69 -9.57
C THR A 251 5.97 9.40 -11.01
N SER A 252 7.23 9.50 -11.39
CA SER A 252 7.63 8.97 -12.67
C SER A 252 8.87 8.20 -12.55
N SER A 253 8.80 6.95 -12.97
CA SER A 253 9.87 5.98 -12.84
C SER A 253 11.09 6.37 -13.62
N LEU A 254 10.86 6.89 -14.82
CA LEU A 254 11.94 7.36 -15.66
C LEU A 254 12.51 8.68 -15.24
N ASP A 255 13.72 8.95 -15.71
CA ASP A 255 14.40 10.14 -15.33
C ASP A 255 14.88 10.97 -16.51
N ILE A 256 15.16 12.23 -16.23
CA ILE A 256 15.38 13.33 -17.13
C ILE A 256 16.59 13.15 -18.01
N TYR A 257 16.53 13.62 -19.25
CA TYR A 257 17.57 13.31 -20.22
C TYR A 257 18.93 13.87 -19.83
N VAL A 258 19.94 13.02 -20.01
CA VAL A 258 21.35 13.38 -20.17
C VAL A 258 21.92 12.50 -21.30
N PRO A 259 22.97 12.97 -21.98
CA PRO A 259 23.60 12.14 -23.02
C PRO A 259 23.91 10.75 -22.50
N ARG A 260 23.68 9.74 -23.35
CA ARG A 260 23.66 8.37 -22.85
C ARG A 260 24.98 7.95 -22.23
N ASP A 261 26.08 8.65 -22.55
CA ASP A 261 27.38 8.37 -21.97
C ASP A 261 27.70 9.29 -20.80
N GLU A 262 26.72 9.91 -20.19
CA GLU A 262 26.96 10.62 -18.96
C GLU A 262 26.26 9.96 -17.83
N ARG A 263 25.57 8.89 -18.14
CA ARG A 263 24.85 8.16 -17.16
C ARG A 263 25.34 6.73 -17.20
N PHE A 264 25.65 6.19 -16.04
CA PHE A 264 26.00 4.77 -15.98
C PHE A 264 25.26 4.19 -14.79
N GLY A 265 25.29 2.87 -14.72
CA GLY A 265 24.78 2.20 -13.57
C GLY A 265 25.88 2.19 -12.55
N HIS A 266 25.64 1.47 -11.49
CA HIS A 266 26.68 1.01 -10.66
C HIS A 266 26.26 -0.39 -10.49
N LEU A 267 27.25 -1.19 -10.11
CA LEU A 267 27.10 -2.61 -9.91
C LEU A 267 26.15 -2.89 -8.79
N LYS A 268 26.30 -2.13 -7.72
CA LYS A 268 25.64 -2.37 -6.45
C LYS A 268 24.73 -1.21 -6.14
N MET A 269 23.49 -1.47 -5.77
CA MET A 269 22.50 -0.42 -5.68
C MET A 269 22.93 0.64 -4.68
N SER A 270 23.76 0.28 -3.73
CA SER A 270 24.17 1.21 -2.70
C SER A 270 24.77 2.44 -3.36
N ASP A 271 25.45 2.25 -4.48
CA ASP A 271 26.20 3.33 -5.08
C ASP A 271 25.29 4.17 -5.93
N PHE A 272 24.01 3.86 -5.92
CA PHE A 272 23.05 4.78 -6.46
C PHE A 272 22.68 5.79 -5.39
N LEU A 273 23.61 6.70 -5.15
CA LEU A 273 23.39 7.82 -4.30
C LEU A 273 22.30 8.61 -4.96
N ALA A 274 22.31 8.57 -6.27
CA ALA A 274 21.37 9.30 -7.11
C ALA A 274 19.94 9.01 -6.78
N TYR A 275 19.65 7.76 -6.54
CA TYR A 275 18.30 7.34 -6.30
C TYR A 275 17.89 7.34 -4.83
N ALA A 276 18.84 7.40 -3.94
CA ALA A 276 18.52 7.50 -2.53
C ALA A 276 17.84 8.82 -2.33
N LEU A 277 18.34 9.84 -3.00
CA LEU A 277 17.72 11.15 -2.97
C LEU A 277 16.34 11.13 -3.59
N LYS A 278 16.18 10.41 -4.69
CA LYS A 278 14.88 10.27 -5.29
C LYS A 278 14.03 9.60 -4.27
N ALA A 279 14.61 8.66 -3.56
CA ALA A 279 13.89 7.99 -2.50
C ALA A 279 13.50 8.93 -1.40
N ILE A 280 14.39 9.82 -1.03
CA ILE A 280 14.11 10.77 0.03
C ILE A 280 12.98 11.71 -0.33
N ALA A 281 12.99 12.25 -1.53
CA ALA A 281 11.93 13.12 -1.95
C ALA A 281 10.63 12.39 -2.06
N GLN A 282 10.69 11.23 -2.67
CA GLN A 282 9.52 10.42 -2.92
C GLN A 282 8.88 9.82 -1.70
N PHE A 283 9.70 9.32 -0.79
CA PHE A 283 9.18 8.50 0.28
C PHE A 283 9.30 9.00 1.71
N ILE A 284 10.48 9.43 2.13
CA ILE A 284 10.62 9.96 3.47
C ILE A 284 9.86 11.27 3.68
N GLN A 285 9.96 12.16 2.71
CA GLN A 285 9.39 13.46 2.87
C GLN A 285 7.90 13.38 2.98
N PRO A 286 7.27 12.52 2.07
CA PRO A 286 5.80 12.51 2.18
C PRO A 286 5.36 11.99 3.51
N ALA A 287 6.06 10.99 4.00
CA ALA A 287 5.81 10.42 5.30
C ALA A 287 6.05 11.38 6.43
N LEU A 288 7.14 12.11 6.39
CA LEU A 288 7.44 13.02 7.46
C LEU A 288 6.36 14.05 7.51
N GLU A 289 5.89 14.46 6.34
CA GLU A 289 4.80 15.42 6.28
C GLU A 289 3.57 14.86 6.96
N ALA A 290 3.27 13.58 6.70
CA ALA A 290 2.16 12.94 7.38
C ALA A 290 2.33 12.92 8.89
N VAL A 291 3.46 12.38 9.36
CA VAL A 291 3.61 12.11 10.80
C VAL A 291 3.50 13.39 11.60
N PHE A 292 4.32 14.34 11.20
CA PHE A 292 4.51 15.62 11.88
C PHE A 292 3.37 16.55 11.58
N ASP A 293 2.57 16.18 10.59
CA ASP A 293 1.35 16.90 10.30
C ASP A 293 0.28 16.77 11.38
N ASP A 294 -0.10 15.55 11.74
CA ASP A 294 -1.13 15.37 12.74
C ASP A 294 -0.67 15.89 14.10
N THR A 295 0.56 15.61 14.47
CA THR A 295 1.09 16.15 15.70
C THR A 295 2.48 16.73 15.53
N PRO A 296 2.57 18.13 15.75
CA PRO A 296 3.95 18.61 15.70
C PRO A 296 4.60 18.25 17.01
N LYS A 297 5.92 18.21 17.03
CA LYS A 297 6.66 18.05 18.27
C LYS A 297 7.79 19.02 18.11
N GLU A 298 8.39 19.45 19.21
CA GLU A 298 9.47 20.41 19.07
C GLU A 298 10.60 19.93 19.95
N PHE A 299 11.82 20.34 19.67
CA PHE A 299 12.94 19.84 20.42
C PHE A 299 12.96 20.73 21.62
N ASP A 300 12.41 20.19 22.68
CA ASP A 300 12.29 20.89 23.94
C ASP A 300 13.67 21.10 24.43
N SER A 301 14.62 20.31 23.97
CA SER A 301 15.92 20.55 24.61
C SER A 301 16.99 19.85 23.79
N PHE A 302 18.26 20.08 24.15
CA PHE A 302 19.35 19.58 23.32
C PHE A 302 19.48 18.06 23.38
N GLU A 303 19.10 17.45 24.49
CA GLU A 303 19.21 16.00 24.52
C GLU A 303 18.03 15.34 23.83
N ASP A 304 16.95 16.08 23.56
CA ASP A 304 15.97 15.60 22.60
C ASP A 304 16.58 15.53 21.21
N VAL A 305 17.49 16.45 20.90
CA VAL A 305 18.23 16.40 19.64
C VAL A 305 19.11 15.15 19.58
N LEU A 306 19.97 15.01 20.59
CA LEU A 306 20.83 13.85 20.76
C LEU A 306 20.06 12.57 20.91
N LYS A 307 18.73 12.61 20.93
CA LYS A 307 17.92 11.40 20.85
C LYS A 307 17.83 10.85 19.43
N ILE A 308 18.21 11.61 18.40
CA ILE A 308 18.17 11.04 17.06
C ILE A 308 19.41 10.20 16.78
N TYR A 309 20.48 10.37 17.55
CA TYR A 309 21.70 9.60 17.38
C TYR A 309 21.87 8.52 18.45
N GLU A 310 20.84 8.28 19.26
CA GLU A 310 20.94 7.33 20.37
C GLU A 310 19.89 6.23 20.30
N GLU A 311 18.60 6.58 20.15
CA GLU A 311 17.56 5.58 19.95
C GLU A 311 16.70 5.82 18.72
N GLY A 312 16.99 6.84 17.92
CA GLY A 312 16.19 7.17 16.77
C GLY A 312 14.91 7.87 17.19
N ILE A 313 14.03 8.12 16.23
CA ILE A 313 12.74 8.70 16.54
C ILE A 313 11.65 7.75 16.06
N ASP A 314 10.67 7.53 16.94
CA ASP A 314 9.58 6.59 16.74
C ASP A 314 8.57 7.16 15.74
N LEU A 315 8.01 6.30 14.88
CA LEU A 315 6.96 6.81 14.01
C LEU A 315 5.60 6.27 14.48
N PRO A 316 4.53 7.06 14.36
CA PRO A 316 3.31 6.74 15.12
C PRO A 316 2.77 5.37 14.81
N ASN A 317 3.14 4.77 13.68
CA ASN A 317 2.76 3.39 13.48
C ASN A 317 3.63 2.72 12.43
N GLN A 318 3.92 1.45 12.71
CA GLN A 318 4.56 0.52 11.80
C GLN A 318 3.81 0.35 10.49
N ALA A 319 2.52 0.68 10.46
CA ALA A 319 1.75 0.53 9.23
C ALA A 319 2.22 1.52 8.17
N LEU A 320 2.49 2.76 8.57
CA LEU A 320 2.96 3.74 7.60
C LEU A 320 4.31 3.34 7.02
N ILE A 321 5.23 2.84 7.85
CA ILE A 321 6.49 2.30 7.33
C ILE A 321 6.31 0.93 6.67
N ASP A 322 5.15 0.35 6.70
CA ASP A 322 5.18 -0.75 5.79
C ASP A 322 5.79 -0.02 4.58
N SER A 323 5.29 1.16 4.23
CA SER A 323 5.67 1.80 2.97
C SER A 323 7.11 2.23 2.72
N ILE A 324 7.68 2.91 3.68
CA ILE A 324 9.00 3.50 3.52
C ILE A 324 10.16 2.51 3.41
N VAL A 325 10.19 1.53 4.29
CA VAL A 325 11.20 0.50 4.20
C VAL A 325 10.98 -0.29 2.91
N LYS A 326 9.72 -0.51 2.59
CA LYS A 326 9.29 -1.35 1.50
C LYS A 326 9.70 -0.87 0.11
N ASN A 327 9.66 0.43 -0.13
CA ASN A 327 10.02 0.95 -1.44
C ASN A 327 11.50 1.25 -1.62
N ILE A 328 12.27 1.16 -0.53
CA ILE A 328 13.70 1.43 -0.59
C ILE A 328 14.54 0.22 -0.24
N PRO A 329 15.50 -0.07 -1.09
CA PRO A 329 16.38 -1.18 -0.90
C PRO A 329 17.10 -1.00 0.40
N LEU A 330 17.32 -2.08 1.12
CA LEU A 330 17.86 -1.94 2.45
C LEU A 330 19.25 -1.36 2.46
N GLU A 331 20.13 -1.89 1.63
CA GLU A 331 21.53 -1.51 1.74
C GLU A 331 21.63 -0.01 1.69
N MET A 332 20.79 0.57 0.84
CA MET A 332 20.62 2.00 0.74
C MET A 332 20.01 2.63 1.98
N LEU A 333 19.00 1.96 2.52
CA LEU A 333 18.34 2.45 3.72
C LEU A 333 19.39 2.66 4.75
N LYS A 334 20.30 1.71 4.86
CA LYS A 334 21.38 1.80 5.83
C LYS A 334 22.24 3.02 5.55
N GLU A 335 22.43 3.33 4.28
CA GLU A 335 23.22 4.47 3.94
C GLU A 335 22.52 5.70 4.49
N ILE A 336 21.21 5.79 4.31
CA ILE A 336 20.40 6.87 4.90
C ILE A 336 20.21 6.91 6.41
N PHE A 337 19.90 5.74 6.97
CA PHE A 337 19.35 5.55 8.31
C PHE A 337 20.08 4.42 9.01
N ARG A 338 19.87 4.29 10.31
CA ARG A 338 20.38 3.16 11.09
C ARG A 338 19.22 2.27 11.49
N THR A 339 19.30 1.00 11.09
CA THR A 339 18.28 0.02 11.45
C THR A 339 18.22 -0.31 12.93
N ASP A 340 19.38 -0.35 13.57
CA ASP A 340 19.50 -0.79 14.97
C ASP A 340 18.98 0.19 16.03
N GLY A 341 18.85 -0.31 17.25
CA GLY A 341 18.26 0.47 18.33
C GLY A 341 16.75 0.29 18.30
N GLN A 342 16.06 0.94 19.24
CA GLN A 342 14.62 0.79 19.33
C GLN A 342 13.88 1.80 18.46
N LYS A 343 14.63 2.71 17.84
CA LYS A 343 14.01 3.79 17.09
C LYS A 343 14.25 3.70 15.58
N PHE A 344 13.19 3.87 14.81
CA PHE A 344 13.24 3.77 13.36
C PHE A 344 14.11 4.84 12.70
N LEU A 345 14.01 6.07 13.17
CA LEU A 345 14.79 7.14 12.62
C LEU A 345 16.02 7.29 13.47
N LYS A 346 17.13 6.77 12.98
CA LYS A 346 18.40 6.89 13.67
C LYS A 346 19.45 7.24 12.66
N PHE A 347 20.37 8.09 13.07
CA PHE A 347 21.49 8.50 12.24
C PHE A 347 22.78 8.33 12.98
N PRO A 348 23.91 8.29 12.28
CA PRO A 348 25.19 8.14 12.97
C PRO A 348 25.55 9.40 13.74
N VAL A 349 26.47 9.24 14.69
CA VAL A 349 27.03 10.37 15.44
C VAL A 349 27.95 11.18 14.53
N PRO A 350 27.57 12.41 14.18
CA PRO A 350 28.46 13.24 13.37
C PRO A 350 29.84 13.38 14.01
N GLN A 351 30.82 13.76 13.19
CA GLN A 351 32.18 13.92 13.71
C GLN A 351 32.29 15.16 14.60
N VAL A 352 31.57 16.25 14.29
CA VAL A 352 31.69 17.47 15.08
C VAL A 352 31.26 17.23 16.52
N ILE A 353 30.52 16.16 16.73
CA ILE A 353 29.90 15.83 18.00
C ILE A 353 30.40 14.51 18.56
N LYS A 354 31.41 13.91 17.91
CA LYS A 354 31.88 12.58 18.27
C LYS A 354 32.70 12.60 19.56
N GLU A 355 33.59 13.58 19.72
CA GLU A 355 34.48 13.58 20.88
C GLU A 355 34.17 14.62 21.95
N ASP A 356 33.38 15.66 21.67
CA ASP A 356 32.89 16.58 22.71
C ASP A 356 31.51 17.10 22.31
N LYS A 357 30.48 16.70 23.06
CA LYS A 357 29.12 17.05 22.70
C LYS A 357 28.87 18.56 22.71
N THR A 358 29.54 19.30 23.61
CA THR A 358 29.21 20.70 23.85
C THR A 358 30.33 21.67 23.48
N ALA A 359 31.28 21.23 22.67
CA ALA A 359 32.34 22.12 22.24
C ALA A 359 31.90 23.09 21.15
N TRP A 360 30.65 23.02 20.69
CA TRP A 360 30.17 23.86 19.60
C TRP A 360 29.52 25.15 20.07
N ARG A 361 28.99 25.19 21.30
CA ARG A 361 28.56 26.46 21.87
C ARG A 361 29.71 27.38 22.21
N THR A 362 30.96 26.98 21.98
CA THR A 362 32.09 27.83 22.30
C THR A 362 32.39 28.79 21.15
N ASP A 363 32.86 29.99 21.51
CA ASP A 363 33.25 30.95 20.48
C ASP A 363 34.50 30.51 19.75
N GLU A 364 35.26 29.63 20.39
CA GLU A 364 36.46 29.09 19.81
C GLU A 364 36.24 28.19 18.61
N GLU A 365 35.25 27.31 18.68
CA GLU A 365 34.82 26.51 17.54
C GLU A 365 34.07 27.36 16.52
N PHE A 366 33.27 28.31 16.99
CA PHE A 366 32.52 29.18 16.09
C PHE A 366 33.45 29.97 15.20
N ALA A 367 34.51 30.54 15.74
CA ALA A 367 35.51 31.21 14.93
C ALA A 367 36.35 30.31 14.05
N ARG A 368 36.68 29.15 14.55
CA ARG A 368 37.55 28.23 13.84
C ARG A 368 36.96 27.71 12.57
N GLU A 369 35.66 27.45 12.60
CA GLU A 369 34.97 26.79 11.52
C GLU A 369 34.93 27.68 10.30
N MET A 370 35.15 28.94 10.53
CA MET A 370 35.32 29.88 9.47
C MET A 370 36.53 29.61 8.62
N LEU A 371 37.57 29.07 9.23
CA LEU A 371 38.76 28.66 8.50
C LEU A 371 38.89 27.18 8.17
N ALA A 372 38.52 26.31 9.08
CA ALA A 372 38.68 24.89 8.87
C ALA A 372 37.36 24.20 8.80
N GLY A 373 36.34 24.96 8.51
CA GLY A 373 34.99 24.46 8.56
C GLY A 373 34.46 23.85 7.29
N LEU A 374 33.15 23.70 7.30
CA LEU A 374 32.31 23.35 6.17
C LEU A 374 32.30 24.37 5.04
N ASN A 375 32.29 25.65 5.38
CA ASN A 375 32.15 26.68 4.39
C ASN A 375 33.23 27.70 4.64
N PRO A 376 34.52 27.25 4.33
CA PRO A 376 35.59 28.08 4.86
C PRO A 376 36.10 29.16 3.94
N VAL A 377 35.35 29.43 2.90
CA VAL A 377 35.71 30.36 1.87
C VAL A 377 35.11 31.77 1.94
N VAL A 378 34.41 32.11 3.01
CA VAL A 378 33.76 33.42 3.15
C VAL A 378 34.50 34.53 3.90
N ILE A 379 35.33 34.18 4.89
CA ILE A 379 36.01 35.13 5.74
C ILE A 379 36.85 36.04 4.90
N GLN A 380 36.96 37.28 5.34
CA GLN A 380 37.54 38.40 4.61
C GLN A 380 38.43 39.18 5.55
N LEU A 381 39.35 39.97 5.02
CA LEU A 381 40.15 40.83 5.87
C LEU A 381 39.57 42.20 5.76
N LEU A 382 39.32 42.84 6.90
CA LEU A 382 38.66 44.12 6.93
C LEU A 382 39.60 45.28 6.97
N LYS A 383 39.40 46.23 6.08
CA LYS A 383 40.27 47.38 6.04
C LYS A 383 39.65 48.77 6.18
N GLU A 384 38.44 48.83 6.71
CA GLU A 384 37.83 50.09 7.08
C GLU A 384 37.04 49.81 8.32
N PHE A 385 36.90 50.80 9.17
CA PHE A 385 36.08 50.63 10.35
C PHE A 385 35.42 51.94 10.61
N PRO A 386 34.21 51.92 11.13
CA PRO A 386 33.32 50.75 11.09
C PRO A 386 33.11 50.30 9.65
N PRO A 387 32.93 49.00 9.42
CA PRO A 387 32.82 48.51 8.03
C PRO A 387 31.73 49.22 7.26
N LYS A 388 31.98 49.44 5.96
CA LYS A 388 30.98 50.03 5.07
C LYS A 388 30.49 48.99 4.05
N SER A 389 29.36 49.28 3.41
CA SER A 389 28.73 48.33 2.51
C SER A 389 28.83 48.78 1.06
N LYS A 390 28.94 47.84 0.14
CA LYS A 390 29.16 48.21 -1.24
C LYS A 390 27.88 48.48 -1.99
N LEU A 391 26.75 48.35 -1.31
CA LEU A 391 25.46 48.55 -1.97
C LEU A 391 25.30 49.97 -2.53
N ASP A 392 24.38 50.10 -3.49
CA ASP A 392 24.12 51.39 -4.11
C ASP A 392 23.49 52.32 -3.10
N SER A 393 24.11 53.49 -2.90
CA SER A 393 23.59 54.44 -1.93
C SER A 393 22.15 54.82 -2.24
N GLU A 394 21.84 55.08 -3.52
CA GLU A 394 20.58 55.69 -3.90
C GLU A 394 19.39 54.73 -3.90
N SER A 395 19.61 53.41 -4.04
CA SER A 395 18.48 52.50 -3.98
C SER A 395 18.34 51.77 -2.65
N TYR A 396 19.42 51.47 -1.97
CA TYR A 396 19.26 50.70 -0.75
C TYR A 396 19.38 51.41 0.58
N GLY A 397 19.59 52.71 0.59
CA GLY A 397 19.71 53.44 1.83
C GLY A 397 21.06 53.37 2.47
N ASN A 398 21.16 53.74 3.75
CA ASN A 398 22.43 53.74 4.43
C ASN A 398 22.66 52.42 5.11
N GLN A 399 23.56 51.63 4.54
CA GLN A 399 23.82 50.29 5.03
C GLN A 399 25.13 50.03 5.75
N ASN A 400 25.90 51.07 6.02
CA ASN A 400 27.18 50.88 6.66
C ASN A 400 26.91 50.47 8.08
N SER A 401 27.87 49.85 8.73
CA SER A 401 27.64 49.20 10.01
C SER A 401 27.31 50.13 11.14
N THR A 402 26.49 49.65 12.06
CA THR A 402 26.10 50.43 13.23
C THR A 402 27.05 50.13 14.39
N ILE A 403 28.05 49.32 14.13
CA ILE A 403 29.07 49.03 15.07
C ILE A 403 29.82 50.29 15.35
N THR A 404 30.33 50.41 16.57
CA THR A 404 31.05 51.58 17.02
C THR A 404 32.34 51.16 17.63
N LYS A 405 33.28 52.08 17.68
CA LYS A 405 34.63 51.79 18.06
C LYS A 405 34.56 51.17 19.42
N SER A 406 33.62 51.61 20.22
CA SER A 406 33.49 51.15 21.57
C SER A 406 33.25 49.67 21.62
N HIS A 407 32.47 49.10 20.72
CA HIS A 407 31.93 47.78 20.99
C HIS A 407 33.00 46.74 21.17
N ILE A 408 34.02 46.79 20.34
CA ILE A 408 35.09 45.83 20.36
C ILE A 408 36.34 46.33 21.01
N GLU A 409 36.38 47.62 21.32
CA GLU A 409 37.65 48.28 21.55
C GLU A 409 38.42 47.69 22.69
N HIS A 410 37.72 47.32 23.74
CA HIS A 410 38.31 46.67 24.89
C HIS A 410 38.88 45.32 24.57
N ASN A 411 38.22 44.60 23.69
CA ASN A 411 38.46 43.20 23.48
C ASN A 411 39.76 42.85 22.80
N LEU A 412 40.44 43.85 22.27
CA LEU A 412 41.52 43.65 21.31
C LEU A 412 42.91 43.45 21.86
N ASP A 413 43.07 43.28 23.16
CA ASP A 413 44.40 43.09 23.73
C ASP A 413 45.28 44.33 23.73
N GLY A 414 44.64 45.48 23.82
CA GLY A 414 45.31 46.73 24.09
C GLY A 414 45.64 47.54 22.87
N LEU A 415 45.50 46.92 21.71
CA LEU A 415 45.67 47.65 20.48
C LEU A 415 44.47 48.53 20.41
N THR A 416 44.63 49.70 19.82
CA THR A 416 43.48 50.50 19.47
C THR A 416 43.05 49.96 18.14
N VAL A 417 41.81 50.22 17.76
CA VAL A 417 41.29 49.55 16.59
C VAL A 417 42.15 49.90 15.41
N GLU A 418 42.47 51.18 15.27
CA GLU A 418 43.20 51.64 14.12
C GLU A 418 44.57 50.99 14.12
N GLU A 419 45.10 50.72 15.29
CA GLU A 419 46.31 49.92 15.41
C GLU A 419 46.06 48.51 14.92
N ALA A 420 44.91 47.96 15.27
CA ALA A 420 44.54 46.60 14.82
C ALA A 420 44.35 46.45 13.31
N LEU A 421 43.68 47.41 12.68
CA LEU A 421 43.48 47.37 11.25
C LEU A 421 44.82 47.48 10.57
N GLU A 422 45.65 48.35 11.10
CA GLU A 422 46.98 48.62 10.59
C GLU A 422 47.77 47.34 10.72
N LYS A 423 47.43 46.56 11.73
CA LYS A 423 48.14 45.34 12.06
C LYS A 423 47.61 44.09 11.36
N GLU A 424 46.62 44.23 10.51
CA GLU A 424 46.11 43.08 9.76
C GLU A 424 45.56 42.00 10.66
N ARG A 425 44.85 42.42 11.70
CA ARG A 425 44.43 41.55 12.79
C ARG A 425 42.93 41.59 13.06
N LEU A 426 42.14 42.34 12.29
CA LEU A 426 40.70 42.35 12.39
C LEU A 426 40.10 41.73 11.13
N PHE A 427 39.22 40.75 11.33
CA PHE A 427 38.67 39.96 10.24
C PHE A 427 37.16 39.93 10.30
N ILE A 428 36.52 39.92 9.12
CA ILE A 428 35.07 40.11 9.03
C ILE A 428 34.42 39.01 8.20
N LEU A 429 33.25 38.58 8.63
CA LEU A 429 32.44 37.62 7.89
C LEU A 429 31.15 38.34 7.48
N ASP A 430 31.07 38.74 6.23
CA ASP A 430 30.04 39.68 5.79
C ASP A 430 28.94 39.01 5.01
N HIS A 431 27.78 38.94 5.61
CA HIS A 431 26.65 38.37 4.95
C HIS A 431 25.62 39.42 4.71
N HIS A 432 25.93 40.67 5.01
CA HIS A 432 24.98 41.71 4.83
C HIS A 432 24.62 42.00 3.42
N ASP A 433 25.62 42.16 2.58
CA ASP A 433 25.38 42.69 1.26
C ASP A 433 24.60 41.78 0.34
N THR A 434 24.93 40.50 0.38
CA THR A 434 24.20 39.53 -0.41
C THR A 434 22.74 39.34 0.01
N LEU A 435 22.52 39.26 1.30
CA LEU A 435 21.20 39.08 1.88
C LEU A 435 20.19 40.19 1.84
N MET A 436 20.60 41.43 2.01
CA MET A 436 19.63 42.47 2.29
C MET A 436 18.59 42.68 1.21
N PRO A 437 19.08 42.72 -0.10
CA PRO A 437 18.05 43.04 -1.09
C PRO A 437 16.91 42.07 -1.10
N TYR A 438 17.15 40.80 -0.83
CA TYR A 438 16.08 39.84 -0.76
C TYR A 438 15.44 39.63 0.60
N LEU A 439 15.93 40.28 1.64
CA LEU A 439 15.45 40.02 3.00
C LEU A 439 14.00 40.36 3.28
N GLY A 440 13.54 41.51 2.82
CA GLY A 440 12.13 41.87 2.83
C GLY A 440 11.25 40.79 2.25
N ARG A 441 11.70 40.16 1.15
CA ARG A 441 10.98 39.04 0.54
C ARG A 441 11.16 37.74 1.33
N VAL A 442 12.42 37.36 1.58
CA VAL A 442 12.70 36.16 2.36
C VAL A 442 11.87 36.15 3.63
N ASN A 443 11.77 37.27 4.32
CA ASN A 443 11.16 37.30 5.65
C ASN A 443 9.67 37.02 5.77
N THR A 444 8.93 37.22 4.71
CA THR A 444 7.52 36.85 4.64
C THR A 444 7.29 35.36 4.66
N THR A 445 8.30 34.60 4.28
CA THR A 445 8.20 33.15 4.14
C THR A 445 8.31 32.59 5.53
N THR A 446 8.43 31.29 5.64
CA THR A 446 8.45 30.63 6.94
C THR A 446 9.64 31.08 7.78
N THR A 447 10.71 31.41 7.11
CA THR A 447 11.92 31.88 7.75
C THR A 447 11.70 33.25 8.31
N LYS A 448 12.41 33.61 9.39
CA LYS A 448 12.59 34.98 9.87
C LYS A 448 14.09 35.21 10.04
N THR A 449 14.70 36.26 9.48
CA THR A 449 16.14 36.28 9.63
C THR A 449 16.63 37.72 9.69
N TYR A 450 17.96 37.85 9.74
CA TYR A 450 18.70 39.10 9.70
C TYR A 450 19.85 38.92 8.73
N ALA A 451 20.46 40.03 8.29
CA ALA A 451 21.77 39.99 7.66
C ALA A 451 22.84 40.30 8.69
N SER A 452 23.99 39.65 8.56
CA SER A 452 24.98 39.66 9.63
C SER A 452 26.32 40.18 9.16
N ARG A 453 26.97 40.94 10.03
CA ARG A 453 28.41 41.11 10.03
C ARG A 453 28.92 40.55 11.34
N THR A 454 29.95 39.72 11.27
CA THR A 454 30.66 39.23 12.45
C THR A 454 32.13 39.64 12.31
N LEU A 455 32.63 40.38 13.30
CA LEU A 455 34.01 40.81 13.32
C LEU A 455 34.81 39.94 14.30
N LEU A 456 35.97 39.48 13.84
CA LEU A 456 36.88 38.67 14.63
C LEU A 456 38.21 39.36 14.78
N PHE A 457 38.91 39.00 15.84
CA PHE A 457 40.23 39.50 16.16
C PHE A 457 41.19 38.33 16.24
N LEU A 458 42.34 38.51 15.61
CA LEU A 458 43.37 37.50 15.58
C LEU A 458 44.37 37.67 16.71
N LYS A 459 44.28 36.80 17.69
CA LYS A 459 45.14 36.77 18.83
C LYS A 459 46.54 36.30 18.44
N ASP A 460 47.53 36.59 19.25
CA ASP A 460 48.92 36.44 18.85
C ASP A 460 49.26 34.98 18.53
N ASP A 461 48.44 34.05 19.03
CA ASP A 461 48.69 32.62 18.85
C ASP A 461 48.04 31.99 17.62
N GLY A 462 47.50 32.80 16.73
CA GLY A 462 46.97 32.27 15.49
C GLY A 462 45.53 31.83 15.47
N THR A 463 44.77 32.24 16.47
CA THR A 463 43.37 31.90 16.48
C THR A 463 42.60 33.20 16.43
N LEU A 464 41.35 33.12 16.00
CA LEU A 464 40.49 34.26 15.89
C LEU A 464 39.55 34.20 17.04
N LYS A 465 39.25 35.34 17.63
CA LYS A 465 38.18 35.43 18.59
C LYS A 465 37.06 36.34 18.08
N PRO A 466 35.76 35.82 18.18
CA PRO A 466 34.72 36.77 17.74
C PRO A 466 34.48 37.96 18.67
N LEU A 467 34.36 39.15 18.11
CA LEU A 467 34.16 40.36 18.90
C LEU A 467 32.72 40.82 19.00
N VAL A 468 32.04 40.98 17.86
CA VAL A 468 30.74 41.61 17.84
C VAL A 468 29.94 41.02 16.69
N ILE A 469 28.64 40.87 16.89
CA ILE A 469 27.75 40.44 15.84
C ILE A 469 26.67 41.49 15.68
N GLU A 470 26.53 42.02 14.46
CA GLU A 470 25.51 42.98 14.11
C GLU A 470 24.48 42.30 13.24
N LEU A 471 23.20 42.48 13.58
CA LEU A 471 22.09 41.77 12.92
C LEU A 471 21.13 42.80 12.35
N SER A 472 21.19 43.01 11.04
CA SER A 472 20.45 44.09 10.39
C SER A 472 19.16 43.60 9.73
N LEU A 473 18.11 44.40 9.83
CA LEU A 473 16.84 44.04 9.29
C LEU A 473 16.58 45.15 8.32
N PRO A 474 15.72 44.87 7.26
CA PRO A 474 15.56 46.00 6.33
C PRO A 474 14.83 47.10 7.03
N HIS A 475 14.96 48.32 6.56
CA HIS A 475 14.37 49.45 7.24
C HIS A 475 12.91 49.20 7.23
N PRO A 476 12.18 49.72 8.31
CA PRO A 476 10.79 49.30 8.33
C PRO A 476 9.90 50.15 7.47
N ASN A 477 10.44 51.18 6.84
CA ASN A 477 9.66 52.00 5.92
C ASN A 477 9.91 51.59 4.51
N GLY A 478 10.67 50.53 4.32
CA GLY A 478 11.00 50.05 3.01
C GLY A 478 12.48 50.01 2.77
N ASP A 479 12.87 49.29 1.75
CA ASP A 479 14.26 49.03 1.48
C ASP A 479 14.98 50.29 1.17
N LYS A 480 14.29 51.23 0.57
CA LYS A 480 14.90 52.45 0.07
C LYS A 480 15.54 53.29 1.14
N PHE A 481 15.04 53.23 2.36
CA PHE A 481 15.48 54.14 3.40
C PHE A 481 16.60 53.68 4.28
N GLY A 482 16.98 52.42 4.20
CA GLY A 482 18.07 51.94 5.03
C GLY A 482 17.91 50.57 5.61
N ALA A 483 18.61 50.34 6.71
CA ALA A 483 18.46 49.14 7.53
C ALA A 483 18.44 49.51 8.99
N VAL A 484 17.60 48.86 9.77
CA VAL A 484 17.56 48.99 11.22
C VAL A 484 18.31 47.81 11.84
N SER A 485 19.41 48.10 12.55
CA SER A 485 20.31 47.08 13.05
C SER A 485 20.41 47.09 14.57
N GLU A 486 20.71 45.91 15.12
CA GLU A 486 20.84 45.72 16.56
C GLU A 486 22.07 44.86 16.78
N VAL A 487 23.09 45.39 17.47
CA VAL A 487 24.38 44.71 17.61
C VAL A 487 24.37 43.86 18.86
N TYR A 488 24.93 42.65 18.79
CA TYR A 488 25.10 41.82 19.99
C TYR A 488 26.56 41.46 20.17
N THR A 489 26.99 41.36 21.43
CA THR A 489 28.38 41.10 21.80
C THR A 489 28.49 40.20 22.99
N PRO A 490 29.74 39.61 23.18
CA PRO A 490 29.77 38.66 24.29
C PRO A 490 29.53 39.30 25.64
N GLY A 491 28.70 38.70 26.46
CA GLY A 491 28.37 39.29 27.74
C GLY A 491 28.04 38.28 28.80
N GLU A 492 28.08 38.71 30.07
CA GLU A 492 27.71 37.87 31.19
C GLU A 492 26.22 37.81 31.44
N GLY A 493 25.67 36.68 31.85
CA GLY A 493 24.24 36.59 32.06
C GLY A 493 23.36 36.24 30.87
N VAL A 494 22.11 36.67 30.89
CA VAL A 494 21.17 36.38 29.82
C VAL A 494 21.75 36.94 28.56
N TYR A 495 22.41 38.07 28.70
CA TYR A 495 22.93 38.73 27.56
C TYR A 495 23.87 37.78 26.86
N ASP A 496 24.44 36.85 27.62
CA ASP A 496 25.21 35.74 27.07
C ASP A 496 24.31 34.89 26.21
N SER A 497 23.09 34.70 26.66
CA SER A 497 22.10 33.92 25.95
C SER A 497 21.75 34.52 24.60
N LEU A 498 21.71 35.84 24.52
CA LEU A 498 21.55 36.50 23.24
C LEU A 498 22.73 36.21 22.31
N TRP A 499 23.94 36.26 22.82
CA TRP A 499 25.12 36.01 22.00
C TRP A 499 25.06 34.62 21.35
N GLN A 500 24.51 33.63 22.07
CA GLN A 500 24.35 32.33 21.43
C GLN A 500 23.33 32.36 20.31
N LEU A 501 22.28 33.17 20.44
CA LEU A 501 21.33 33.31 19.34
C LEU A 501 21.95 34.04 18.16
N ALA A 502 22.71 35.10 18.43
CA ALA A 502 23.40 35.81 17.37
C ALA A 502 24.33 34.87 16.60
N LYS A 503 24.98 33.96 17.30
CA LYS A 503 25.76 32.94 16.61
C LYS A 503 24.89 31.96 15.83
N ALA A 504 23.62 31.75 16.21
CA ALA A 504 22.83 30.87 15.38
C ALA A 504 22.27 31.58 14.16
N PHE A 505 22.03 32.89 14.26
CA PHE A 505 21.57 33.62 13.07
C PHE A 505 22.70 33.85 12.06
N VAL A 506 23.96 33.81 12.49
CA VAL A 506 25.02 33.87 11.50
C VAL A 506 25.19 32.51 10.85
N GLY A 507 24.98 31.44 11.64
CA GLY A 507 24.93 30.10 11.06
C GLY A 507 23.94 30.00 9.92
N VAL A 508 22.75 30.60 10.07
CA VAL A 508 21.74 30.49 9.03
C VAL A 508 22.18 31.25 7.79
N ASN A 509 22.62 32.50 7.97
CA ASN A 509 23.26 33.22 6.87
C ASN A 509 24.35 32.36 6.24
N ASP A 510 25.23 31.77 7.07
CA ASP A 510 26.37 31.07 6.49
C ASP A 510 25.92 29.82 5.73
N SER A 511 25.23 28.89 6.40
CA SER A 511 24.93 27.63 5.72
C SER A 511 24.07 27.87 4.48
N GLY A 512 23.28 28.95 4.47
CA GLY A 512 22.59 29.34 3.24
C GLY A 512 23.53 29.80 2.14
N ASN A 513 24.57 30.55 2.50
CA ASN A 513 25.59 30.92 1.53
C ASN A 513 26.40 29.69 1.11
N HIS A 514 26.50 28.71 2.00
CA HIS A 514 27.23 27.51 1.68
C HIS A 514 26.51 26.70 0.61
N GLN A 515 25.28 26.25 0.89
CA GLN A 515 24.53 25.43 -0.07
C GLN A 515 24.43 26.12 -1.43
N LEU A 516 23.90 27.34 -1.43
CA LEU A 516 23.52 28.03 -2.65
C LEU A 516 24.72 28.50 -3.46
N ILE A 517 25.62 29.23 -2.83
CA ILE A 517 26.72 29.77 -3.59
C ILE A 517 27.89 28.85 -3.57
N SER A 518 28.34 28.48 -2.39
CA SER A 518 29.57 27.76 -2.31
C SER A 518 29.42 26.43 -3.00
N HIS A 519 28.37 25.69 -2.70
CA HIS A 519 28.28 24.34 -3.23
C HIS A 519 27.55 24.32 -4.55
N TRP A 520 26.34 24.84 -4.61
CA TRP A 520 25.60 24.81 -5.86
C TRP A 520 26.01 25.74 -7.01
N MET A 521 26.14 27.04 -6.78
CA MET A 521 26.45 27.94 -7.85
C MET A 521 27.84 27.77 -8.39
N GLN A 522 28.80 27.63 -7.50
CA GLN A 522 30.21 27.55 -7.85
C GLN A 522 30.67 26.29 -8.53
N THR A 523 30.10 25.18 -8.11
CA THR A 523 30.58 23.90 -8.53
C THR A 523 29.56 23.22 -9.41
N HIS A 524 28.42 22.90 -8.84
CA HIS A 524 27.46 22.11 -9.57
C HIS A 524 26.95 22.84 -10.79
N ALA A 525 26.59 24.10 -10.66
CA ALA A 525 25.91 24.78 -11.74
C ALA A 525 26.81 25.47 -12.73
N SER A 526 28.03 25.76 -12.31
CA SER A 526 28.96 26.48 -13.13
C SER A 526 29.90 25.60 -13.88
N ILE A 527 30.08 24.38 -13.41
CA ILE A 527 30.83 23.39 -14.15
C ILE A 527 30.11 22.95 -15.41
N GLU A 528 28.80 22.81 -15.33
CA GLU A 528 28.10 22.08 -16.33
C GLU A 528 28.32 22.70 -17.67
N PRO A 529 28.31 24.00 -17.78
CA PRO A 529 28.59 24.61 -19.08
C PRO A 529 29.87 24.10 -19.72
N PHE A 530 30.88 23.69 -18.95
CA PHE A 530 32.10 23.19 -19.59
C PHE A 530 31.95 21.78 -20.14
N VAL A 531 31.33 20.87 -19.38
CA VAL A 531 31.21 19.51 -19.90
C VAL A 531 30.49 19.52 -21.24
N ILE A 532 29.49 20.38 -21.36
CA ILE A 532 28.76 20.54 -22.61
C ILE A 532 29.68 21.07 -23.71
N ALA A 533 30.44 22.13 -23.41
CA ALA A 533 31.29 22.73 -24.43
C ALA A 533 32.43 21.81 -24.85
N THR A 534 33.02 21.07 -23.90
CA THR A 534 34.12 20.15 -24.22
C THR A 534 33.68 19.07 -25.21
N ASN A 535 32.57 18.42 -24.94
CA ASN A 535 32.13 17.38 -25.86
C ASN A 535 31.68 17.97 -27.20
N ARG A 536 31.07 19.16 -27.19
CA ARG A 536 30.56 19.74 -28.44
C ARG A 536 31.68 20.17 -29.37
N GLN A 537 32.79 20.68 -28.82
CA GLN A 537 33.79 21.32 -29.67
C GLN A 537 35.14 20.63 -29.70
N LEU A 538 35.39 19.72 -28.78
CA LEU A 538 36.66 19.03 -28.73
C LEU A 538 36.48 17.55 -28.98
N SER A 539 37.21 17.03 -29.95
CA SER A 539 37.06 15.65 -30.33
C SER A 539 37.58 14.87 -29.19
N VAL A 540 37.16 13.62 -29.12
CA VAL A 540 37.57 12.68 -28.09
C VAL A 540 39.05 12.45 -28.22
N LEU A 541 39.55 12.62 -29.43
CA LEU A 541 40.95 12.52 -29.75
C LEU A 541 41.80 13.63 -29.20
N HIS A 542 41.18 14.76 -28.87
CA HIS A 542 41.92 15.94 -28.45
C HIS A 542 42.68 15.78 -27.18
N PRO A 543 43.95 16.39 -27.17
CA PRO A 543 44.63 16.33 -25.86
C PRO A 543 43.95 17.04 -24.70
N VAL A 544 43.35 18.20 -24.93
CA VAL A 544 42.69 18.93 -23.86
C VAL A 544 41.43 18.21 -23.41
N PHE A 545 40.87 17.34 -24.26
CA PHE A 545 39.72 16.53 -23.88
C PHE A 545 40.12 15.49 -22.82
N LYS A 546 41.15 14.68 -23.11
CA LYS A 546 41.62 13.64 -22.19
C LYS A 546 42.02 14.17 -20.83
N LEU A 547 42.29 15.47 -20.70
CA LEU A 547 42.77 15.96 -19.41
C LEU A 547 41.62 16.30 -18.49
N LEU A 548 40.56 16.89 -19.03
CA LEU A 548 39.42 17.35 -18.24
C LEU A 548 38.28 16.34 -18.16
N GLU A 549 38.29 15.29 -18.99
CA GLU A 549 37.13 14.39 -19.03
C GLU A 549 36.98 13.51 -17.79
N PRO A 550 38.04 13.22 -17.02
CA PRO A 550 37.83 12.60 -15.71
C PRO A 550 37.18 13.54 -14.70
N HIS A 551 37.33 14.85 -14.86
CA HIS A 551 36.80 15.81 -13.91
C HIS A 551 35.38 16.22 -14.22
N PHE A 552 34.82 15.71 -15.32
CA PHE A 552 33.43 15.92 -15.67
C PHE A 552 32.54 14.73 -15.34
N ARG A 553 33.09 13.58 -14.96
CA ARG A 553 32.26 12.37 -14.95
C ARG A 553 31.14 12.47 -13.93
N ASP A 554 29.92 12.19 -14.39
CA ASP A 554 28.73 12.09 -13.56
C ASP A 554 28.23 13.45 -13.08
N THR A 555 28.95 14.52 -13.39
CA THR A 555 28.47 15.85 -13.05
C THR A 555 27.07 16.07 -13.61
N MET A 556 26.88 15.81 -14.91
CA MET A 556 25.61 16.12 -15.56
C MET A 556 24.48 15.27 -15.00
N ASN A 557 24.75 14.00 -14.75
CA ASN A 557 23.67 13.10 -14.32
C ASN A 557 23.08 13.60 -13.01
N ILE A 558 23.92 13.98 -12.08
CA ILE A 558 23.41 14.35 -10.77
C ILE A 558 22.79 15.74 -10.81
N ASN A 559 23.23 16.60 -11.73
CA ASN A 559 22.62 17.93 -11.85
C ASN A 559 21.23 17.86 -12.46
N ALA A 560 21.00 16.93 -13.35
CA ALA A 560 19.70 16.76 -13.89
C ALA A 560 18.80 16.36 -12.77
N LEU A 561 19.30 15.54 -11.86
CA LEU A 561 18.50 15.12 -10.73
C LEU A 561 18.14 16.27 -9.85
N ALA A 562 19.04 17.20 -9.62
CA ALA A 562 18.80 18.28 -8.71
C ALA A 562 17.63 19.01 -9.24
N ARG A 563 17.65 19.21 -10.53
CA ARG A 563 16.59 19.91 -11.17
C ARG A 563 15.32 19.17 -10.98
N GLN A 564 15.36 17.86 -11.07
CA GLN A 564 14.17 17.05 -10.87
C GLN A 564 13.58 17.07 -9.46
N ILE A 565 14.42 16.96 -8.44
CA ILE A 565 13.89 16.94 -7.09
C ILE A 565 14.44 17.92 -6.05
N LEU A 566 15.52 18.61 -6.35
CA LEU A 566 16.17 19.40 -5.33
C LEU A 566 15.96 20.86 -5.44
N ILE A 567 16.10 21.40 -6.63
CA ILE A 567 16.01 22.83 -6.81
C ILE A 567 14.80 23.31 -7.56
N ASN A 568 13.86 22.42 -7.79
CA ASN A 568 12.63 22.75 -8.47
C ASN A 568 11.71 23.50 -7.54
N GLY A 569 10.67 24.10 -8.06
CA GLY A 569 9.73 24.77 -7.20
C GLY A 569 9.15 23.72 -6.29
N GLY A 570 9.21 23.97 -5.00
CA GLY A 570 8.76 23.01 -4.02
C GLY A 570 9.81 22.00 -3.67
N GLY A 571 11.02 22.24 -4.13
CA GLY A 571 12.09 21.29 -4.01
C GLY A 571 12.56 21.15 -2.59
N ILE A 572 13.40 20.15 -2.35
CA ILE A 572 14.02 19.92 -1.05
C ILE A 572 14.93 21.01 -0.56
N PHE A 573 15.63 21.68 -1.43
CA PHE A 573 16.46 22.80 -1.01
C PHE A 573 15.64 23.95 -0.46
N GLU A 574 14.53 24.22 -1.11
CA GLU A 574 13.62 25.26 -0.69
C GLU A 574 13.03 24.97 0.67
N ILE A 575 12.73 23.71 0.91
CA ILE A 575 12.28 23.29 2.20
C ILE A 575 13.28 23.41 3.31
N THR A 576 14.54 23.20 2.99
CA THR A 576 15.53 23.05 4.00
C THR A 576 16.52 24.17 4.08
N VAL A 577 16.37 25.18 3.27
CA VAL A 577 17.29 26.29 3.34
C VAL A 577 16.54 27.57 3.53
N PHE A 578 17.19 28.52 4.19
CA PHE A 578 16.50 29.69 4.69
C PHE A 578 15.83 30.55 3.65
N PRO A 579 16.47 30.71 2.41
CA PRO A 579 15.72 31.53 1.45
C PRO A 579 14.35 30.98 1.08
N SER A 580 14.11 29.69 1.08
CA SER A 580 12.84 29.20 0.62
C SER A 580 12.59 29.54 -0.82
N LYS A 581 11.42 30.08 -1.13
CA LYS A 581 10.97 30.26 -2.49
C LYS A 581 11.97 31.03 -3.29
N TYR A 582 12.61 31.97 -2.66
CA TYR A 582 13.52 32.87 -3.34
C TYR A 582 14.91 32.29 -3.40
N ALA A 583 15.09 31.05 -2.99
CA ALA A 583 16.41 30.49 -2.86
C ALA A 583 17.23 30.44 -4.11
N MET A 584 16.66 29.94 -5.18
CA MET A 584 17.36 29.79 -6.44
C MET A 584 17.58 31.11 -7.11
N GLU A 585 16.59 31.93 -6.95
CA GLU A 585 16.53 33.21 -7.57
C GLU A 585 17.70 34.07 -7.11
N MET A 586 18.04 33.96 -5.85
CA MET A 586 19.18 34.67 -5.31
C MET A 586 20.51 34.27 -5.88
N SER A 587 20.74 32.97 -6.03
CA SER A 587 22.02 32.53 -6.54
C SER A 587 22.30 33.15 -7.91
N SER A 588 21.25 33.54 -8.65
CA SER A 588 21.46 34.30 -9.88
C SER A 588 21.95 35.71 -9.60
N PHE A 589 21.36 36.32 -8.59
CA PHE A 589 21.71 37.64 -8.16
C PHE A 589 23.15 37.62 -7.70
N ILE A 590 23.51 36.60 -6.94
CA ILE A 590 24.90 36.44 -6.57
C ILE A 590 25.81 36.10 -7.74
N TYR A 591 25.33 35.30 -8.67
CA TYR A 591 26.14 34.99 -9.84
C TYR A 591 26.36 36.26 -10.60
N LYS A 592 25.31 37.05 -10.77
CA LYS A 592 25.43 38.18 -11.65
C LYS A 592 26.45 39.14 -11.12
N ASN A 593 26.29 39.49 -9.87
CA ASN A 593 27.16 40.46 -9.23
C ASN A 593 28.59 40.04 -8.92
N HIS A 594 28.79 38.80 -8.51
CA HIS A 594 30.08 38.37 -8.03
C HIS A 594 30.85 37.22 -8.65
N TRP A 595 30.40 36.62 -9.76
CA TRP A 595 31.12 35.47 -10.29
C TRP A 595 31.93 35.82 -11.51
N THR A 596 33.21 35.48 -11.47
CA THR A 596 34.05 35.62 -12.62
C THR A 596 34.95 34.41 -12.72
N PHE A 597 35.34 34.05 -13.93
CA PHE A 597 36.18 32.85 -14.14
C PHE A 597 37.52 32.98 -13.44
N PRO A 598 38.35 34.00 -13.70
CA PRO A 598 39.70 33.98 -13.15
C PRO A 598 39.74 34.04 -11.64
N ASP A 599 38.65 34.45 -10.99
CA ASP A 599 38.70 34.51 -9.54
C ASP A 599 38.47 33.16 -8.89
N GLN A 600 38.00 32.16 -9.65
CA GLN A 600 37.87 30.81 -9.08
C GLN A 600 39.23 30.17 -8.81
N ALA A 601 40.32 30.74 -9.32
CA ALA A 601 41.66 30.26 -9.00
C ALA A 601 41.97 30.51 -7.53
N LEU A 602 42.29 29.43 -6.80
CA LEU A 602 42.51 29.54 -5.35
C LEU A 602 43.33 30.77 -4.94
N PRO A 603 44.52 31.02 -5.50
CA PRO A 603 45.28 32.21 -5.06
C PRO A 603 44.55 33.53 -5.26
N ALA A 604 43.85 33.70 -6.38
CA ALA A 604 43.21 34.99 -6.62
C ALA A 604 41.97 35.17 -5.75
N GLU A 605 41.26 34.08 -5.47
CA GLU A 605 40.14 34.16 -4.55
C GLU A 605 40.63 34.49 -3.13
N LEU A 606 41.73 33.87 -2.72
CA LEU A 606 42.38 34.24 -1.48
C LEU A 606 42.74 35.71 -1.48
N LYS A 607 43.53 36.16 -2.47
CA LYS A 607 43.87 37.57 -2.52
C LYS A 607 42.63 38.43 -2.57
N LYS A 608 41.52 37.90 -3.08
CA LYS A 608 40.31 38.71 -3.20
C LYS A 608 39.72 39.00 -1.83
N ARG A 609 39.60 37.99 -0.99
CA ARG A 609 39.16 38.22 0.37
C ARG A 609 40.26 38.82 1.22
N GLY A 610 41.43 39.08 0.62
CA GLY A 610 42.52 39.66 1.36
C GLY A 610 43.07 38.76 2.43
N MET A 611 42.93 37.44 2.28
CA MET A 611 43.56 36.46 3.14
C MET A 611 45.00 36.12 2.75
N ALA A 612 45.49 36.61 1.61
CA ALA A 612 46.88 36.35 1.24
C ALA A 612 47.36 37.44 0.31
N VAL A 613 48.66 37.66 0.28
CA VAL A 613 49.22 38.71 -0.57
C VAL A 613 50.42 38.20 -1.31
N GLU A 614 50.92 38.98 -2.24
CA GLU A 614 52.08 38.55 -2.94
C GLU A 614 53.27 38.99 -2.16
N ASP A 615 54.04 38.01 -1.71
CA ASP A 615 55.33 38.26 -1.08
C ASP A 615 56.37 37.35 -1.70
N PRO A 616 57.51 38.02 -2.19
CA PRO A 616 58.41 37.13 -2.94
C PRO A 616 59.07 36.03 -2.13
N GLU A 617 59.57 36.34 -0.95
CA GLU A 617 60.27 35.32 -0.18
C GLU A 617 59.19 34.56 0.53
N ALA A 618 58.27 34.02 -0.26
CA ALA A 618 57.14 33.32 0.29
C ALA A 618 57.08 32.08 -0.52
N PRO A 619 56.51 30.96 0.11
CA PRO A 619 56.76 29.71 -0.61
C PRO A 619 56.31 29.70 -2.04
N HIS A 620 55.20 30.32 -2.37
CA HIS A 620 54.84 30.43 -3.78
C HIS A 620 54.67 31.82 -4.35
N GLY A 621 55.18 32.82 -3.68
CA GLY A 621 54.85 34.18 -4.05
C GLY A 621 53.55 34.57 -3.38
N LEU A 622 53.07 33.73 -2.48
CA LEU A 622 51.84 33.98 -1.75
C LEU A 622 52.11 33.83 -0.26
N ARG A 623 51.63 34.76 0.55
CA ARG A 623 51.83 34.71 1.97
C ARG A 623 50.50 34.71 2.63
N LEU A 624 50.25 33.89 3.64
CA LEU A 624 48.94 33.94 4.27
C LEU A 624 48.91 34.96 5.44
N ARG A 625 47.83 35.73 5.50
CA ARG A 625 47.56 36.68 6.58
C ARG A 625 47.28 35.99 7.88
N ILE A 626 46.62 34.85 7.77
CA ILE A 626 46.59 33.90 8.84
C ILE A 626 47.42 32.73 8.35
N LYS A 627 48.53 32.48 9.00
CA LYS A 627 49.40 31.41 8.56
C LYS A 627 48.70 30.09 8.68
N ASP A 628 47.95 29.89 9.75
CA ASP A 628 47.18 28.69 9.88
C ASP A 628 45.76 28.91 9.43
N TYR A 629 45.47 28.52 8.20
CA TYR A 629 44.14 28.51 7.67
C TYR A 629 44.12 27.18 6.98
N PRO A 630 43.39 26.15 7.60
CA PRO A 630 43.53 24.85 6.91
C PRO A 630 43.07 24.79 5.46
N TYR A 631 41.94 25.37 5.11
CA TYR A 631 41.40 25.18 3.79
C TYR A 631 42.43 25.68 2.82
N ALA A 632 43.12 26.75 3.19
CA ALA A 632 44.06 27.40 2.30
C ALA A 632 45.36 26.63 2.20
N VAL A 633 45.87 26.15 3.34
CA VAL A 633 47.23 25.64 3.32
C VAL A 633 47.22 24.26 2.70
N ASP A 634 46.16 23.49 2.91
CA ASP A 634 46.03 22.23 2.19
C ASP A 634 45.67 22.49 0.72
N GLY A 635 44.64 23.34 0.50
CA GLY A 635 44.21 23.66 -0.86
C GLY A 635 45.33 24.18 -1.76
N LEU A 636 46.19 25.06 -1.24
CA LEU A 636 47.27 25.64 -2.04
C LEU A 636 48.28 24.57 -2.46
N GLU A 637 48.63 23.65 -1.57
CA GLU A 637 49.42 22.52 -2.03
C GLU A 637 48.71 21.84 -3.20
N VAL A 638 47.41 21.53 -3.04
CA VAL A 638 46.64 20.89 -4.12
C VAL A 638 46.65 21.76 -5.37
N TRP A 639 46.13 22.98 -5.27
CA TRP A 639 46.12 23.92 -6.38
C TRP A 639 47.42 23.94 -7.17
N TYR A 640 48.57 23.99 -6.48
CA TYR A 640 49.82 24.09 -7.23
C TYR A 640 50.19 22.73 -7.83
N ALA A 641 49.82 21.64 -7.15
CA ALA A 641 50.06 20.29 -7.68
C ALA A 641 49.36 20.10 -9.02
N ILE A 642 48.08 20.44 -9.07
CA ILE A 642 47.33 20.38 -10.33
C ILE A 642 47.97 21.29 -11.38
N GLU A 643 48.22 22.56 -11.03
CA GLU A 643 48.84 23.46 -11.99
C GLU A 643 50.11 22.83 -12.55
N SER A 644 50.90 22.22 -11.66
CA SER A 644 52.17 21.61 -12.07
C SER A 644 51.98 20.45 -13.03
N TRP A 645 50.78 19.87 -13.08
CA TRP A 645 50.45 18.73 -13.95
C TRP A 645 49.75 19.15 -15.22
N VAL A 646 48.83 20.11 -15.13
CA VAL A 646 48.31 20.76 -16.33
C VAL A 646 49.43 21.40 -17.13
N ARG A 647 50.48 21.87 -16.45
CA ARG A 647 51.62 22.50 -17.11
C ARG A 647 52.49 21.47 -17.83
N ASP A 648 52.87 20.38 -17.13
CA ASP A 648 53.56 19.27 -17.77
C ASP A 648 52.83 18.83 -19.04
N TYR A 649 51.50 18.78 -18.98
CA TYR A 649 50.73 18.10 -20.02
C TYR A 649 50.43 19.01 -21.21
N ILE A 650 50.10 20.28 -20.97
CA ILE A 650 49.82 21.20 -22.08
C ILE A 650 51.06 21.46 -22.92
N PHE A 651 52.26 21.30 -22.36
CA PHE A 651 53.49 21.48 -23.11
C PHE A 651 54.04 20.17 -23.66
N LEU A 652 53.28 19.07 -23.57
CA LEU A 652 53.58 17.87 -24.33
C LEU A 652 52.99 17.92 -25.73
N PHE A 653 51.93 18.70 -25.91
CA PHE A 653 51.18 18.76 -27.17
C PHE A 653 51.19 20.13 -27.81
N TYR A 654 51.28 21.19 -27.03
CA TYR A 654 51.48 22.53 -27.55
C TYR A 654 52.95 22.87 -27.28
N LYS A 655 53.77 22.79 -28.34
CA LYS A 655 55.20 23.06 -28.27
C LYS A 655 55.56 24.53 -28.51
N ILE A 656 54.79 25.21 -29.36
CA ILE A 656 54.91 26.63 -29.63
C ILE A 656 53.58 27.29 -29.28
N GLU A 657 53.60 28.62 -29.16
CA GLU A 657 52.37 29.30 -28.80
C GLU A 657 51.36 29.41 -29.95
N GLU A 658 51.79 29.29 -31.20
CA GLU A 658 50.79 29.37 -32.25
C GLU A 658 50.08 28.05 -32.47
N ASP A 659 50.57 26.96 -31.89
CA ASP A 659 49.76 25.76 -31.88
C ASP A 659 48.45 26.00 -31.16
N ILE A 660 48.43 26.92 -30.21
CA ILE A 660 47.17 27.28 -29.57
C ILE A 660 46.37 28.24 -30.43
N GLN A 661 47.03 29.24 -31.01
CA GLN A 661 46.29 30.20 -31.84
C GLN A 661 45.57 29.48 -32.99
N THR A 662 46.12 28.36 -33.46
CA THR A 662 45.63 27.68 -34.66
C THR A 662 44.94 26.36 -34.36
N ASP A 663 44.57 26.09 -33.11
CA ASP A 663 43.74 24.92 -32.81
C ASP A 663 42.30 25.27 -33.13
N THR A 664 41.80 24.81 -34.29
CA THR A 664 40.43 25.10 -34.68
C THR A 664 39.47 24.83 -33.53
N GLU A 665 39.61 23.67 -32.91
CA GLU A 665 38.67 23.25 -31.87
C GLU A 665 38.84 24.06 -30.59
N LEU A 666 40.08 24.22 -30.12
CA LEU A 666 40.27 24.95 -28.86
C LEU A 666 39.65 26.32 -28.94
N GLN A 667 39.94 27.05 -30.03
CA GLN A 667 39.36 28.37 -30.20
C GLN A 667 37.85 28.30 -30.27
N ALA A 668 37.32 27.26 -30.93
CA ALA A 668 35.88 27.01 -30.88
C ALA A 668 35.44 26.72 -29.45
N TRP A 669 36.15 25.82 -28.79
CA TRP A 669 35.74 25.43 -27.46
C TRP A 669 35.63 26.63 -26.52
N TRP A 670 36.57 27.58 -26.64
CA TRP A 670 36.58 28.71 -25.71
C TRP A 670 35.65 29.83 -26.13
N LYS A 671 35.28 29.91 -27.40
CA LYS A 671 34.30 30.91 -27.80
C LYS A 671 32.91 30.52 -27.35
N GLU A 672 32.57 29.23 -27.47
CA GLU A 672 31.24 28.82 -27.02
C GLU A 672 31.17 28.79 -25.51
N VAL A 673 32.28 28.61 -24.82
CA VAL A 673 32.25 28.71 -23.36
C VAL A 673 31.76 30.08 -22.92
N ARG A 674 32.13 31.12 -23.65
CA ARG A 674 31.78 32.46 -23.22
C ARG A 674 30.47 33.00 -23.81
N GLU A 675 30.14 32.73 -25.07
CA GLU A 675 29.00 33.38 -25.70
C GLU A 675 27.73 32.58 -25.64
N GLU A 676 27.78 31.35 -25.11
CA GLU A 676 26.62 30.50 -24.95
C GLU A 676 26.56 29.97 -23.51
N GLY A 677 27.60 29.24 -23.11
CA GLY A 677 27.54 28.49 -21.87
C GLY A 677 27.36 29.38 -20.64
N HIS A 678 28.21 30.42 -20.54
CA HIS A 678 28.05 31.51 -19.57
C HIS A 678 27.63 32.82 -20.26
N GLY A 679 26.90 32.74 -21.38
CA GLY A 679 26.64 33.85 -22.29
C GLY A 679 25.93 35.05 -21.66
N ASP A 680 25.43 34.90 -20.44
CA ASP A 680 24.88 36.06 -19.74
C ASP A 680 25.95 36.90 -19.06
N LYS A 681 27.20 36.44 -19.07
CA LYS A 681 28.37 37.25 -18.76
C LYS A 681 29.28 37.33 -19.99
N LYS A 682 28.68 37.21 -21.18
CA LYS A 682 29.43 37.06 -22.42
C LYS A 682 30.32 38.26 -22.67
N SER A 683 29.87 39.44 -22.26
CA SER A 683 30.50 40.72 -22.56
C SER A 683 31.41 41.25 -21.46
N GLU A 684 31.71 40.43 -20.41
CA GLU A 684 32.61 40.87 -19.34
C GLU A 684 34.05 40.87 -19.82
N PRO A 685 34.84 41.88 -19.44
CA PRO A 685 36.21 41.99 -19.96
C PRO A 685 37.19 40.99 -19.38
N TRP A 686 36.86 40.31 -18.29
CA TRP A 686 37.83 39.47 -17.62
C TRP A 686 37.97 38.09 -18.25
N TRP A 687 37.36 37.83 -19.37
CA TRP A 687 37.47 36.51 -19.92
C TRP A 687 38.82 36.37 -20.57
N PRO A 688 39.54 35.20 -20.26
CA PRO A 688 40.84 35.13 -20.91
C PRO A 688 40.78 34.91 -22.40
N LYS A 689 41.67 35.53 -23.15
CA LYS A 689 41.68 35.43 -24.61
C LYS A 689 41.97 34.05 -25.20
N MET A 690 42.90 33.32 -24.60
CA MET A 690 43.28 31.98 -25.06
C MET A 690 44.28 31.97 -26.22
N GLN A 691 44.85 33.12 -26.53
CA GLN A 691 45.91 33.19 -27.52
C GLN A 691 47.21 32.46 -27.14
N THR A 692 47.57 32.49 -25.86
CA THR A 692 48.86 31.98 -25.41
C THR A 692 48.72 30.76 -24.50
N ARG A 693 49.78 29.96 -24.41
CA ARG A 693 49.76 28.68 -23.71
C ARG A 693 49.45 28.79 -22.23
N GLU A 694 49.98 29.82 -21.60
CA GLU A 694 49.79 30.07 -20.18
C GLU A 694 48.31 30.22 -19.85
N GLU A 695 47.57 30.97 -20.66
CA GLU A 695 46.14 31.08 -20.41
C GLU A 695 45.46 29.72 -20.45
N LEU A 696 45.97 28.78 -21.27
CA LEU A 696 45.41 27.43 -21.29
C LEU A 696 45.83 26.63 -20.07
N VAL A 697 47.07 26.83 -19.60
CA VAL A 697 47.53 26.14 -18.40
C VAL A 697 46.76 26.65 -17.19
N GLU A 698 46.48 27.95 -17.15
CA GLU A 698 45.86 28.55 -15.97
C GLU A 698 44.34 28.46 -15.98
N SER A 699 43.71 28.33 -17.15
CA SER A 699 42.26 28.14 -17.18
C SER A 699 41.86 26.67 -16.97
N CYS A 700 42.59 25.73 -17.58
CA CYS A 700 42.33 24.31 -17.30
C CYS A 700 42.51 24.00 -15.83
N THR A 701 43.52 24.60 -15.20
CA THR A 701 43.76 24.28 -13.81
C THR A 701 42.66 24.82 -12.93
N ILE A 702 41.98 25.89 -13.38
CA ILE A 702 40.80 26.39 -12.68
C ILE A 702 39.69 25.35 -12.71
N ILE A 703 39.51 24.69 -13.86
CA ILE A 703 38.37 23.78 -14.08
C ILE A 703 38.56 22.50 -13.30
N ILE A 704 39.79 22.04 -13.16
CA ILE A 704 40.05 20.83 -12.39
C ILE A 704 39.96 21.13 -10.89
N TRP A 705 40.41 22.31 -10.50
CA TRP A 705 40.31 22.73 -9.10
C TRP A 705 38.85 22.79 -8.66
N VAL A 706 37.99 23.46 -9.45
CA VAL A 706 36.60 23.66 -9.08
C VAL A 706 35.85 22.33 -9.05
N ALA A 707 36.16 21.44 -9.98
CA ALA A 707 35.51 20.14 -10.06
C ALA A 707 36.02 19.14 -9.03
N SER A 708 37.24 19.31 -8.52
CA SER A 708 37.83 18.30 -7.65
C SER A 708 37.83 18.77 -6.20
N ALA A 709 38.74 19.66 -5.84
CA ALA A 709 38.91 19.96 -4.43
C ALA A 709 37.95 21.03 -3.94
N LEU A 710 37.61 22.01 -4.77
CA LEU A 710 36.63 23.00 -4.36
C LEU A 710 35.29 22.35 -4.04
N HIS A 711 34.74 21.57 -4.98
CA HIS A 711 33.49 20.88 -4.64
C HIS A 711 33.69 19.99 -3.43
N ALA A 712 34.87 19.40 -3.28
CA ALA A 712 35.11 18.45 -2.20
C ALA A 712 35.08 19.14 -0.84
N ALA A 713 35.94 20.16 -0.66
CA ALA A 713 36.10 20.87 0.60
C ALA A 713 34.80 21.43 1.14
N VAL A 714 33.71 21.36 0.38
CA VAL A 714 32.44 21.91 0.80
C VAL A 714 31.33 20.87 0.66
N ASN A 715 31.60 19.76 -0.02
CA ASN A 715 30.54 18.75 -0.13
C ASN A 715 30.63 17.68 0.94
N PHE A 716 31.83 17.19 1.26
CA PHE A 716 31.99 16.04 2.13
C PHE A 716 32.22 16.45 3.57
N GLY A 717 32.10 17.71 3.89
CA GLY A 717 32.09 18.09 5.29
C GLY A 717 30.69 18.28 5.85
N GLN A 718 29.67 18.19 4.99
CA GLN A 718 28.32 18.58 5.39
C GLN A 718 27.83 17.74 6.56
N TYR A 719 27.82 16.42 6.42
CA TYR A 719 27.41 15.60 7.55
C TYR A 719 28.37 15.64 8.74
N PRO A 720 29.69 15.75 8.53
CA PRO A 720 30.59 15.85 9.69
C PRO A 720 30.30 17.01 10.62
N VAL A 721 30.09 18.21 10.09
CA VAL A 721 30.01 19.41 10.89
C VAL A 721 28.57 19.89 11.05
N ALA A 722 27.77 19.84 10.00
CA ALA A 722 26.40 20.33 10.06
C ALA A 722 25.41 19.20 10.29
N GLY A 723 25.90 17.97 10.35
CA GLY A 723 25.02 16.86 10.64
C GLY A 723 24.35 17.01 12.00
N TYR A 724 25.00 17.70 12.94
CA TYR A 724 24.40 18.07 14.21
C TYR A 724 23.77 19.43 14.02
N LEU A 725 22.44 19.48 13.95
CA LEU A 725 21.73 20.70 13.54
C LEU A 725 22.08 21.95 14.33
N PRO A 726 22.20 21.88 15.64
CA PRO A 726 22.46 23.07 16.45
C PRO A 726 23.76 23.77 16.11
N ASN A 727 24.78 23.02 15.77
CA ASN A 727 26.05 23.61 15.41
C ASN A 727 25.97 24.45 14.17
N ARG A 728 25.19 24.01 13.19
CA ARG A 728 25.07 24.74 11.94
C ARG A 728 23.64 24.86 11.51
N PRO A 729 22.89 25.83 12.18
CA PRO A 729 21.47 25.84 11.79
C PRO A 729 21.22 26.20 10.33
N THR A 730 20.27 25.53 9.71
CA THR A 730 19.75 25.88 8.41
C THR A 730 18.90 27.10 8.30
N ILE A 731 17.95 27.22 9.21
CA ILE A 731 16.85 28.17 9.13
C ILE A 731 16.54 28.71 10.50
N SER A 732 16.00 29.91 10.55
CA SER A 732 15.67 30.49 11.83
C SER A 732 14.21 30.87 11.79
N ARG A 733 13.45 30.52 12.80
CA ARG A 733 12.03 30.76 12.78
C ARG A 733 11.57 32.03 13.48
N GLN A 734 12.44 32.65 14.25
CA GLN A 734 12.06 33.82 15.01
C GLN A 734 13.10 34.88 15.09
N TYR A 735 12.64 36.09 15.32
CA TYR A 735 13.50 37.23 15.53
C TYR A 735 14.01 37.22 16.95
N MET A 736 15.03 38.00 17.24
CA MET A 736 15.58 37.99 18.58
C MET A 736 14.61 38.62 19.54
N PRO A 737 14.42 38.01 20.70
CA PRO A 737 13.47 38.50 21.69
C PRO A 737 13.80 39.93 22.08
N LYS A 738 12.77 40.78 22.04
CA LYS A 738 12.89 42.15 22.49
C LYS A 738 12.76 42.18 24.03
N GLU A 739 13.31 43.22 24.62
CA GLU A 739 13.44 43.31 26.06
C GLU A 739 12.10 43.56 26.76
N ASN A 740 12.02 43.17 28.02
CA ASN A 740 10.80 43.37 28.75
C ASN A 740 9.65 42.74 27.97
N THR A 741 9.89 41.55 27.46
CA THR A 741 8.90 40.83 26.72
C THR A 741 8.79 39.52 27.40
N PRO A 742 7.56 38.87 27.21
CA PRO A 742 7.48 37.59 27.91
C PRO A 742 8.59 36.67 27.46
N GLU A 743 8.91 36.68 26.17
CA GLU A 743 9.94 35.82 25.60
C GLU A 743 11.28 36.13 26.22
N PHE A 744 11.52 37.41 26.46
CA PHE A 744 12.73 37.79 27.15
C PHE A 744 12.71 37.18 28.54
N GLU A 745 11.54 37.11 29.15
CA GLU A 745 11.44 36.46 30.45
C GLU A 745 11.86 35.02 30.24
N GLU A 746 11.39 34.43 29.17
CA GLU A 746 11.62 33.02 28.88
C GLU A 746 13.08 32.71 28.68
N LEU A 747 13.79 33.65 28.08
CA LEU A 747 15.19 33.50 27.80
C LEU A 747 15.96 33.32 29.08
N GLU A 748 15.60 34.05 30.11
CA GLU A 748 16.23 33.83 31.40
C GLU A 748 15.91 32.45 32.00
N LYS A 749 14.65 32.04 31.94
CA LYS A 749 14.28 30.71 32.40
C LYS A 749 14.70 29.47 31.58
N ASN A 750 14.45 29.47 30.27
CA ASN A 750 14.84 28.34 29.43
C ASN A 750 15.46 28.87 28.15
N PRO A 751 16.66 29.42 28.23
CA PRO A 751 17.27 29.99 27.03
C PRO A 751 17.57 28.94 26.00
N ASP A 752 17.69 27.69 26.43
CA ASP A 752 18.00 26.63 25.49
C ASP A 752 16.79 26.21 24.67
N LYS A 753 15.56 26.49 25.12
CA LYS A 753 14.42 26.26 24.25
C LYS A 753 14.30 27.35 23.19
N VAL A 754 14.40 28.62 23.59
CA VAL A 754 14.33 29.73 22.64
C VAL A 754 15.34 29.50 21.52
N PHE A 755 16.37 28.71 21.79
CA PHE A 755 17.30 28.33 20.73
C PHE A 755 16.60 27.41 19.73
N LEU A 756 16.11 26.26 20.19
CA LEU A 756 15.41 25.29 19.35
C LEU A 756 14.04 25.78 18.89
N LYS A 757 13.61 26.96 19.28
CA LYS A 757 12.41 27.54 18.73
C LYS A 757 12.69 28.44 17.55
N THR A 758 13.76 29.21 17.72
CA THR A 758 14.31 30.10 16.75
C THR A 758 14.86 29.39 15.54
N ILE A 759 15.51 28.26 15.76
CA ILE A 759 16.07 27.49 14.68
C ILE A 759 15.18 26.37 14.15
N THR A 760 15.74 25.59 13.26
CA THR A 760 15.00 24.71 12.38
C THR A 760 14.15 23.73 13.10
N ALA A 761 12.95 23.53 12.58
CA ALA A 761 11.97 22.63 13.15
C ALA A 761 12.36 21.22 12.88
N GLN A 762 11.70 20.28 13.54
CA GLN A 762 12.07 18.90 13.38
C GLN A 762 11.89 18.45 11.95
N LEU A 763 10.79 18.80 11.34
CA LEU A 763 10.42 18.19 10.09
C LEU A 763 11.50 18.42 9.07
N GLN A 764 12.02 19.63 9.06
CA GLN A 764 13.05 20.07 8.12
C GLN A 764 14.44 19.65 8.57
N THR A 765 14.63 19.34 9.86
CA THR A 765 15.90 18.78 10.33
C THR A 765 16.07 17.30 9.92
N LEU A 766 15.00 16.52 9.99
CA LEU A 766 15.13 15.13 9.57
C LEU A 766 15.19 15.02 8.06
N LEU A 767 14.68 16.02 7.35
CA LEU A 767 14.97 16.12 5.92
C LEU A 767 16.44 16.40 5.71
N GLY A 768 16.97 17.39 6.43
CA GLY A 768 18.25 17.99 6.05
C GLY A 768 19.44 17.11 6.39
N ILE A 769 19.51 16.62 7.63
CA ILE A 769 20.40 15.54 8.03
C ILE A 769 20.43 14.44 6.99
N SER A 770 19.27 13.82 6.75
CA SER A 770 19.21 12.71 5.80
C SER A 770 19.60 13.15 4.39
N LEU A 771 19.49 14.42 4.06
CA LEU A 771 19.83 14.85 2.70
C LEU A 771 21.32 15.08 2.56
N ILE A 772 21.94 15.72 3.55
CA ILE A 772 23.38 15.94 3.53
C ILE A 772 24.14 14.71 4.03
N GLU A 773 23.43 13.69 4.50
CA GLU A 773 24.10 12.43 4.76
C GLU A 773 24.41 11.73 3.44
N ILE A 774 23.39 11.55 2.60
CA ILE A 774 23.63 10.97 1.28
C ILE A 774 24.63 11.83 0.52
N LEU A 775 24.53 13.16 0.65
CA LEU A 775 25.40 14.04 -0.12
C LEU A 775 26.84 13.95 0.35
N SER A 776 27.08 13.53 1.59
CA SER A 776 28.45 13.41 2.09
C SER A 776 29.08 12.05 1.83
N THR A 777 28.26 11.09 1.47
CA THR A 777 28.73 9.76 1.27
C THR A 777 29.65 9.71 0.10
N HIS A 778 30.67 8.87 0.23
CA HIS A 778 31.57 8.52 -0.82
C HIS A 778 31.13 7.14 -1.28
N SER A 779 31.06 6.94 -2.59
CA SER A 779 30.78 5.66 -3.20
C SER A 779 32.00 4.73 -3.32
N SER A 780 31.72 3.44 -3.45
CA SER A 780 32.72 2.42 -3.75
C SER A 780 33.31 2.69 -5.11
N ASP A 781 32.43 3.15 -5.99
CA ASP A 781 32.70 3.52 -7.36
C ASP A 781 33.66 4.66 -7.47
N GLU A 782 33.62 5.58 -6.51
CA GLU A 782 34.20 6.88 -6.74
C GLU A 782 35.67 6.77 -7.02
N VAL A 783 36.14 7.66 -7.87
CA VAL A 783 37.50 7.65 -8.32
C VAL A 783 38.07 8.90 -7.73
N TYR A 784 39.31 8.91 -7.24
CA TYR A 784 39.73 10.13 -6.55
C TYR A 784 40.88 10.79 -7.27
N LEU A 785 41.31 11.91 -6.72
CA LEU A 785 42.23 12.79 -7.40
C LEU A 785 43.59 12.12 -7.48
N GLY A 786 44.15 12.01 -8.69
CA GLY A 786 45.33 11.22 -8.98
C GLY A 786 45.08 9.84 -9.58
N GLN A 787 43.82 9.46 -9.84
CA GLN A 787 43.47 8.16 -10.42
C GLN A 787 42.68 8.36 -11.72
N ARG A 788 42.61 7.31 -12.55
CA ARG A 788 41.79 7.27 -13.75
C ARG A 788 41.16 5.89 -13.91
N ASP A 789 40.11 5.83 -14.75
CA ASP A 789 39.34 4.59 -14.89
C ASP A 789 40.19 3.46 -15.43
N SER A 790 41.03 3.73 -16.42
CA SER A 790 41.94 2.68 -16.85
C SER A 790 43.25 3.32 -17.31
N LYS A 791 44.31 2.55 -17.16
CA LYS A 791 45.69 3.05 -17.12
C LYS A 791 46.29 3.28 -18.50
N GLU A 792 45.46 3.18 -19.52
CA GLU A 792 45.90 3.25 -20.90
C GLU A 792 45.17 4.33 -21.67
N TRP A 793 44.85 5.44 -21.03
CA TRP A 793 43.96 6.42 -21.64
C TRP A 793 44.64 7.25 -22.73
N ALA A 794 45.92 7.04 -22.99
CA ALA A 794 46.59 7.64 -24.13
C ALA A 794 47.80 6.80 -24.50
N ALA A 795 48.10 6.78 -25.79
CA ALA A 795 49.24 6.04 -26.29
C ALA A 795 50.53 6.88 -26.37
N GLU A 796 50.59 8.06 -25.76
CA GLU A 796 51.83 8.81 -25.64
C GLU A 796 52.40 8.56 -24.25
N LYS A 797 53.54 7.86 -24.19
CA LYS A 797 54.04 7.43 -22.88
C LYS A 797 54.50 8.60 -22.03
N GLU A 798 54.96 9.69 -22.63
CA GLU A 798 55.35 10.85 -21.81
C GLU A 798 54.14 11.48 -21.14
N ALA A 799 52.94 11.20 -21.64
CA ALA A 799 51.74 11.65 -20.96
C ALA A 799 51.39 10.75 -19.78
N LEU A 800 51.81 9.49 -19.80
CA LEU A 800 51.51 8.61 -18.69
C LEU A 800 52.56 8.65 -17.58
N GLU A 801 53.71 9.29 -17.80
CA GLU A 801 54.61 9.57 -16.68
C GLU A 801 54.32 10.94 -16.08
N ALA A 802 53.98 11.94 -16.89
CA ALA A 802 53.54 13.21 -16.32
C ALA A 802 52.40 13.00 -15.36
N PHE A 803 51.55 12.00 -15.62
CA PHE A 803 50.41 11.72 -14.75
C PHE A 803 50.75 10.75 -13.64
N GLU A 804 51.76 9.92 -13.81
CA GLU A 804 52.23 9.21 -12.63
C GLU A 804 52.89 10.17 -11.67
N LYS A 805 53.60 11.16 -12.21
CA LYS A 805 54.27 12.10 -11.32
C LYS A 805 53.28 12.99 -10.62
N PHE A 806 52.13 13.27 -11.24
CA PHE A 806 51.07 13.98 -10.53
C PHE A 806 50.49 13.14 -9.40
N GLY A 807 50.26 11.85 -9.65
CA GLY A 807 49.67 11.01 -8.63
C GLY A 807 50.54 10.86 -7.41
N GLU A 808 51.86 10.81 -7.62
CA GLU A 808 52.82 10.65 -6.51
C GLU A 808 53.03 11.96 -5.74
N LYS A 809 52.93 13.11 -6.42
CA LYS A 809 52.90 14.41 -5.76
C LYS A 809 51.57 14.65 -5.05
N VAL A 810 50.55 13.84 -5.37
CA VAL A 810 49.31 13.88 -4.61
C VAL A 810 49.44 12.99 -3.37
N LYS A 811 50.20 11.90 -3.47
CA LYS A 811 50.45 11.05 -2.30
C LYS A 811 51.29 11.81 -1.28
N GLU A 812 52.17 12.67 -1.76
CA GLU A 812 53.02 13.47 -0.88
C GLU A 812 52.19 14.49 -0.10
N ILE A 813 51.19 15.10 -0.76
CA ILE A 813 50.33 16.07 -0.09
C ILE A 813 49.52 15.39 1.00
N GLU A 814 49.24 14.12 0.81
CA GLU A 814 48.47 13.39 1.81
C GLU A 814 49.26 13.21 3.09
N LYS A 815 50.59 13.19 2.99
CA LYS A 815 51.54 13.02 4.09
C LYS A 815 51.85 14.33 4.81
N ASN A 816 51.96 15.44 4.08
CA ASN A 816 52.11 16.74 4.73
C ASN A 816 50.87 17.11 5.51
N ILE A 817 49.70 16.78 4.98
CA ILE A 817 48.46 16.99 5.72
C ILE A 817 48.49 16.22 7.03
N ASP A 818 48.84 14.93 6.97
CA ASP A 818 48.86 14.09 8.16
C ASP A 818 50.00 14.41 9.11
N GLU A 819 50.99 15.20 8.68
CA GLU A 819 52.00 15.71 9.62
C GLU A 819 51.55 17.00 10.29
N ARG A 820 50.62 17.74 9.66
CA ARG A 820 50.13 18.99 10.22
C ARG A 820 48.94 18.80 11.14
N ASN A 821 48.29 17.64 11.12
CA ASN A 821 47.25 17.41 12.10
C ASN A 821 47.84 16.87 13.39
N ASP A 822 48.93 16.08 13.30
CA ASP A 822 49.67 15.63 14.48
C ASP A 822 50.49 16.75 15.10
N ASP A 823 50.69 17.84 14.38
CA ASP A 823 51.51 18.96 14.81
C ASP A 823 50.71 19.86 15.74
N GLU A 824 51.04 19.87 17.03
CA GLU A 824 50.16 20.60 17.93
C GLU A 824 50.39 22.11 17.92
N THR A 825 51.39 22.52 17.17
CA THR A 825 51.68 23.91 17.00
C THR A 825 50.51 24.62 16.36
N LEU A 826 49.84 24.02 15.39
CA LEU A 826 48.76 24.74 14.71
C LEU A 826 47.38 24.45 15.26
N LYS A 827 46.88 25.39 16.03
CA LYS A 827 45.68 25.19 16.79
C LYS A 827 44.44 24.99 15.95
N ASN A 828 44.32 25.75 14.89
CA ASN A 828 43.07 25.79 14.14
C ASN A 828 42.71 24.46 13.51
N ARG A 829 43.71 23.64 13.28
CA ARG A 829 43.53 22.37 12.61
C ARG A 829 42.68 21.32 13.29
N THR A 830 42.81 21.14 14.61
CA THR A 830 42.05 20.11 15.31
C THR A 830 40.86 20.69 16.00
N GLY A 831 41.11 21.81 16.63
CA GLY A 831 40.08 22.56 17.28
C GLY A 831 39.66 21.84 18.54
N LEU A 832 38.75 22.45 19.28
CA LEU A 832 38.34 21.92 20.55
C LEU A 832 37.35 20.78 20.43
N VAL A 833 36.99 20.42 19.21
CA VAL A 833 36.23 19.22 18.97
C VAL A 833 37.12 18.01 18.69
N LYS A 834 38.41 18.25 18.52
CA LYS A 834 39.30 17.17 18.12
C LYS A 834 38.90 16.43 16.83
N MET A 835 38.69 17.20 15.77
CA MET A 835 38.19 16.80 14.45
C MET A 835 39.21 17.26 13.42
N PRO A 836 40.22 16.44 13.15
CA PRO A 836 41.32 16.88 12.30
C PRO A 836 40.80 17.31 10.94
N TYR A 837 41.42 18.35 10.39
CA TYR A 837 40.93 18.91 9.15
C TYR A 837 41.28 18.00 7.99
N THR A 838 40.36 17.10 7.58
CA THR A 838 40.60 16.11 6.54
C THR A 838 39.81 16.38 5.26
N LEU A 839 39.22 17.57 5.12
CA LEU A 839 38.42 17.86 3.94
C LEU A 839 39.24 17.94 2.66
N LEU A 840 40.58 17.94 2.74
CA LEU A 840 41.40 17.94 1.52
C LEU A 840 42.44 16.81 1.51
N PHE A 841 42.21 15.75 2.27
CA PHE A 841 42.88 14.47 2.15
C PHE A 841 42.48 13.80 0.86
N PRO A 842 43.35 13.69 -0.13
CA PRO A 842 42.88 13.28 -1.46
C PRO A 842 42.20 11.92 -1.47
N SER A 843 42.87 10.92 -0.95
CA SER A 843 42.40 9.57 -1.02
C SER A 843 41.38 9.34 0.03
N SER A 844 40.46 8.42 -0.24
CA SER A 844 39.43 8.05 0.70
C SER A 844 38.85 6.73 0.31
N GLU A 845 37.95 6.24 1.14
CA GLU A 845 37.33 4.95 0.96
C GLU A 845 35.86 5.21 1.06
N GLY A 846 35.02 4.20 0.88
CA GLY A 846 33.61 4.41 0.73
C GLY A 846 32.86 4.93 1.93
N GLY A 847 31.71 5.52 1.68
CA GLY A 847 30.84 6.00 2.73
C GLY A 847 31.09 7.42 3.18
N VAL A 848 30.41 7.83 4.24
CA VAL A 848 30.57 9.19 4.72
C VAL A 848 31.80 9.17 5.58
N THR A 849 32.92 9.26 4.91
CA THR A 849 34.21 9.14 5.56
C THR A 849 34.84 10.47 5.88
N GLY A 850 34.19 11.56 5.54
CA GLY A 850 34.67 12.87 5.95
C GLY A 850 36.03 13.25 5.41
N ARG A 851 36.41 12.68 4.27
CA ARG A 851 37.65 13.04 3.61
C ARG A 851 37.57 12.64 2.16
N GLY A 852 38.57 13.09 1.39
CA GLY A 852 38.80 12.63 0.03
C GLY A 852 38.37 13.58 -1.04
N ILE A 853 39.10 13.57 -2.16
CA ILE A 853 38.85 14.45 -3.29
C ILE A 853 38.52 13.67 -4.55
N PRO A 854 37.16 13.55 -4.83
CA PRO A 854 36.88 12.88 -6.10
C PRO A 854 37.39 13.70 -7.25
N ASN A 855 37.61 13.04 -8.35
CA ASN A 855 38.03 13.69 -9.60
C ASN A 855 37.04 14.74 -10.05
N SER A 856 35.78 14.54 -9.71
CA SER A 856 34.68 15.13 -10.42
C SER A 856 33.68 15.63 -9.41
N VAL A 857 32.69 16.37 -9.89
CA VAL A 857 31.51 16.68 -9.08
C VAL A 857 30.50 15.55 -9.20
N SER A 858 30.68 14.50 -8.38
CA SER A 858 29.83 13.32 -8.49
C SER A 858 28.58 13.38 -7.63
N ILE A 859 28.49 14.34 -6.71
CA ILE A 859 27.31 14.45 -5.84
C ILE A 859 27.11 15.89 -5.17
N THR B 16 -9.40 -48.87 -36.13
CA THR B 16 -9.83 -48.65 -34.76
C THR B 16 -10.29 -49.94 -34.09
N THR B 17 -9.41 -50.64 -33.37
CA THR B 17 -9.88 -51.85 -32.70
C THR B 17 -10.54 -51.44 -31.40
N THR B 18 -11.85 -51.67 -31.33
CA THR B 18 -12.62 -51.37 -30.14
C THR B 18 -12.06 -52.16 -28.97
N LYS B 19 -11.99 -51.50 -27.82
CA LYS B 19 -11.46 -52.09 -26.59
C LYS B 19 -12.40 -51.71 -25.46
N LYS B 20 -12.71 -52.66 -24.56
CA LYS B 20 -13.76 -52.44 -23.57
C LYS B 20 -13.23 -51.79 -22.28
N VAL B 21 -14.09 -50.98 -21.63
CA VAL B 21 -13.78 -50.26 -20.40
C VAL B 21 -14.93 -50.43 -19.40
N LYS B 22 -14.59 -50.74 -18.14
CA LYS B 22 -15.58 -51.10 -17.12
C LYS B 22 -16.03 -49.87 -16.36
N GLY B 23 -17.35 -49.75 -16.15
CA GLY B 23 -17.93 -48.58 -15.56
C GLY B 23 -18.68 -48.90 -14.28
N THR B 24 -19.01 -47.83 -13.55
CA THR B 24 -19.84 -47.88 -12.34
C THR B 24 -20.71 -46.63 -12.31
N VAL B 25 -22.02 -46.83 -12.33
CA VAL B 25 -23.00 -45.77 -12.13
C VAL B 25 -23.67 -45.97 -10.78
N VAL B 26 -23.66 -44.91 -9.96
CA VAL B 26 -24.38 -44.88 -8.68
C VAL B 26 -25.62 -44.01 -8.86
N LEU B 27 -26.70 -44.40 -8.20
CA LEU B 27 -27.96 -43.66 -8.27
C LEU B 27 -28.86 -44.06 -7.12
N MET B 28 -29.61 -43.09 -6.61
CA MET B 28 -30.56 -43.31 -5.52
C MET B 28 -31.96 -43.40 -6.10
N LYS B 29 -32.66 -44.47 -5.81
CA LYS B 29 -33.99 -44.63 -6.32
C LYS B 29 -34.86 -43.60 -5.70
N LYS B 30 -35.93 -43.22 -6.36
CA LYS B 30 -36.84 -42.23 -5.81
C LYS B 30 -37.49 -42.65 -4.50
N ASN B 31 -37.80 -43.92 -4.34
CA ASN B 31 -38.49 -44.33 -3.14
C ASN B 31 -37.66 -43.94 -1.97
N VAL B 32 -36.36 -44.05 -2.12
CA VAL B 32 -35.47 -43.95 -1.01
C VAL B 32 -35.58 -42.61 -0.34
N LEU B 33 -35.68 -41.56 -1.13
CA LEU B 33 -35.62 -40.21 -0.62
C LEU B 33 -36.98 -39.61 -0.40
N ASP B 34 -38.03 -40.38 -0.60
CA ASP B 34 -39.35 -39.87 -0.34
C ASP B 34 -39.53 -39.92 1.13
N PHE B 35 -40.64 -39.37 1.60
CA PHE B 35 -40.86 -39.24 3.02
C PHE B 35 -40.83 -40.61 3.72
N ASN B 36 -41.42 -41.63 3.12
CA ASN B 36 -41.50 -42.91 3.80
C ASN B 36 -40.13 -43.43 4.17
N ASP B 37 -40.06 -44.02 5.36
CA ASP B 37 -38.81 -44.45 5.99
C ASP B 37 -38.06 -45.48 5.18
N PHE B 38 -36.77 -45.25 4.95
CA PHE B 38 -36.03 -46.10 4.04
C PHE B 38 -35.62 -47.39 4.72
N ASN B 39 -35.84 -48.48 4.02
CA ASN B 39 -35.57 -49.79 4.55
C ASN B 39 -34.83 -50.53 3.47
N ALA B 40 -34.17 -51.61 3.85
CA ALA B 40 -33.42 -52.36 2.88
C ALA B 40 -34.38 -52.82 1.79
N SER B 41 -35.65 -52.86 2.11
CA SER B 41 -36.69 -53.29 1.20
C SER B 41 -36.69 -52.44 -0.07
N PHE B 42 -36.32 -51.17 0.07
CA PHE B 42 -36.43 -50.24 -1.05
C PHE B 42 -35.57 -50.55 -2.30
N LEU B 43 -34.48 -51.28 -2.14
CA LEU B 43 -33.61 -51.59 -3.28
C LEU B 43 -34.24 -52.38 -4.42
N ASP B 44 -35.01 -53.40 -4.11
CA ASP B 44 -35.34 -54.40 -5.10
C ASP B 44 -36.33 -53.98 -6.17
N ARG B 45 -36.44 -54.83 -7.18
CA ARG B 45 -36.97 -54.47 -8.48
C ARG B 45 -35.88 -53.71 -9.22
N LEU B 46 -34.64 -53.94 -8.82
CA LEU B 46 -33.51 -53.23 -9.38
C LEU B 46 -33.35 -53.52 -10.82
N HIS B 47 -33.78 -54.70 -11.25
CA HIS B 47 -33.54 -55.08 -12.62
C HIS B 47 -34.23 -54.10 -13.53
N GLU B 48 -35.26 -53.45 -13.04
CA GLU B 48 -36.04 -52.58 -13.90
C GLU B 48 -35.18 -51.51 -14.55
N PHE B 49 -34.22 -50.93 -13.84
CA PHE B 49 -33.35 -49.95 -14.44
C PHE B 49 -32.48 -50.52 -15.52
N LEU B 50 -32.54 -51.84 -15.61
CA LEU B 50 -31.64 -52.65 -16.41
C LEU B 50 -32.25 -53.02 -17.72
N GLY B 51 -31.51 -52.81 -18.78
CA GLY B 51 -32.03 -53.19 -20.07
C GLY B 51 -31.77 -52.03 -20.98
N ASN B 52 -32.52 -51.98 -22.05
CA ASN B 52 -32.39 -50.92 -23.02
C ASN B 52 -32.78 -49.63 -22.36
N LYS B 53 -33.37 -49.70 -21.18
CA LYS B 53 -34.02 -48.53 -20.63
C LYS B 53 -33.11 -47.35 -20.40
N ILE B 54 -31.94 -47.54 -19.82
CA ILE B 54 -31.12 -46.39 -19.47
C ILE B 54 -29.89 -46.31 -20.34
N THR B 55 -29.76 -45.21 -21.04
CA THR B 55 -28.76 -45.10 -22.03
C THR B 55 -27.77 -44.07 -21.62
N LEU B 56 -26.52 -44.37 -21.90
CA LEU B 56 -25.38 -43.49 -21.61
C LEU B 56 -24.44 -43.51 -22.81
N ARG B 57 -24.00 -42.34 -23.24
CA ARG B 57 -23.00 -42.26 -24.30
C ARG B 57 -21.90 -41.31 -23.84
N LEU B 58 -20.65 -41.71 -24.10
CA LEU B 58 -19.51 -40.85 -23.84
C LEU B 58 -19.41 -39.75 -24.89
N VAL B 59 -18.67 -38.70 -24.54
CA VAL B 59 -18.33 -37.58 -25.42
C VAL B 59 -16.86 -37.26 -25.26
N SER B 60 -16.22 -36.68 -26.26
CA SER B 60 -14.76 -36.62 -26.26
C SER B 60 -14.18 -35.23 -26.20
N SER B 61 -13.24 -35.03 -25.29
CA SER B 61 -12.49 -33.79 -25.25
C SER B 61 -11.57 -33.58 -26.42
N ASP B 62 -10.84 -34.63 -26.75
CA ASP B 62 -9.83 -34.61 -27.82
C ASP B 62 -10.30 -34.53 -29.26
N VAL B 63 -11.31 -35.30 -29.60
CA VAL B 63 -11.63 -35.49 -31.00
C VAL B 63 -13.03 -35.07 -31.27
N THR B 64 -13.30 -34.72 -32.50
CA THR B 64 -14.53 -34.07 -32.82
C THR B 64 -15.34 -34.93 -33.75
N ASP B 65 -16.63 -34.91 -33.48
CA ASP B 65 -17.61 -35.57 -34.30
C ASP B 65 -18.05 -34.51 -35.24
N SER B 66 -17.70 -34.66 -36.51
CA SER B 66 -18.02 -33.64 -37.47
C SER B 66 -19.52 -33.56 -37.49
N GLU B 67 -20.14 -34.73 -37.52
CA GLU B 67 -21.57 -34.88 -37.80
C GLU B 67 -22.47 -34.24 -36.78
N ASN B 68 -22.11 -34.43 -35.52
CA ASN B 68 -22.88 -33.93 -34.39
C ASN B 68 -22.94 -32.41 -34.35
N GLY B 69 -21.83 -31.79 -34.73
CA GLY B 69 -21.64 -30.36 -34.65
C GLY B 69 -20.13 -30.29 -34.74
N SER B 70 -19.54 -29.22 -34.22
CA SER B 70 -18.12 -29.26 -33.89
C SER B 70 -17.98 -29.50 -32.39
N LYS B 71 -19.04 -30.08 -31.83
CA LYS B 71 -19.16 -30.38 -30.41
C LYS B 71 -18.15 -31.36 -29.88
N GLY B 72 -17.86 -32.40 -30.62
CA GLY B 72 -16.94 -33.40 -30.14
C GLY B 72 -17.60 -34.75 -30.02
N LYS B 73 -16.87 -35.78 -30.38
CA LYS B 73 -17.41 -37.05 -30.78
C LYS B 73 -18.16 -37.79 -29.73
N LEU B 74 -19.18 -38.52 -30.16
CA LEU B 74 -20.01 -39.33 -29.29
C LEU B 74 -19.68 -40.80 -29.49
N GLY B 75 -19.27 -41.47 -28.44
CA GLY B 75 -19.08 -42.92 -28.49
C GLY B 75 -20.40 -43.65 -28.64
N LYS B 76 -20.31 -44.98 -28.75
CA LYS B 76 -21.52 -45.80 -28.90
C LYS B 76 -22.23 -45.95 -27.56
N ALA B 77 -23.51 -46.26 -27.62
CA ALA B 77 -24.36 -46.21 -26.45
C ALA B 77 -24.16 -47.43 -25.56
N ALA B 78 -24.17 -47.21 -24.25
CA ALA B 78 -24.18 -48.30 -23.29
C ALA B 78 -25.52 -48.32 -22.55
N HIS B 79 -25.69 -49.39 -21.79
CA HIS B 79 -26.82 -49.57 -20.92
C HIS B 79 -26.34 -50.24 -19.65
N LEU B 80 -27.06 -50.05 -18.56
CA LEU B 80 -26.72 -50.69 -17.30
C LEU B 80 -26.96 -52.19 -17.35
N GLU B 81 -26.11 -52.97 -16.69
CA GLU B 81 -26.21 -54.41 -16.79
C GLU B 81 -26.44 -55.17 -15.51
N ASP B 82 -25.52 -55.08 -14.58
CA ASP B 82 -25.60 -55.84 -13.34
C ASP B 82 -25.17 -54.91 -12.24
N TRP B 83 -25.48 -55.26 -11.01
CA TRP B 83 -25.26 -54.36 -9.91
C TRP B 83 -24.43 -54.98 -8.82
N ILE B 84 -23.90 -54.15 -7.94
CA ILE B 84 -23.09 -54.59 -6.86
C ILE B 84 -23.64 -54.00 -5.61
N THR B 85 -23.24 -54.55 -4.48
CA THR B 85 -23.51 -53.96 -3.19
C THR B 85 -22.19 -53.73 -2.47
N THR B 86 -22.05 -52.53 -1.93
CA THR B 86 -20.82 -52.09 -1.29
C THR B 86 -21.21 -51.45 0.03
N ILE B 87 -20.32 -51.45 1.00
CA ILE B 87 -20.73 -51.14 2.37
C ILE B 87 -21.34 -49.76 2.40
N THR B 88 -20.72 -48.84 1.67
CA THR B 88 -21.24 -47.49 1.59
C THR B 88 -22.61 -47.54 0.96
N SER B 89 -22.81 -48.41 -0.01
CA SER B 89 -24.09 -48.49 -0.71
C SER B 89 -25.30 -48.92 0.11
N LEU B 90 -25.14 -49.95 0.91
CA LEU B 90 -26.28 -50.49 1.64
C LEU B 90 -26.73 -49.37 2.54
N THR B 91 -25.75 -48.68 3.10
CA THR B 91 -26.02 -47.45 3.82
C THR B 91 -26.33 -46.34 2.82
N ALA B 92 -27.05 -45.34 3.28
CA ALA B 92 -27.25 -44.13 2.51
C ALA B 92 -28.09 -44.34 1.28
N GLY B 93 -28.46 -45.58 1.00
CA GLY B 93 -29.37 -45.83 -0.09
C GLY B 93 -28.82 -45.81 -1.50
N GLU B 94 -27.51 -45.71 -1.67
CA GLU B 94 -26.93 -45.78 -3.00
C GLU B 94 -27.05 -47.21 -3.50
N SER B 95 -27.38 -47.36 -4.78
CA SER B 95 -27.60 -48.62 -5.50
C SER B 95 -26.78 -48.56 -6.79
N ALA B 96 -25.66 -49.26 -6.82
CA ALA B 96 -24.77 -49.14 -7.97
C ALA B 96 -25.14 -50.15 -9.04
N PHE B 97 -24.78 -49.81 -10.29
CA PHE B 97 -25.04 -50.67 -11.44
C PHE B 97 -23.73 -50.94 -12.18
N LYS B 98 -23.76 -51.97 -13.03
CA LYS B 98 -22.64 -52.28 -13.91
C LYS B 98 -22.88 -51.70 -15.29
N VAL B 99 -21.80 -51.38 -16.00
CA VAL B 99 -21.90 -50.92 -17.38
C VAL B 99 -20.53 -51.06 -18.05
N THR B 100 -20.54 -51.49 -19.32
CA THR B 100 -19.33 -51.74 -20.11
C THR B 100 -19.31 -50.88 -21.35
N PHE B 101 -18.22 -50.13 -21.57
CA PHE B 101 -18.16 -49.19 -22.68
C PHE B 101 -17.25 -49.69 -23.78
N ASP B 102 -17.74 -49.67 -25.01
CA ASP B 102 -16.93 -50.14 -26.11
C ASP B 102 -16.16 -48.91 -26.42
N TYR B 103 -14.89 -48.91 -26.05
CA TYR B 103 -14.14 -47.68 -26.05
C TYR B 103 -13.03 -47.78 -27.01
N GLU B 104 -13.02 -46.89 -27.98
CA GLU B 104 -11.99 -46.86 -29.01
C GLU B 104 -10.70 -46.19 -28.59
N THR B 105 -9.63 -46.60 -29.22
CA THR B 105 -8.30 -46.05 -28.98
C THR B 105 -8.11 -44.62 -29.49
N ASP B 106 -8.88 -44.23 -30.48
CA ASP B 106 -8.72 -42.90 -31.04
C ASP B 106 -9.69 -41.89 -30.47
N PHE B 107 -10.43 -42.27 -29.44
CA PHE B 107 -11.36 -41.41 -28.72
C PHE B 107 -10.79 -40.23 -27.93
N GLY B 108 -9.70 -40.46 -27.21
CA GLY B 108 -9.15 -39.45 -26.34
C GLY B 108 -9.82 -39.46 -24.99
N TYR B 109 -9.63 -38.37 -24.24
CA TYR B 109 -10.22 -38.30 -22.91
C TYR B 109 -11.73 -38.15 -23.03
N PRO B 110 -12.52 -38.89 -22.23
CA PRO B 110 -13.98 -38.65 -22.20
C PRO B 110 -14.38 -37.52 -21.25
N GLY B 111 -14.34 -36.29 -21.75
CA GLY B 111 -14.67 -35.15 -20.94
C GLY B 111 -16.08 -35.19 -20.39
N ALA B 112 -17.02 -35.78 -21.13
CA ALA B 112 -18.44 -35.71 -20.78
C ALA B 112 -19.13 -37.05 -21.01
N PHE B 113 -20.39 -37.11 -20.64
CA PHE B 113 -21.23 -38.22 -20.99
C PHE B 113 -22.67 -37.81 -21.10
N LEU B 114 -23.44 -38.56 -21.89
CA LEU B 114 -24.84 -38.25 -22.18
C LEU B 114 -25.78 -39.33 -21.69
N ILE B 115 -26.84 -38.96 -21.01
CA ILE B 115 -27.76 -39.94 -20.46
C ILE B 115 -29.21 -39.73 -20.91
N ARG B 116 -29.91 -40.82 -21.19
CA ARG B 116 -31.33 -40.79 -21.49
C ARG B 116 -32.02 -41.68 -20.52
N ASN B 117 -33.10 -41.23 -19.90
CA ASN B 117 -33.86 -42.12 -19.04
C ASN B 117 -35.15 -42.50 -19.74
N SER B 118 -35.35 -43.79 -19.98
CA SER B 118 -36.53 -44.30 -20.64
C SER B 118 -37.45 -45.11 -19.75
N HIS B 119 -37.13 -45.10 -18.47
CA HIS B 119 -37.87 -45.73 -17.39
C HIS B 119 -39.08 -44.86 -17.04
N PHE B 120 -39.94 -45.34 -16.17
CA PHE B 120 -41.16 -44.65 -15.80
C PHE B 120 -40.96 -43.52 -14.79
N SER B 121 -40.01 -43.70 -13.88
CA SER B 121 -39.77 -42.72 -12.83
C SER B 121 -38.35 -42.18 -12.82
N GLU B 122 -38.21 -41.02 -12.24
CA GLU B 122 -36.94 -40.36 -12.08
C GLU B 122 -36.12 -40.97 -10.98
N PHE B 123 -34.82 -40.90 -11.17
CA PHE B 123 -33.87 -41.41 -10.22
C PHE B 123 -32.83 -40.34 -10.07
N LEU B 124 -32.07 -40.39 -8.99
CA LEU B 124 -31.05 -39.39 -8.77
C LEU B 124 -29.69 -39.99 -9.03
N LEU B 125 -28.98 -39.37 -9.95
CA LEU B 125 -27.73 -39.86 -10.41
C LEU B 125 -26.64 -39.12 -9.70
N LYS B 126 -26.05 -39.75 -8.71
CA LYS B 126 -24.90 -39.24 -8.01
C LYS B 126 -23.62 -39.19 -8.79
N SER B 127 -23.30 -40.25 -9.50
CA SER B 127 -21.94 -40.49 -9.90
C SER B 127 -21.78 -41.30 -11.15
N LEU B 128 -20.61 -41.21 -11.76
CA LEU B 128 -20.16 -42.19 -12.72
C LEU B 128 -18.69 -42.43 -12.46
N THR B 129 -18.22 -43.66 -12.66
CA THR B 129 -16.79 -43.95 -12.57
C THR B 129 -16.39 -44.81 -13.76
N LEU B 130 -15.36 -44.38 -14.47
CA LEU B 130 -14.76 -45.19 -15.52
C LEU B 130 -13.40 -45.69 -15.05
N GLU B 131 -13.17 -46.99 -15.20
CA GLU B 131 -11.95 -47.63 -14.77
C GLU B 131 -11.14 -48.06 -15.99
N ASP B 132 -9.85 -47.89 -15.85
CA ASP B 132 -8.91 -48.27 -16.84
C ASP B 132 -9.31 -47.70 -18.17
N VAL B 133 -9.63 -46.42 -18.20
CA VAL B 133 -9.75 -45.75 -19.48
C VAL B 133 -8.38 -45.76 -20.07
N PRO B 134 -8.32 -46.12 -21.42
CA PRO B 134 -6.94 -46.12 -21.94
C PRO B 134 -6.32 -44.74 -21.93
N GLY B 135 -5.09 -44.67 -21.45
CA GLY B 135 -4.24 -43.51 -21.54
C GLY B 135 -4.52 -42.47 -20.49
N HIS B 136 -5.58 -42.65 -19.72
CA HIS B 136 -5.93 -41.71 -18.65
C HIS B 136 -6.20 -42.31 -17.30
N GLY B 137 -6.14 -43.62 -17.18
CA GLY B 137 -6.48 -44.28 -15.94
C GLY B 137 -7.93 -44.10 -15.56
N ARG B 138 -8.17 -43.57 -14.37
CA ARG B 138 -9.51 -43.43 -13.78
C ARG B 138 -10.10 -42.06 -13.99
N VAL B 139 -11.35 -42.00 -14.42
CA VAL B 139 -12.04 -40.74 -14.56
C VAL B 139 -13.34 -40.80 -13.76
N HIS B 140 -13.61 -39.78 -12.97
CA HIS B 140 -14.80 -39.72 -12.14
C HIS B 140 -15.73 -38.62 -12.63
N TYR B 141 -17.01 -38.83 -12.63
CA TYR B 141 -17.93 -37.77 -12.97
C TYR B 141 -18.83 -37.57 -11.78
N ILE B 142 -18.89 -36.37 -11.23
CA ILE B 142 -19.81 -36.12 -10.14
C ILE B 142 -20.97 -35.26 -10.59
N CYS B 143 -22.13 -35.88 -10.69
CA CYS B 143 -23.34 -35.19 -11.07
C CYS B 143 -24.28 -35.53 -9.98
N ASN B 144 -25.07 -34.56 -9.57
CA ASN B 144 -25.99 -34.81 -8.50
C ASN B 144 -27.29 -34.29 -9.02
N SER B 145 -27.87 -35.01 -9.96
CA SER B 145 -29.01 -34.53 -10.69
C SER B 145 -30.13 -35.53 -10.72
N TRP B 146 -31.35 -35.08 -10.45
CA TRP B 146 -32.53 -35.89 -10.76
C TRP B 146 -32.66 -36.04 -12.26
N ILE B 147 -32.80 -37.28 -12.73
CA ILE B 147 -32.90 -37.56 -14.17
C ILE B 147 -34.34 -37.94 -14.46
N TYR B 148 -35.07 -37.04 -15.09
CA TYR B 148 -36.47 -37.35 -15.30
C TYR B 148 -36.63 -38.09 -16.62
N PRO B 149 -37.69 -38.87 -16.77
CA PRO B 149 -37.82 -39.69 -17.98
C PRO B 149 -37.67 -38.80 -19.20
N ALA B 150 -37.16 -39.38 -20.30
CA ALA B 150 -36.74 -38.56 -21.44
C ALA B 150 -37.86 -37.71 -22.04
N LYS B 151 -39.09 -38.01 -21.70
CA LYS B 151 -40.24 -37.31 -22.18
C LYS B 151 -40.26 -35.83 -21.74
N HIS B 152 -39.79 -35.55 -20.54
CA HIS B 152 -39.83 -34.25 -19.91
C HIS B 152 -38.66 -33.37 -20.30
N TYR B 153 -37.84 -33.76 -21.28
CA TYR B 153 -36.70 -32.95 -21.68
C TYR B 153 -36.74 -32.77 -23.19
N THR B 154 -36.20 -31.66 -23.65
CA THR B 154 -36.03 -31.43 -25.08
C THR B 154 -34.67 -31.90 -25.57
N THR B 155 -33.78 -32.32 -24.68
CA THR B 155 -32.51 -32.88 -25.12
C THR B 155 -31.79 -33.54 -23.95
N ASP B 156 -30.91 -34.50 -24.27
CA ASP B 156 -30.34 -35.41 -23.28
C ASP B 156 -29.46 -34.69 -22.26
N ARG B 157 -29.68 -35.02 -20.98
CA ARG B 157 -28.84 -34.49 -19.91
C ARG B 157 -27.38 -34.78 -20.23
N VAL B 158 -26.50 -33.87 -19.81
CA VAL B 158 -25.07 -34.01 -20.03
C VAL B 158 -24.36 -33.63 -18.75
N PHE B 159 -23.37 -34.45 -18.36
CA PHE B 159 -22.57 -34.25 -17.16
C PHE B 159 -21.10 -34.30 -17.54
N PHE B 160 -20.30 -33.46 -16.90
CA PHE B 160 -18.91 -33.31 -17.21
C PHE B 160 -18.05 -34.05 -16.21
N SER B 161 -16.81 -34.28 -16.58
CA SER B 161 -15.82 -34.93 -15.74
C SER B 161 -15.46 -34.00 -14.62
N ASN B 162 -14.82 -34.51 -13.58
CA ASN B 162 -14.54 -33.69 -12.43
C ASN B 162 -13.52 -32.59 -12.70
N LYS B 163 -12.86 -32.63 -13.83
CA LYS B 163 -11.78 -31.70 -14.10
C LYS B 163 -12.37 -30.33 -14.00
N THR B 164 -11.59 -29.39 -13.49
CA THR B 164 -12.06 -28.04 -13.22
C THR B 164 -11.42 -27.09 -14.18
N TYR B 165 -12.24 -26.35 -14.90
CA TYR B 165 -11.79 -25.51 -16.00
C TYR B 165 -12.28 -24.08 -15.94
N LEU B 166 -11.43 -23.16 -16.34
CA LEU B 166 -11.84 -21.80 -16.67
C LEU B 166 -12.39 -21.73 -18.09
N PRO B 167 -13.06 -20.64 -18.47
CA PRO B 167 -13.69 -20.60 -19.81
C PRO B 167 -12.69 -20.66 -20.96
N HIS B 168 -11.43 -20.30 -20.77
CA HIS B 168 -10.45 -20.38 -21.86
C HIS B 168 -9.41 -21.48 -21.61
N GLU B 169 -9.70 -22.43 -20.70
CA GLU B 169 -8.98 -23.71 -20.62
C GLU B 169 -9.91 -24.90 -20.81
N THR B 170 -11.18 -24.66 -21.09
CA THR B 170 -12.08 -25.73 -21.43
C THR B 170 -11.74 -26.29 -22.81
N PRO B 171 -11.75 -27.61 -22.97
CA PRO B 171 -11.63 -28.21 -24.29
C PRO B 171 -12.63 -27.62 -25.27
N ALA B 172 -12.24 -27.60 -26.56
CA ALA B 172 -13.05 -26.93 -27.57
C ALA B 172 -14.32 -27.71 -27.91
N THR B 173 -14.28 -29.04 -27.83
CA THR B 173 -15.40 -29.92 -28.08
C THR B 173 -16.43 -29.95 -26.95
N LEU B 174 -16.13 -29.36 -25.80
CA LEU B 174 -17.07 -29.27 -24.70
C LEU B 174 -17.61 -27.87 -24.47
N LEU B 175 -17.02 -26.85 -25.11
CA LEU B 175 -17.54 -25.49 -24.97
C LEU B 175 -19.03 -25.43 -25.25
N LYS B 176 -19.46 -26.01 -26.36
CA LYS B 176 -20.88 -25.99 -26.69
C LYS B 176 -21.75 -26.75 -25.70
N TYR B 177 -21.33 -27.93 -25.27
CA TYR B 177 -22.04 -28.54 -24.16
C TYR B 177 -22.05 -27.66 -22.92
N ARG B 178 -20.95 -26.93 -22.67
CA ARG B 178 -20.90 -26.06 -21.50
C ARG B 178 -21.86 -24.89 -21.62
N GLU B 179 -21.88 -24.24 -22.78
CA GLU B 179 -22.71 -23.08 -23.02
C GLU B 179 -24.19 -23.42 -23.16
N GLU B 180 -24.54 -24.65 -23.54
CA GLU B 180 -25.95 -24.96 -23.69
C GLU B 180 -26.60 -25.21 -22.34
N GLU B 181 -25.93 -25.94 -21.47
CA GLU B 181 -26.50 -26.18 -20.17
C GLU B 181 -26.75 -24.87 -19.47
N LEU B 182 -25.88 -23.87 -19.70
CA LEU B 182 -26.06 -22.55 -19.09
C LEU B 182 -27.34 -21.87 -19.61
N VAL B 183 -27.52 -21.86 -20.90
CA VAL B 183 -28.67 -21.25 -21.48
C VAL B 183 -29.88 -21.96 -20.94
N SER B 184 -29.77 -23.25 -20.81
CA SER B 184 -30.86 -24.04 -20.32
C SER B 184 -31.19 -23.71 -18.91
N LEU B 185 -30.16 -23.48 -18.10
CA LEU B 185 -30.37 -23.16 -16.70
C LEU B 185 -31.09 -21.84 -16.46
N ARG B 186 -30.71 -20.80 -17.18
CA ARG B 186 -31.34 -19.51 -17.03
C ARG B 186 -32.78 -19.55 -17.43
N GLY B 187 -33.10 -20.31 -18.45
CA GLY B 187 -34.47 -20.45 -18.87
C GLY B 187 -34.84 -19.25 -19.68
N THR B 188 -36.13 -19.12 -19.97
CA THR B 188 -36.61 -18.09 -20.86
C THR B 188 -37.18 -16.88 -20.15
N GLY B 189 -37.29 -16.95 -18.84
CA GLY B 189 -37.77 -15.82 -18.07
C GLY B 189 -39.27 -15.67 -18.11
N GLU B 190 -39.95 -16.66 -18.66
CA GLU B 190 -41.36 -16.60 -18.80
C GLU B 190 -41.90 -17.94 -18.48
N GLY B 191 -43.20 -17.98 -18.26
CA GLY B 191 -43.92 -19.21 -18.02
C GLY B 191 -43.94 -19.66 -16.60
N GLU B 192 -44.64 -20.74 -16.34
CA GLU B 192 -44.75 -21.25 -15.02
C GLU B 192 -43.86 -22.44 -14.99
N LEU B 193 -42.93 -22.42 -14.06
CA LEU B 193 -41.93 -23.45 -13.96
C LEU B 193 -42.48 -24.73 -13.43
N LYS B 194 -41.91 -25.84 -13.87
CA LYS B 194 -42.47 -27.14 -13.62
C LYS B 194 -41.55 -28.04 -12.82
N GLU B 195 -42.03 -29.20 -12.43
CA GLU B 195 -41.38 -30.06 -11.46
C GLU B 195 -40.01 -30.43 -11.92
N TRP B 196 -39.86 -30.66 -13.20
CA TRP B 196 -38.65 -31.18 -13.78
C TRP B 196 -37.79 -30.10 -14.37
N ASP B 197 -38.10 -28.86 -14.07
CA ASP B 197 -37.46 -27.74 -14.71
C ASP B 197 -36.30 -27.25 -13.88
N ARG B 198 -35.09 -27.34 -14.40
CA ARG B 198 -33.96 -26.79 -13.69
C ARG B 198 -33.70 -25.35 -14.13
N VAL B 199 -34.61 -24.45 -13.80
CA VAL B 199 -34.55 -23.07 -14.28
C VAL B 199 -34.28 -22.14 -13.12
N TYR B 200 -33.25 -21.32 -13.26
CA TYR B 200 -32.83 -20.42 -12.20
C TYR B 200 -33.08 -19.00 -12.60
N ASP B 201 -33.88 -18.29 -11.82
CA ASP B 201 -34.32 -16.98 -12.19
C ASP B 201 -34.79 -16.22 -10.99
N TYR B 202 -35.01 -14.94 -11.20
CA TYR B 202 -35.23 -13.93 -10.16
C TYR B 202 -36.67 -13.42 -10.15
N ALA B 203 -37.15 -13.11 -8.94
CA ALA B 203 -38.50 -12.60 -8.80
C ALA B 203 -38.59 -11.85 -7.49
N TYR B 204 -39.51 -10.90 -7.42
CA TYR B 204 -39.75 -10.15 -6.19
C TYR B 204 -40.39 -11.04 -5.13
N TYR B 205 -40.42 -10.57 -3.90
CA TYR B 205 -41.15 -11.23 -2.88
C TYR B 205 -42.58 -10.77 -2.94
N ASN B 206 -43.32 -11.21 -3.96
CA ASN B 206 -44.74 -10.92 -4.04
C ASN B 206 -45.67 -12.08 -3.85
N ASP B 207 -45.17 -13.25 -3.52
CA ASP B 207 -46.04 -14.38 -3.31
C ASP B 207 -46.50 -14.45 -1.87
N LEU B 208 -46.00 -13.53 -1.06
CA LEU B 208 -46.30 -13.43 0.36
C LEU B 208 -47.71 -13.06 0.77
N GLY B 209 -48.32 -12.16 0.02
CA GLY B 209 -49.60 -11.63 0.41
C GLY B 209 -50.70 -12.26 -0.37
N VAL B 210 -51.83 -12.46 0.28
CA VAL B 210 -53.07 -12.84 -0.38
C VAL B 210 -53.94 -11.60 -0.54
N PRO B 211 -54.27 -11.26 -1.86
CA PRO B 211 -54.92 -9.95 -1.99
C PRO B 211 -56.27 -9.81 -1.32
N PRO B 212 -57.21 -10.84 -1.43
CA PRO B 212 -58.42 -10.60 -0.61
C PRO B 212 -58.16 -10.58 0.89
N LYS B 213 -57.38 -11.51 1.41
CA LYS B 213 -57.18 -11.65 2.83
C LYS B 213 -55.73 -11.42 3.18
N ASN B 214 -55.42 -10.53 4.11
CA ASN B 214 -54.02 -10.32 4.47
C ASN B 214 -53.07 -9.97 3.30
N PRO B 215 -53.41 -8.87 2.49
CA PRO B 215 -52.38 -8.51 1.50
C PRO B 215 -51.19 -7.75 2.07
N ARG B 216 -50.13 -7.68 1.29
CA ARG B 216 -48.88 -7.16 1.73
C ARG B 216 -48.33 -6.34 0.60
N PRO B 217 -47.40 -5.40 0.84
CA PRO B 217 -46.71 -4.82 -0.31
C PRO B 217 -45.68 -5.76 -0.86
N VAL B 218 -45.35 -5.58 -2.13
CA VAL B 218 -44.33 -6.33 -2.82
C VAL B 218 -42.96 -5.91 -2.31
N LEU B 219 -41.98 -6.82 -2.25
CA LEU B 219 -40.65 -6.41 -1.81
C LEU B 219 -39.66 -6.55 -2.96
N GLY B 220 -38.97 -5.45 -3.28
CA GLY B 220 -38.13 -5.37 -4.46
C GLY B 220 -38.72 -4.44 -5.50
N GLY B 221 -37.89 -4.03 -6.47
CA GLY B 221 -38.34 -3.26 -7.61
C GLY B 221 -38.70 -1.83 -7.33
N THR B 222 -38.86 -1.42 -6.07
CA THR B 222 -39.24 -0.05 -5.76
C THR B 222 -38.30 0.56 -4.72
N GLN B 223 -38.12 1.86 -4.84
CA GLN B 223 -37.29 2.61 -3.95
C GLN B 223 -37.85 2.49 -2.58
N GLU B 224 -39.16 2.37 -2.45
CA GLU B 224 -39.71 2.33 -1.09
C GLU B 224 -39.47 1.00 -0.42
N TYR B 225 -39.46 -0.09 -1.19
CA TYR B 225 -39.27 -1.44 -0.66
C TYR B 225 -38.23 -2.21 -1.47
N PRO B 226 -36.96 -1.84 -1.37
CA PRO B 226 -35.91 -2.66 -1.97
C PRO B 226 -35.71 -3.89 -1.10
N TYR B 227 -35.33 -5.00 -1.75
CA TYR B 227 -35.19 -6.29 -1.08
C TYR B 227 -34.50 -7.24 -2.02
N PRO B 228 -33.75 -8.21 -1.51
CA PRO B 228 -33.08 -9.17 -2.39
C PRO B 228 -34.10 -10.06 -3.06
N ARG B 229 -33.64 -10.70 -4.14
CA ARG B 229 -34.53 -11.47 -4.99
C ARG B 229 -34.60 -12.93 -4.55
N ARG B 230 -35.64 -13.61 -5.04
CA ARG B 230 -35.92 -15.01 -4.78
C ARG B 230 -36.17 -15.72 -6.11
N GLY B 231 -36.01 -17.03 -6.07
CA GLY B 231 -36.19 -17.83 -7.28
C GLY B 231 -37.57 -17.65 -7.86
N ARG B 232 -37.62 -17.45 -9.17
CA ARG B 232 -38.88 -17.20 -9.85
C ARG B 232 -39.76 -18.45 -9.84
N THR B 233 -41.04 -18.30 -9.49
CA THR B 233 -41.92 -19.45 -9.65
C THR B 233 -42.77 -19.38 -10.89
N GLY B 234 -43.18 -18.17 -11.26
CA GLY B 234 -44.03 -18.01 -12.44
C GLY B 234 -45.44 -18.52 -12.27
N ARG B 235 -45.93 -18.65 -11.04
CA ARG B 235 -47.33 -18.94 -10.89
C ARG B 235 -48.17 -17.78 -11.45
N LYS B 236 -49.43 -18.07 -11.69
CA LYS B 236 -50.33 -17.14 -12.32
C LYS B 236 -50.71 -16.00 -11.38
N PRO B 237 -50.88 -14.75 -12.00
CA PRO B 237 -51.21 -13.68 -11.07
C PRO B 237 -52.65 -13.70 -10.58
N THR B 238 -52.92 -13.06 -9.47
CA THR B 238 -54.23 -13.08 -8.88
C THR B 238 -55.21 -12.31 -9.72
N LYS B 239 -56.49 -12.62 -9.56
CA LYS B 239 -57.50 -11.85 -10.24
C LYS B 239 -57.52 -10.41 -9.77
N GLU B 240 -57.45 -10.17 -8.47
CA GLU B 240 -57.44 -8.81 -7.94
C GLU B 240 -56.21 -7.96 -8.20
N ASP B 241 -55.03 -8.52 -8.03
CA ASP B 241 -53.81 -7.75 -8.10
C ASP B 241 -52.86 -8.39 -9.05
N PRO B 242 -52.40 -7.59 -10.10
CA PRO B 242 -51.47 -8.28 -11.00
C PRO B 242 -50.02 -8.14 -10.55
N GLN B 243 -49.81 -7.40 -9.48
CA GLN B 243 -48.55 -7.38 -8.76
C GLN B 243 -48.20 -8.68 -8.10
N THR B 244 -49.21 -9.36 -7.57
CA THR B 244 -49.08 -10.49 -6.66
C THR B 244 -49.32 -11.89 -7.26
N GLU B 245 -48.44 -12.85 -6.97
CA GLU B 245 -48.57 -14.22 -7.42
C GLU B 245 -49.58 -14.98 -6.61
N SER B 246 -50.15 -16.03 -7.17
CA SER B 246 -51.10 -16.83 -6.44
C SER B 246 -50.34 -17.80 -5.57
N ARG B 247 -50.78 -17.97 -4.33
CA ARG B 247 -50.15 -18.86 -3.36
C ARG B 247 -50.83 -20.22 -3.34
N LEU B 248 -50.07 -21.24 -3.00
CA LEU B 248 -50.60 -22.56 -2.83
C LEU B 248 -51.44 -22.60 -1.59
N PRO B 249 -52.46 -23.55 -1.60
CA PRO B 249 -53.24 -23.60 -0.36
C PRO B 249 -52.40 -24.16 0.76
N ILE B 250 -52.78 -23.84 1.98
CA ILE B 250 -52.17 -24.44 3.14
C ILE B 250 -52.49 -25.91 3.07
N THR B 251 -53.71 -26.21 2.70
CA THR B 251 -54.09 -27.57 2.49
C THR B 251 -53.69 -27.88 1.09
N SER B 252 -52.39 -27.86 0.82
CA SER B 252 -51.92 -28.42 -0.42
C SER B 252 -50.73 -29.25 -0.20
N SER B 253 -50.84 -30.49 -0.64
CA SER B 253 -49.85 -31.54 -0.40
C SER B 253 -48.55 -31.22 -1.07
N LEU B 254 -48.63 -30.68 -2.28
CA LEU B 254 -47.46 -30.29 -3.02
C LEU B 254 -46.85 -29.00 -2.55
N ASP B 255 -45.59 -28.82 -2.90
CA ASP B 255 -44.86 -27.66 -2.46
C ASP B 255 -44.24 -26.87 -3.59
N ILE B 256 -43.91 -25.63 -3.27
CA ILE B 256 -43.55 -24.53 -4.14
C ILE B 256 -42.27 -24.79 -4.91
N TYR B 257 -42.19 -24.32 -6.15
CA TYR B 257 -41.09 -24.70 -7.03
C TYR B 257 -39.73 -24.22 -6.51
N VAL B 258 -38.76 -25.13 -6.61
CA VAL B 258 -37.32 -24.87 -6.65
C VAL B 258 -36.71 -25.77 -7.72
N PRO B 259 -35.58 -25.38 -8.30
CA PRO B 259 -34.91 -26.24 -9.28
C PRO B 259 -34.74 -27.65 -8.75
N ARG B 260 -34.95 -28.64 -9.63
CA ARG B 260 -35.11 -30.01 -9.14
C ARG B 260 -33.86 -30.51 -8.40
N ASP B 261 -32.71 -29.88 -8.62
CA ASP B 261 -31.49 -30.24 -7.93
C ASP B 261 -31.21 -29.34 -6.73
N GLU B 262 -32.20 -28.66 -6.21
CA GLU B 262 -32.04 -27.96 -4.95
C GLU B 262 -32.87 -28.59 -3.89
N ARG B 263 -33.59 -29.62 -4.28
CA ARG B 263 -34.44 -30.30 -3.35
C ARG B 263 -34.04 -31.74 -3.37
N PHE B 264 -33.87 -32.31 -2.20
CA PHE B 264 -33.62 -33.74 -2.10
C PHE B 264 -34.50 -34.29 -0.99
N GLY B 265 -34.55 -35.59 -0.92
CA GLY B 265 -35.20 -36.24 0.18
C GLY B 265 -34.20 -36.32 1.28
N HIS B 266 -34.58 -37.02 2.32
CA HIS B 266 -33.65 -37.54 3.25
C HIS B 266 -34.17 -38.92 3.35
N LEU B 267 -33.28 -39.78 3.82
CA LEU B 267 -33.52 -41.19 4.00
C LEU B 267 -34.59 -41.41 5.02
N LYS B 268 -34.48 -40.66 6.11
CA LYS B 268 -35.27 -40.86 7.31
C LYS B 268 -36.13 -39.63 7.54
N MET B 269 -37.41 -39.83 7.80
CA MET B 269 -38.34 -38.71 7.81
C MET B 269 -37.94 -37.69 8.85
N SER B 270 -37.21 -38.10 9.87
CA SER B 270 -36.84 -37.19 10.94
C SER B 270 -36.11 -36.00 10.34
N ASP B 271 -35.34 -36.24 9.29
CA ASP B 271 -34.49 -35.21 8.77
C ASP B 271 -35.25 -34.30 7.84
N PHE B 272 -36.54 -34.53 7.73
CA PHE B 272 -37.40 -33.55 7.11
C PHE B 272 -37.79 -32.53 8.15
N LEU B 273 -36.85 -31.68 8.48
CA LEU B 273 -37.07 -30.54 9.32
C LEU B 273 -38.03 -29.68 8.57
N ALA B 274 -37.91 -29.72 7.26
CA ALA B 274 -38.73 -28.93 6.35
C ALA B 274 -40.20 -29.14 6.55
N TYR B 275 -40.59 -30.37 6.75
CA TYR B 275 -41.97 -30.71 6.87
C TYR B 275 -42.51 -30.68 8.29
N ALA B 276 -41.64 -30.69 9.27
CA ALA B 276 -42.08 -30.56 10.64
C ALA B 276 -42.69 -29.21 10.79
N LEU B 277 -42.08 -28.22 10.16
CA LEU B 277 -42.61 -26.87 10.14
C LEU B 277 -43.93 -26.80 9.41
N LYS B 278 -44.04 -27.51 8.30
CA LYS B 278 -45.28 -27.57 7.58
C LYS B 278 -46.26 -28.18 8.52
N ALA B 279 -45.80 -29.16 9.28
CA ALA B 279 -46.66 -29.78 10.27
C ALA B 279 -47.09 -28.82 11.33
N ILE B 280 -46.17 -27.99 11.78
CA ILE B 280 -46.50 -27.03 12.82
C ILE B 280 -47.52 -26.02 12.36
N ALA B 281 -47.36 -25.48 11.17
CA ALA B 281 -48.33 -24.54 10.67
C ALA B 281 -49.66 -25.18 10.43
N GLN B 282 -49.62 -26.35 9.82
CA GLN B 282 -50.81 -27.09 9.47
C GLN B 282 -51.59 -27.65 10.62
N PHE B 283 -50.89 -28.19 11.61
CA PHE B 283 -51.55 -28.98 12.62
C PHE B 283 -51.52 -28.50 14.06
N ILE B 284 -50.37 -28.14 14.58
CA ILE B 284 -50.32 -27.62 15.93
C ILE B 284 -51.01 -26.27 16.07
N GLN B 285 -50.77 -25.39 15.12
CA GLN B 285 -51.27 -24.05 15.25
C GLN B 285 -52.78 -24.04 15.22
N PRO B 286 -53.36 -24.86 14.26
CA PRO B 286 -54.83 -24.77 14.23
C PRO B 286 -55.42 -25.26 15.51
N ALA B 287 -54.83 -26.30 16.05
CA ALA B 287 -55.24 -26.86 17.32
C ALA B 287 -55.04 -25.92 18.48
N LEU B 288 -53.91 -25.25 18.54
CA LEU B 288 -53.65 -24.37 19.65
C LEU B 288 -54.66 -23.27 19.59
N GLU B 289 -54.99 -22.83 18.40
CA GLU B 289 -56.01 -21.81 18.24
C GLU B 289 -57.34 -22.29 18.80
N ALA B 290 -57.68 -23.54 18.52
CA ALA B 290 -58.90 -24.12 19.08
C ALA B 290 -58.85 -24.14 20.61
N VAL B 291 -57.81 -24.77 21.17
CA VAL B 291 -57.81 -25.04 22.61
C VAL B 291 -57.91 -23.75 23.42
N PHE B 292 -57.00 -22.84 23.10
CA PHE B 292 -56.79 -21.59 23.79
C PHE B 292 -57.84 -20.59 23.41
N ASP B 293 -58.57 -20.90 22.35
CA ASP B 293 -59.71 -20.11 21.95
C ASP B 293 -60.88 -20.17 22.93
N ASP B 294 -61.36 -21.37 23.24
CA ASP B 294 -62.48 -21.49 24.16
C ASP B 294 -62.12 -21.00 25.54
N THR B 295 -60.94 -21.36 26.03
CA THR B 295 -60.49 -20.85 27.30
C THR B 295 -59.07 -20.34 27.26
N PRO B 296 -58.90 -18.98 27.48
CA PRO B 296 -57.50 -18.56 27.58
C PRO B 296 -57.00 -18.97 28.92
N LYS B 297 -55.69 -19.10 29.07
CA LYS B 297 -55.07 -19.30 30.36
C LYS B 297 -53.88 -18.41 30.32
N GLU B 298 -53.34 -18.01 31.46
CA GLU B 298 -52.21 -17.12 31.43
C GLU B 298 -51.19 -17.67 32.40
N PHE B 299 -49.92 -17.34 32.23
CA PHE B 299 -48.91 -17.90 33.09
C PHE B 299 -48.94 -17.02 34.28
N ASP B 300 -49.62 -17.53 35.28
CA ASP B 300 -49.79 -16.83 36.52
C ASP B 300 -48.47 -16.69 37.15
N SER B 301 -47.52 -17.54 36.76
CA SER B 301 -46.28 -17.39 37.52
C SER B 301 -45.19 -18.15 36.79
N PHE B 302 -43.95 -18.00 37.27
CA PHE B 302 -42.81 -18.57 36.55
C PHE B 302 -42.78 -20.08 36.60
N GLU B 303 -43.29 -20.68 37.67
CA GLU B 303 -43.28 -22.12 37.70
C GLU B 303 -44.43 -22.72 36.90
N ASP B 304 -45.44 -21.91 36.55
CA ASP B 304 -46.35 -22.32 35.49
C ASP B 304 -45.63 -22.44 34.16
N VAL B 305 -44.63 -21.58 33.94
CA VAL B 305 -43.79 -21.67 32.75
C VAL B 305 -42.99 -22.96 32.77
N LEU B 306 -42.24 -23.18 33.85
CA LEU B 306 -41.47 -24.38 34.08
C LEU B 306 -42.33 -25.61 34.16
N LYS B 307 -43.65 -25.48 34.06
CA LYS B 307 -44.52 -26.64 33.90
C LYS B 307 -44.51 -27.18 32.47
N ILE B 308 -43.99 -26.45 31.49
CA ILE B 308 -43.96 -27.02 30.14
C ILE B 308 -42.75 -27.93 29.98
N TYR B 309 -41.75 -27.82 30.84
CA TYR B 309 -40.56 -28.68 30.77
C TYR B 309 -40.56 -29.76 31.85
N GLU B 310 -41.67 -29.93 32.56
CA GLU B 310 -41.73 -30.89 33.66
C GLU B 310 -42.84 -31.93 33.49
N GLU B 311 -44.08 -31.50 33.24
CA GLU B 311 -45.17 -32.43 32.94
C GLU B 311 -45.90 -32.13 31.64
N GLY B 312 -45.46 -31.13 30.87
CA GLY B 312 -46.15 -30.75 29.65
C GLY B 312 -47.40 -29.98 29.97
N ILE B 313 -48.17 -29.67 28.93
CA ILE B 313 -49.45 -29.02 29.13
C ILE B 313 -50.56 -29.89 28.54
N ASP B 314 -51.62 -30.05 29.33
CA ASP B 314 -52.74 -30.92 29.04
C ASP B 314 -53.62 -30.29 27.95
N LEU B 315 -54.15 -31.12 27.04
CA LEU B 315 -55.09 -30.54 26.08
C LEU B 315 -56.50 -30.98 26.43
N PRO B 316 -57.53 -30.12 26.22
CA PRO B 316 -58.83 -30.37 26.86
C PRO B 316 -59.41 -31.71 26.51
N ASN B 317 -58.98 -32.33 25.41
CA ASN B 317 -59.43 -33.69 25.17
C ASN B 317 -58.52 -34.41 24.20
N GLN B 318 -58.33 -35.70 24.49
CA GLN B 318 -57.67 -36.67 23.63
C GLN B 318 -58.30 -36.79 22.26
N ALA B 319 -59.56 -36.38 22.11
CA ALA B 319 -60.23 -36.48 20.82
C ALA B 319 -59.62 -35.52 19.81
N LEU B 320 -59.30 -34.30 20.24
CA LEU B 320 -58.68 -33.35 19.32
C LEU B 320 -57.31 -33.83 18.86
N ILE B 321 -56.51 -34.39 19.77
CA ILE B 321 -55.24 -35.01 19.36
C ILE B 321 -55.45 -36.35 18.67
N ASP B 322 -56.64 -36.87 18.60
CA ASP B 322 -56.59 -37.97 17.69
C ASP B 322 -55.84 -37.27 16.54
N SER B 323 -56.23 -36.07 16.15
CA SER B 323 -55.70 -35.45 14.95
C SER B 323 -54.22 -35.11 14.82
N ILE B 324 -53.69 -34.47 15.84
CA ILE B 324 -52.33 -33.96 15.79
C ILE B 324 -51.24 -35.02 15.78
N VAL B 325 -51.34 -36.01 16.66
CA VAL B 325 -50.39 -37.10 16.65
C VAL B 325 -50.54 -37.88 15.35
N LYS B 326 -51.79 -38.02 14.91
CA LYS B 326 -52.17 -38.82 13.77
C LYS B 326 -51.60 -38.37 12.44
N ASN B 327 -51.54 -37.07 12.21
CA ASN B 327 -51.03 -36.57 10.94
C ASN B 327 -49.52 -36.37 10.89
N ILE B 328 -48.87 -36.50 12.03
CA ILE B 328 -47.42 -36.32 12.12
C ILE B 328 -46.69 -37.58 12.53
N PRO B 329 -45.68 -37.93 11.76
CA PRO B 329 -44.89 -39.10 12.02
C PRO B 329 -44.28 -38.95 13.39
N LEU B 330 -44.21 -40.07 14.10
CA LEU B 330 -43.79 -40.04 15.50
C LEU B 330 -42.35 -39.58 15.72
N GLU B 331 -41.43 -40.03 14.87
CA GLU B 331 -40.03 -39.74 15.11
C GLU B 331 -39.84 -38.26 15.07
N MET B 332 -40.55 -37.62 14.16
CA MET B 332 -40.63 -36.17 14.04
C MET B 332 -41.30 -35.52 15.24
N LEU B 333 -42.40 -36.11 15.69
CA LEU B 333 -43.12 -35.59 16.82
C LEU B 333 -42.16 -35.46 17.94
N LYS B 334 -41.33 -36.46 18.12
CA LYS B 334 -40.34 -36.44 19.19
C LYS B 334 -39.39 -35.27 18.99
N GLU B 335 -39.06 -34.98 17.75
CA GLU B 335 -38.18 -33.88 17.48
C GLU B 335 -38.84 -32.61 17.99
N ILE B 336 -40.12 -32.44 17.68
CA ILE B 336 -40.91 -31.31 18.20
C ILE B 336 -41.24 -31.27 19.69
N PHE B 337 -41.67 -32.40 20.21
CA PHE B 337 -42.34 -32.56 21.51
C PHE B 337 -41.74 -33.74 22.25
N ARG B 338 -42.10 -33.88 23.52
CA ARG B 338 -41.72 -35.06 24.26
C ARG B 338 -42.88 -36.03 24.33
N THR B 339 -42.74 -37.18 23.71
CA THR B 339 -43.70 -38.26 23.92
C THR B 339 -43.66 -38.79 25.36
N ASP B 340 -42.49 -38.85 25.98
CA ASP B 340 -42.37 -39.27 27.38
C ASP B 340 -43.05 -38.31 28.33
N GLY B 341 -43.59 -38.79 29.43
CA GLY B 341 -44.08 -37.89 30.46
C GLY B 341 -45.51 -37.41 30.49
N GLN B 342 -46.34 -37.89 29.58
CA GLN B 342 -47.78 -37.83 29.78
C GLN B 342 -48.35 -36.44 30.05
N LYS B 343 -47.81 -35.44 29.38
CA LYS B 343 -48.47 -34.20 29.10
C LYS B 343 -48.25 -34.18 27.61
N PHE B 344 -49.28 -33.93 26.81
CA PHE B 344 -49.09 -34.09 25.37
C PHE B 344 -48.05 -33.11 24.90
N LEU B 345 -48.17 -31.88 25.34
CA LEU B 345 -47.21 -30.85 25.00
C LEU B 345 -46.16 -30.68 26.05
N LYS B 346 -44.96 -31.14 25.75
CA LYS B 346 -43.84 -31.00 26.64
C LYS B 346 -42.55 -30.86 25.82
N PHE B 347 -41.59 -30.10 26.35
CA PHE B 347 -40.39 -29.75 25.62
C PHE B 347 -39.17 -30.01 26.48
N PRO B 348 -38.00 -30.12 25.87
CA PRO B 348 -36.79 -30.34 26.67
C PRO B 348 -36.42 -29.10 27.49
N VAL B 349 -35.61 -29.32 28.52
CA VAL B 349 -35.05 -28.24 29.33
C VAL B 349 -34.00 -27.48 28.49
N PRO B 350 -34.27 -26.23 28.13
CA PRO B 350 -33.26 -25.45 27.40
C PRO B 350 -31.93 -25.41 28.16
N GLN B 351 -30.87 -25.08 27.42
CA GLN B 351 -29.56 -25.00 28.06
C GLN B 351 -29.45 -23.78 28.97
N VAL B 352 -30.07 -22.64 28.60
CA VAL B 352 -29.94 -21.43 29.42
C VAL B 352 -30.51 -21.65 30.81
N ILE B 353 -31.33 -22.68 30.95
CA ILE B 353 -32.09 -22.96 32.15
C ILE B 353 -31.72 -24.31 32.75
N LYS B 354 -30.69 -24.98 32.18
CA LYS B 354 -30.34 -26.33 32.58
C LYS B 354 -29.64 -26.36 33.93
N GLU B 355 -28.71 -25.44 34.18
CA GLU B 355 -27.93 -25.50 35.41
C GLU B 355 -28.27 -24.44 36.47
N ASP B 356 -28.97 -23.35 36.12
CA ASP B 356 -29.50 -22.41 37.11
C ASP B 356 -30.79 -21.81 36.60
N LYS B 357 -31.91 -22.14 37.26
CA LYS B 357 -33.21 -21.71 36.78
C LYS B 357 -33.36 -20.18 36.77
N THR B 358 -32.72 -19.48 37.73
CA THR B 358 -32.99 -18.06 37.94
C THR B 358 -31.79 -17.17 37.68
N ALA B 359 -30.79 -17.66 36.96
CA ALA B 359 -29.64 -16.85 36.62
C ALA B 359 -29.92 -15.84 35.51
N TRP B 360 -31.12 -15.84 34.94
CA TRP B 360 -31.46 -14.97 33.82
C TRP B 360 -32.07 -13.64 34.23
N ARG B 361 -32.70 -13.57 35.42
CA ARG B 361 -33.10 -12.28 35.95
C ARG B 361 -31.92 -11.42 36.40
N THR B 362 -30.69 -11.91 36.28
CA THR B 362 -29.55 -11.12 36.70
C THR B 362 -29.08 -10.19 35.59
N ASP B 363 -28.57 -9.03 35.99
CA ASP B 363 -28.03 -8.09 35.02
C ASP B 363 -26.75 -8.60 34.40
N GLU B 364 -26.11 -9.52 35.09
CA GLU B 364 -24.90 -10.15 34.62
C GLU B 364 -25.07 -11.03 33.40
N GLU B 365 -26.11 -11.84 33.37
CA GLU B 365 -26.49 -12.62 32.20
C GLU B 365 -27.09 -11.71 31.11
N PHE B 366 -27.87 -10.72 31.52
CA PHE B 366 -28.48 -9.82 30.56
C PHE B 366 -27.43 -9.07 29.76
N ALA B 367 -26.39 -8.57 30.40
CA ALA B 367 -25.27 -7.97 29.68
C ALA B 367 -24.42 -8.92 28.88
N ARG B 368 -24.21 -10.10 29.41
CA ARG B 368 -23.33 -11.07 28.76
C ARG B 368 -23.85 -11.55 27.44
N GLU B 369 -25.15 -11.74 27.36
CA GLU B 369 -25.80 -12.34 26.21
C GLU B 369 -25.66 -11.45 25.00
N MET B 370 -25.39 -10.20 25.25
CA MET B 370 -25.07 -9.28 24.22
C MET B 370 -23.79 -9.61 23.48
N LEU B 371 -22.86 -10.23 24.17
CA LEU B 371 -21.63 -10.71 23.56
C LEU B 371 -21.56 -12.20 23.22
N ALA B 372 -22.07 -13.03 24.10
CA ALA B 372 -21.98 -14.47 23.89
C ALA B 372 -23.32 -15.07 23.71
N GLY B 373 -24.27 -14.24 23.33
CA GLY B 373 -25.64 -14.67 23.25
C GLY B 373 -26.10 -15.24 21.94
N LEU B 374 -27.41 -15.31 21.83
CA LEU B 374 -28.16 -15.61 20.63
C LEU B 374 -28.02 -14.59 19.51
N ASN B 375 -27.98 -13.32 19.86
CA ASN B 375 -27.96 -12.27 18.87
C ASN B 375 -26.84 -11.32 19.22
N PRO B 376 -25.57 -11.85 19.02
CA PRO B 376 -24.50 -11.08 19.64
C PRO B 376 -23.83 -10.04 18.78
N VAL B 377 -24.46 -9.72 17.68
CA VAL B 377 -23.96 -8.81 16.68
C VAL B 377 -24.47 -7.38 16.72
N VAL B 378 -25.25 -7.00 17.73
CA VAL B 378 -25.83 -5.66 17.81
C VAL B 378 -25.10 -4.58 18.64
N ILE B 379 -24.39 -4.98 19.68
CA ILE B 379 -23.71 -4.08 20.59
C ILE B 379 -22.75 -3.22 19.84
N GLN B 380 -22.59 -1.99 20.31
CA GLN B 380 -21.89 -0.92 19.64
C GLN B 380 -21.04 -0.20 20.65
N LEU B 381 -20.03 0.54 20.21
CA LEU B 381 -19.26 1.35 21.12
C LEU B 381 -19.75 2.75 20.98
N LEU B 382 -20.04 3.40 22.10
CA LEU B 382 -20.64 4.73 22.07
C LEU B 382 -19.63 5.83 22.21
N LYS B 383 -19.69 6.78 21.30
CA LYS B 383 -18.75 7.87 21.35
C LYS B 383 -19.29 9.30 21.44
N GLU B 384 -20.54 9.44 21.87
CA GLU B 384 -21.10 10.73 22.19
C GLU B 384 -22.01 10.50 23.35
N PHE B 385 -22.17 11.50 24.19
CA PHE B 385 -23.09 11.38 25.28
C PHE B 385 -23.69 12.73 25.50
N PRO B 386 -24.95 12.78 25.90
CA PRO B 386 -25.90 11.68 25.79
C PRO B 386 -26.01 11.24 24.33
N PRO B 387 -26.25 9.95 24.07
CA PRO B 387 -26.26 9.47 22.67
C PRO B 387 -27.22 10.25 21.81
N LYS B 388 -26.86 10.45 20.54
CA LYS B 388 -27.73 11.11 19.57
C LYS B 388 -28.19 10.10 18.51
N SER B 389 -29.25 10.46 17.77
CA SER B 389 -29.85 9.55 16.81
C SER B 389 -29.59 9.98 15.38
N LYS B 390 -29.46 9.04 14.47
CA LYS B 390 -29.09 9.40 13.11
C LYS B 390 -30.28 9.75 12.26
N LEU B 391 -31.48 9.70 12.82
CA LEU B 391 -32.69 9.98 12.07
C LEU B 391 -32.70 11.40 11.50
N ASP B 392 -33.51 11.58 10.46
CA ASP B 392 -33.65 12.89 9.82
C ASP B 392 -34.30 13.86 10.79
N SER B 393 -33.64 14.99 11.04
CA SER B 393 -34.18 15.97 11.96
C SER B 393 -35.56 16.44 11.53
N GLU B 394 -35.73 16.71 10.23
CA GLU B 394 -36.93 17.41 9.75
C GLU B 394 -38.16 16.51 9.64
N SER B 395 -38.01 15.20 9.51
CA SER B 395 -39.19 14.34 9.45
C SER B 395 -39.50 13.63 10.76
N TYR B 396 -38.51 13.27 11.54
CA TYR B 396 -38.82 12.51 12.74
C TYR B 396 -38.78 13.20 14.07
N GLY B 397 -38.49 14.50 14.10
CA GLY B 397 -38.43 15.21 15.36
C GLY B 397 -37.14 15.05 16.12
N ASN B 398 -37.15 15.42 17.40
CA ASN B 398 -35.94 15.34 18.20
C ASN B 398 -35.86 14.01 18.88
N GLN B 399 -34.96 13.16 18.39
CA GLN B 399 -34.83 11.80 18.89
C GLN B 399 -33.61 11.48 19.73
N ASN B 400 -32.80 12.45 20.06
CA ASN B 400 -31.60 12.20 20.82
C ASN B 400 -32.03 11.80 22.21
N SER B 401 -31.16 11.12 22.95
CA SER B 401 -31.54 10.48 24.20
C SER B 401 -31.92 11.43 25.29
N THR B 402 -32.84 11.01 26.13
CA THR B 402 -33.29 11.80 27.27
C THR B 402 -32.47 11.45 28.50
N ILE B 403 -31.49 10.58 28.32
CA ILE B 403 -30.59 10.22 29.37
C ILE B 403 -29.79 11.44 29.70
N THR B 404 -29.38 11.52 30.97
CA THR B 404 -28.63 12.64 31.49
C THR B 404 -27.42 12.14 32.21
N LYS B 405 -26.44 13.01 32.35
CA LYS B 405 -25.15 12.63 32.84
C LYS B 405 -25.37 12.01 34.19
N SER B 406 -26.36 12.53 34.91
CA SER B 406 -26.64 12.07 36.24
C SER B 406 -26.97 10.60 36.26
N HIS B 407 -27.62 10.10 35.22
CA HIS B 407 -28.15 8.75 35.24
C HIS B 407 -27.13 7.63 35.38
N ILE B 408 -26.02 7.75 34.69
CA ILE B 408 -24.98 6.73 34.73
C ILE B 408 -23.80 7.07 35.62
N GLU B 409 -23.68 8.33 36.00
CA GLU B 409 -22.44 8.86 36.52
C GLU B 409 -21.92 8.19 37.77
N HIS B 410 -22.82 7.84 38.66
CA HIS B 410 -22.41 7.31 39.94
C HIS B 410 -21.80 5.93 39.76
N ASN B 411 -22.02 5.35 38.59
CA ASN B 411 -21.65 3.97 38.32
C ASN B 411 -20.42 3.71 37.47
N LEU B 412 -19.59 4.71 37.26
CA LEU B 412 -18.44 4.55 36.37
C LEU B 412 -17.05 4.46 37.02
N ASP B 413 -17.02 4.13 38.29
CA ASP B 413 -15.75 3.92 38.95
C ASP B 413 -14.87 5.13 38.79
N GLY B 414 -15.51 6.27 38.97
CA GLY B 414 -14.84 7.51 39.25
C GLY B 414 -14.30 8.15 38.01
N LEU B 415 -14.51 7.50 36.88
CA LEU B 415 -14.19 8.14 35.64
C LEU B 415 -15.30 9.12 35.51
N THR B 416 -15.07 10.25 34.88
CA THR B 416 -16.18 11.07 34.45
C THR B 416 -16.67 10.25 33.28
N VAL B 417 -17.87 10.54 32.81
CA VAL B 417 -18.34 9.87 31.62
C VAL B 417 -17.40 10.25 30.49
N GLU B 418 -17.00 11.50 30.43
CA GLU B 418 -16.08 11.91 29.39
C GLU B 418 -14.83 11.10 29.58
N GLU B 419 -14.49 10.85 30.83
CA GLU B 419 -13.31 10.06 31.10
C GLU B 419 -13.57 8.69 30.46
N ALA B 420 -14.75 8.14 30.70
CA ALA B 420 -15.11 6.84 30.13
C ALA B 420 -15.21 6.82 28.61
N LEU B 421 -15.80 7.84 28.03
CA LEU B 421 -16.00 7.85 26.60
C LEU B 421 -14.64 7.78 25.98
N GLU B 422 -13.64 8.29 26.68
CA GLU B 422 -12.29 8.31 26.14
C GLU B 422 -11.42 7.15 26.62
N LYS B 423 -11.92 6.31 27.52
CA LYS B 423 -11.26 5.03 27.77
C LYS B 423 -11.94 3.89 27.03
N GLU B 424 -12.89 4.20 26.15
CA GLU B 424 -13.64 3.18 25.43
C GLU B 424 -14.22 2.14 26.40
N ARG B 425 -15.01 2.64 27.36
CA ARG B 425 -15.58 1.80 28.41
C ARG B 425 -17.09 1.93 28.55
N LEU B 426 -17.75 2.74 27.71
CA LEU B 426 -19.20 2.83 27.69
C LEU B 426 -19.72 2.25 26.37
N PHE B 427 -20.69 1.33 26.49
CA PHE B 427 -21.16 0.57 25.35
C PHE B 427 -22.68 0.64 25.27
N ILE B 428 -23.21 0.67 24.04
CA ILE B 428 -24.63 0.96 23.83
C ILE B 428 -25.28 -0.11 22.92
N LEU B 429 -26.50 -0.46 23.25
CA LEU B 429 -27.30 -1.37 22.44
C LEU B 429 -28.50 -0.58 21.92
N ASP B 430 -28.44 -0.16 20.66
CA ASP B 430 -29.36 0.82 20.14
C ASP B 430 -30.43 0.24 19.27
N HIS B 431 -31.65 0.24 19.76
CA HIS B 431 -32.75 -0.26 19.00
C HIS B 431 -33.69 0.85 18.67
N HIS B 432 -33.33 2.07 19.01
CA HIS B 432 -34.20 3.18 18.75
C HIS B 432 -34.41 3.49 17.31
N ASP B 433 -33.33 3.59 16.57
CA ASP B 433 -33.41 4.13 15.23
C ASP B 433 -34.16 3.26 14.25
N THR B 434 -33.92 1.97 14.30
CA THR B 434 -34.63 1.05 13.44
C THR B 434 -36.13 0.95 13.73
N LEU B 435 -36.48 0.88 15.00
CA LEU B 435 -37.85 0.78 15.46
C LEU B 435 -38.78 1.96 15.33
N MET B 436 -38.30 3.18 15.54
CA MET B 436 -39.24 4.27 15.75
C MET B 436 -40.16 4.54 14.59
N PRO B 437 -39.56 4.56 13.32
CA PRO B 437 -40.47 4.94 12.25
C PRO B 437 -41.65 4.03 12.13
N TYR B 438 -41.52 2.76 12.41
CA TYR B 438 -42.65 1.87 12.38
C TYR B 438 -43.42 1.69 13.68
N LEU B 439 -42.99 2.32 14.77
CA LEU B 439 -43.62 2.09 16.07
C LEU B 439 -45.06 2.51 16.23
N GLY B 440 -45.40 3.69 15.74
CA GLY B 440 -46.78 4.14 15.62
C GLY B 440 -47.66 3.12 14.95
N ARG B 441 -47.16 2.46 13.90
CA ARG B 441 -47.89 1.39 13.22
C ARG B 441 -47.87 0.08 14.00
N VAL B 442 -46.66 -0.37 14.37
CA VAL B 442 -46.52 -1.60 15.16
C VAL B 442 -47.47 -1.55 16.35
N ASN B 443 -47.55 -0.44 17.04
CA ASN B 443 -48.28 -0.36 18.30
C ASN B 443 -49.78 -0.55 18.30
N THR B 444 -50.42 -0.30 17.17
CA THR B 444 -51.83 -0.58 16.98
C THR B 444 -52.15 -2.07 16.97
N THR B 445 -51.16 -2.89 16.68
CA THR B 445 -51.35 -4.31 16.53
C THR B 445 -51.40 -4.88 17.91
N THR B 446 -51.36 -6.19 18.03
CA THR B 446 -51.50 -6.86 19.31
C THR B 446 -50.37 -6.48 20.26
N THR B 447 -49.21 -6.21 19.70
CA THR B 447 -48.04 -5.82 20.44
C THR B 447 -48.23 -4.43 20.99
N LYS B 448 -47.60 -4.13 22.12
CA LYS B 448 -47.37 -2.77 22.63
C LYS B 448 -45.89 -2.63 22.93
N THR B 449 -45.18 -1.62 22.44
CA THR B 449 -43.74 -1.70 22.71
C THR B 449 -43.18 -0.29 22.82
N TYR B 450 -41.85 -0.25 23.00
CA TYR B 450 -41.03 0.96 23.04
C TYR B 450 -39.81 0.71 22.15
N ALA B 451 -39.10 1.78 21.78
CA ALA B 451 -37.74 1.65 21.27
C ALA B 451 -36.75 1.90 22.39
N SER B 452 -35.63 1.18 22.37
CA SER B 452 -34.74 1.13 23.53
C SER B 452 -33.34 1.57 23.18
N ARG B 453 -32.73 2.28 24.10
CA ARG B 453 -31.29 2.37 24.23
C ARG B 453 -30.92 1.77 25.58
N THR B 454 -29.94 0.87 25.60
CA THR B 454 -29.37 0.35 26.83
C THR B 454 -27.88 0.66 26.83
N LEU B 455 -27.43 1.36 27.85
CA LEU B 455 -26.02 1.71 28.01
C LEU B 455 -25.37 0.79 29.05
N LEU B 456 -24.20 0.26 28.69
CA LEU B 456 -23.44 -0.61 29.56
C LEU B 456 -22.07 0.00 29.81
N PHE B 457 -21.50 -0.40 30.95
CA PHE B 457 -20.17 0.01 31.38
C PHE B 457 -19.31 -1.20 31.54
N LEU B 458 -18.10 -1.11 31.00
CA LEU B 458 -17.14 -2.18 31.06
C LEU B 458 -16.22 -2.07 32.28
N LYS B 459 -16.47 -2.94 33.24
CA LYS B 459 -15.71 -3.01 34.46
C LYS B 459 -14.33 -3.58 34.20
N ASP B 460 -13.38 -3.35 35.09
CA ASP B 460 -11.97 -3.58 34.81
C ASP B 460 -11.71 -5.06 34.52
N ASP B 461 -12.62 -5.93 34.94
CA ASP B 461 -12.45 -7.38 34.77
C ASP B 461 -13.00 -7.96 33.48
N GLY B 462 -13.42 -7.12 32.54
CA GLY B 462 -13.87 -7.62 31.27
C GLY B 462 -15.33 -7.97 31.12
N THR B 463 -16.14 -7.52 32.05
CA THR B 463 -17.55 -7.76 31.94
C THR B 463 -18.25 -6.42 31.82
N LEU B 464 -19.44 -6.43 31.28
CA LEU B 464 -20.23 -5.23 31.10
C LEU B 464 -21.26 -5.23 32.16
N LYS B 465 -21.54 -4.07 32.73
CA LYS B 465 -22.69 -3.91 33.59
C LYS B 465 -23.70 -2.94 33.00
N PRO B 466 -25.03 -3.37 32.97
CA PRO B 466 -25.97 -2.36 32.45
C PRO B 466 -26.22 -1.16 33.36
N LEU B 467 -26.22 0.03 32.80
CA LEU B 467 -26.41 1.25 33.58
C LEU B 467 -27.83 1.80 33.55
N VAL B 468 -28.38 2.01 32.35
CA VAL B 468 -29.64 2.71 32.22
C VAL B 468 -30.36 2.17 31.00
N ILE B 469 -31.68 2.11 31.08
CA ILE B 469 -32.50 1.73 29.95
C ILE B 469 -33.49 2.86 29.70
N GLU B 470 -33.49 3.38 28.48
CA GLU B 470 -34.41 4.42 28.05
C GLU B 470 -35.40 3.80 27.07
N LEU B 471 -36.70 4.04 27.30
CA LEU B 471 -37.78 3.42 26.55
C LEU B 471 -38.63 4.50 25.90
N SER B 472 -38.43 4.70 24.60
CA SER B 472 -39.05 5.82 23.90
C SER B 472 -40.30 5.43 23.12
N LEU B 473 -41.29 6.29 23.14
CA LEU B 473 -42.54 6.01 22.48
C LEU B 473 -42.63 7.13 21.50
N PRO B 474 -43.42 6.90 20.36
CA PRO B 474 -43.42 8.04 19.43
C PRO B 474 -44.14 9.19 20.06
N HIS B 475 -43.89 10.39 19.62
CA HIS B 475 -44.47 11.56 20.25
C HIS B 475 -45.94 11.40 20.11
N PRO B 476 -46.73 11.96 21.12
CA PRO B 476 -48.14 11.64 21.01
C PRO B 476 -48.89 12.54 20.08
N ASN B 477 -48.24 13.52 19.51
CA ASN B 477 -48.87 14.40 18.53
C ASN B 477 -48.53 13.97 17.14
N GLY B 478 -47.82 12.87 17.02
CA GLY B 478 -47.41 12.37 15.74
C GLY B 478 -45.91 12.24 15.64
N ASP B 479 -45.49 11.49 14.64
CA ASP B 479 -44.10 11.15 14.50
C ASP B 479 -43.27 12.36 14.26
N LYS B 480 -43.85 13.35 13.61
CA LYS B 480 -43.12 14.53 13.17
C LYS B 480 -42.53 15.32 14.31
N PHE B 481 -43.14 15.30 15.48
CA PHE B 481 -42.74 16.18 16.54
C PHE B 481 -41.73 15.65 17.52
N GLY B 482 -41.42 14.36 17.48
CA GLY B 482 -40.45 13.82 18.38
C GLY B 482 -40.75 12.46 18.95
N ALA B 483 -40.16 12.19 20.11
CA ALA B 483 -40.45 11.00 20.90
C ALA B 483 -40.58 11.36 22.35
N VAL B 484 -41.53 10.77 23.06
CA VAL B 484 -41.68 10.90 24.50
C VAL B 484 -41.07 9.68 25.17
N SER B 485 -40.02 9.90 25.98
CA SER B 485 -39.24 8.82 26.55
C SER B 485 -39.27 8.82 28.07
N GLU B 486 -39.10 7.63 28.65
CA GLU B 486 -39.10 7.44 30.09
C GLU B 486 -37.95 6.49 30.42
N VAL B 487 -36.97 6.96 31.19
CA VAL B 487 -35.74 6.21 31.44
C VAL B 487 -35.92 5.35 32.69
N TYR B 488 -35.43 4.11 32.66
CA TYR B 488 -35.43 3.26 33.86
C TYR B 488 -34.00 2.81 34.18
N THR B 489 -33.70 2.70 35.46
CA THR B 489 -32.36 2.35 35.95
C THR B 489 -32.42 1.46 37.14
N PRO B 490 -31.22 0.77 37.44
CA PRO B 490 -31.36 -0.18 38.55
C PRO B 490 -31.67 0.49 39.87
N GLY B 491 -32.61 -0.07 40.61
CA GLY B 491 -33.02 0.54 41.86
C GLY B 491 -33.50 -0.45 42.88
N GLU B 492 -33.55 -0.02 44.15
CA GLU B 492 -34.07 -0.84 45.23
C GLU B 492 -35.58 -0.79 45.34
N GLY B 493 -36.16 -1.88 45.82
CA GLY B 493 -37.60 -2.04 45.88
C GLY B 493 -38.36 -2.09 44.56
N VAL B 494 -39.46 -1.36 44.46
CA VAL B 494 -40.31 -1.49 43.28
C VAL B 494 -39.46 -1.14 42.11
N TYR B 495 -38.60 -0.15 42.29
CA TYR B 495 -37.83 0.37 41.20
C TYR B 495 -37.05 -0.79 40.64
N ASP B 496 -36.67 -1.71 41.49
CA ASP B 496 -35.95 -2.88 41.03
C ASP B 496 -36.88 -3.60 40.10
N SER B 497 -38.15 -3.67 40.45
CA SER B 497 -39.13 -4.36 39.65
C SER B 497 -39.33 -3.72 38.30
N LEU B 498 -39.30 -2.41 38.22
CA LEU B 498 -39.48 -1.74 36.94
C LEU B 498 -38.36 -2.14 36.00
N TRP B 499 -37.16 -2.20 36.54
CA TRP B 499 -35.93 -2.53 35.83
C TRP B 499 -36.02 -3.91 35.18
N GLN B 500 -36.70 -4.86 35.83
CA GLN B 500 -36.87 -6.16 35.18
C GLN B 500 -37.79 -6.06 33.96
N LEU B 501 -38.80 -5.19 34.01
CA LEU B 501 -39.63 -4.99 32.82
C LEU B 501 -38.87 -4.30 31.72
N ALA B 502 -38.07 -3.28 32.06
CA ALA B 502 -37.25 -2.62 31.07
C ALA B 502 -36.31 -3.61 30.37
N LYS B 503 -35.79 -4.56 31.13
CA LYS B 503 -35.01 -5.63 30.51
C LYS B 503 -35.88 -6.55 29.63
N ALA B 504 -37.17 -6.68 29.90
CA ALA B 504 -37.95 -7.52 28.99
C ALA B 504 -38.35 -6.77 27.74
N PHE B 505 -38.52 -5.44 27.83
CA PHE B 505 -38.82 -4.69 26.61
C PHE B 505 -37.59 -4.52 25.70
N VAL B 506 -36.38 -4.64 26.24
CA VAL B 506 -35.23 -4.66 25.34
C VAL B 506 -35.10 -6.03 24.71
N GLY B 507 -35.43 -7.08 25.47
CA GLY B 507 -35.52 -8.41 24.88
C GLY B 507 -36.41 -8.45 23.66
N VAL B 508 -37.56 -7.77 23.71
CA VAL B 508 -38.48 -7.81 22.58
C VAL B 508 -37.88 -7.09 21.39
N ASN B 509 -37.40 -5.87 21.61
CA ASN B 509 -36.62 -5.19 20.58
C ASN B 509 -35.52 -6.12 20.05
N ASP B 510 -34.75 -6.75 20.94
CA ASP B 510 -33.61 -7.54 20.47
C ASP B 510 -34.07 -8.75 19.65
N SER B 511 -34.88 -9.63 20.26
CA SER B 511 -35.19 -10.88 19.54
C SER B 511 -35.92 -10.58 18.24
N GLY B 512 -36.64 -9.45 18.16
CA GLY B 512 -37.19 -9.01 16.89
C GLY B 512 -36.12 -8.63 15.88
N ASN B 513 -35.08 -7.93 16.33
CA ASN B 513 -33.96 -7.63 15.46
C ASN B 513 -33.20 -8.90 15.11
N HIS B 514 -33.23 -9.88 15.99
CA HIS B 514 -32.55 -11.14 15.73
C HIS B 514 -33.22 -11.90 14.59
N GLN B 515 -34.50 -12.28 14.76
CA GLN B 515 -35.20 -13.04 13.73
C GLN B 515 -35.15 -12.35 12.38
N LEU B 516 -35.59 -11.10 12.34
CA LEU B 516 -35.83 -10.38 11.10
C LEU B 516 -34.53 -9.99 10.39
N ILE B 517 -33.64 -9.31 11.10
CA ILE B 517 -32.45 -8.85 10.45
C ILE B 517 -31.34 -9.84 10.56
N SER B 518 -31.03 -10.23 11.78
CA SER B 518 -29.86 -11.03 11.96
C SER B 518 -30.03 -12.34 11.26
N HIS B 519 -31.15 -13.03 11.46
CA HIS B 519 -31.27 -14.36 10.91
C HIS B 519 -31.88 -14.34 9.54
N TRP B 520 -33.04 -13.74 9.37
CA TRP B 520 -33.67 -13.72 8.06
C TRP B 520 -33.10 -12.82 6.95
N MET B 521 -32.92 -11.54 7.21
CA MET B 521 -32.45 -10.65 6.17
C MET B 521 -31.03 -10.91 5.76
N GLN B 522 -30.17 -11.11 6.73
CA GLN B 522 -28.73 -11.28 6.50
C GLN B 522 -28.30 -12.57 5.86
N THR B 523 -28.97 -13.64 6.23
CA THR B 523 -28.54 -14.94 5.84
C THR B 523 -29.51 -15.56 4.87
N HIS B 524 -30.72 -15.81 5.33
CA HIS B 524 -31.66 -16.53 4.52
C HIS B 524 -32.01 -15.78 3.26
N ALA B 525 -32.30 -14.50 3.36
CA ALA B 525 -32.84 -13.78 2.22
C ALA B 525 -31.81 -13.13 1.33
N SER B 526 -30.62 -12.93 1.86
CA SER B 526 -29.58 -12.27 1.13
C SER B 526 -28.63 -13.21 0.46
N ILE B 527 -28.57 -14.42 0.94
CA ILE B 527 -27.83 -15.46 0.27
C ILE B 527 -28.46 -15.85 -1.06
N GLU B 528 -29.77 -15.92 -1.10
CA GLU B 528 -30.42 -16.61 -2.17
C GLU B 528 -30.04 -16.00 -3.47
N PRO B 529 -29.96 -14.70 -3.57
CA PRO B 529 -29.53 -14.12 -4.85
C PRO B 529 -28.23 -14.69 -5.37
N PHE B 530 -27.32 -15.17 -4.52
CA PHE B 530 -26.08 -15.73 -5.05
C PHE B 530 -26.28 -17.14 -5.61
N VAL B 531 -27.01 -18.01 -4.92
CA VAL B 531 -27.16 -19.37 -5.45
C VAL B 531 -27.75 -19.31 -6.86
N ILE B 532 -28.70 -18.39 -7.06
CA ILE B 532 -29.29 -18.17 -8.38
C ILE B 532 -28.26 -17.70 -9.38
N ALA B 533 -27.45 -16.70 -9.01
CA ALA B 533 -26.49 -16.15 -9.96
C ALA B 533 -25.37 -17.14 -10.27
N THR B 534 -24.92 -17.92 -9.27
CA THR B 534 -23.85 -18.90 -9.50
C THR B 534 -24.26 -19.95 -10.53
N ASN B 535 -25.43 -20.53 -10.36
CA ASN B 535 -25.85 -21.55 -11.33
C ASN B 535 -26.15 -20.93 -12.69
N ARG B 536 -26.67 -19.69 -12.74
CA ARG B 536 -27.04 -19.09 -14.02
C ARG B 536 -25.82 -18.73 -14.83
N GLN B 537 -24.74 -18.29 -14.20
CA GLN B 537 -23.63 -17.71 -14.95
C GLN B 537 -22.32 -18.48 -14.86
N LEU B 538 -22.21 -19.41 -13.93
CA LEU B 538 -21.00 -20.18 -13.77
C LEU B 538 -21.24 -21.64 -14.06
N SER B 539 -20.45 -22.21 -14.95
CA SER B 539 -20.66 -23.59 -15.35
C SER B 539 -20.29 -24.39 -14.17
N VAL B 540 -20.79 -25.61 -14.15
CA VAL B 540 -20.54 -26.58 -13.09
C VAL B 540 -19.06 -26.89 -13.08
N LEU B 541 -18.46 -26.75 -14.24
CA LEU B 541 -17.04 -26.95 -14.45
C LEU B 541 -16.18 -25.89 -13.80
N HIS B 542 -16.74 -24.73 -13.53
CA HIS B 542 -15.98 -23.59 -13.05
C HIS B 542 -15.34 -23.79 -11.71
N PRO B 543 -14.04 -23.27 -11.58
CA PRO B 543 -13.50 -23.38 -10.22
C PRO B 543 -14.24 -22.62 -9.13
N VAL B 544 -14.74 -21.42 -9.40
CA VAL B 544 -15.44 -20.66 -8.38
C VAL B 544 -16.78 -21.30 -8.04
N PHE B 545 -17.31 -22.13 -8.95
CA PHE B 545 -18.54 -22.87 -8.67
C PHE B 545 -18.31 -23.93 -7.60
N LYS B 546 -17.30 -24.80 -7.79
CA LYS B 546 -16.98 -25.87 -6.85
C LYS B 546 -16.67 -25.36 -5.45
N LEU B 547 -16.33 -24.08 -5.29
CA LEU B 547 -15.94 -23.63 -3.96
C LEU B 547 -17.15 -23.22 -3.15
N LEU B 548 -18.12 -22.56 -3.77
CA LEU B 548 -19.29 -22.03 -3.09
C LEU B 548 -20.49 -22.97 -3.12
N GLU B 549 -20.48 -24.02 -3.94
CA GLU B 549 -21.68 -24.85 -4.09
C GLU B 549 -21.99 -25.71 -2.87
N PRO B 550 -21.03 -26.07 -2.02
CA PRO B 550 -21.40 -26.67 -0.73
C PRO B 550 -22.07 -25.70 0.22
N HIS B 551 -21.83 -24.40 0.08
CA HIS B 551 -22.38 -23.40 0.98
C HIS B 551 -23.73 -22.91 0.55
N PHE B 552 -24.22 -23.38 -0.59
CA PHE B 552 -25.56 -23.08 -1.07
C PHE B 552 -26.56 -24.22 -0.83
N ARG B 553 -26.12 -25.40 -0.40
CA ARG B 553 -27.01 -26.54 -0.47
C ARG B 553 -28.21 -26.38 0.44
N ASP B 554 -29.39 -26.59 -0.12
CA ASP B 554 -30.66 -26.61 0.60
C ASP B 554 -31.12 -25.23 1.03
N THR B 555 -30.31 -24.21 0.80
CA THR B 555 -30.73 -22.85 1.10
C THR B 555 -32.06 -22.54 0.42
N MET B 556 -32.14 -22.79 -0.90
CA MET B 556 -33.33 -22.39 -1.65
C MET B 556 -34.55 -23.17 -1.20
N ASN B 557 -34.40 -24.47 -0.94
CA ASN B 557 -35.56 -25.28 -0.61
C ASN B 557 -36.24 -24.76 0.64
N ILE B 558 -35.45 -24.43 1.66
CA ILE B 558 -36.06 -24.03 2.90
C ILE B 558 -36.59 -22.60 2.82
N ASN B 559 -36.01 -21.77 1.96
CA ASN B 559 -36.52 -20.40 1.79
C ASN B 559 -37.85 -20.39 1.05
N ALA B 560 -38.06 -21.30 0.14
CA ALA B 560 -39.32 -21.39 -0.51
C ALA B 560 -40.33 -21.73 0.53
N LEU B 561 -39.97 -22.59 1.47
CA LEU B 561 -40.88 -22.95 2.52
C LEU B 561 -41.26 -21.78 3.38
N ALA B 562 -40.32 -20.91 3.68
CA ALA B 562 -40.58 -19.82 4.58
C ALA B 562 -41.65 -19.02 3.95
N ARG B 563 -41.51 -18.82 2.67
CA ARG B 563 -42.46 -18.05 1.94
C ARG B 563 -43.79 -18.71 2.01
N GLN B 564 -43.82 -20.03 1.92
CA GLN B 564 -45.07 -20.75 2.00
C GLN B 564 -45.77 -20.70 3.35
N ILE B 565 -45.04 -20.87 4.44
CA ILE B 565 -45.70 -20.85 5.75
C ILE B 565 -45.18 -19.90 6.83
N LEU B 566 -44.03 -19.29 6.64
CA LEU B 566 -43.42 -18.55 7.72
C LEU B 566 -43.54 -17.06 7.60
N ILE B 567 -43.25 -16.54 6.42
CA ILE B 567 -43.24 -15.11 6.26
C ILE B 567 -44.34 -14.55 5.39
N ASN B 568 -45.32 -15.38 5.08
CA ASN B 568 -46.45 -14.97 4.29
C ASN B 568 -47.40 -14.17 5.14
N GLY B 569 -48.37 -13.50 4.53
CA GLY B 569 -49.34 -12.77 5.31
C GLY B 569 -50.06 -13.78 6.16
N GLY B 570 -50.17 -13.50 7.45
CA GLY B 570 -50.79 -14.43 8.37
C GLY B 570 -49.89 -15.55 8.81
N GLY B 571 -48.62 -15.45 8.55
CA GLY B 571 -47.70 -16.53 8.80
C GLY B 571 -47.40 -16.73 10.25
N ILE B 572 -46.71 -17.81 10.56
CA ILE B 572 -46.21 -18.11 11.90
C ILE B 572 -45.23 -17.09 12.43
N PHE B 573 -44.61 -16.39 11.52
CA PHE B 573 -43.62 -15.36 11.81
C PHE B 573 -44.28 -14.04 12.20
N GLU B 574 -45.36 -13.66 11.51
CA GLU B 574 -46.08 -12.50 11.97
C GLU B 574 -46.84 -12.75 13.26
N ILE B 575 -47.01 -14.01 13.67
CA ILE B 575 -47.73 -14.33 14.89
C ILE B 575 -46.82 -14.38 16.11
N THR B 576 -45.55 -14.65 15.88
CA THR B 576 -44.67 -14.85 16.98
C THR B 576 -43.63 -13.80 17.16
N VAL B 577 -43.63 -12.78 16.33
CA VAL B 577 -42.66 -11.73 16.49
C VAL B 577 -43.34 -10.40 16.62
N PHE B 578 -42.70 -9.49 17.34
CA PHE B 578 -43.35 -8.29 17.78
C PHE B 578 -43.87 -7.39 16.70
N PRO B 579 -43.11 -7.27 15.52
CA PRO B 579 -43.74 -6.40 14.50
C PRO B 579 -45.09 -6.86 14.01
N SER B 580 -45.40 -8.13 13.98
CA SER B 580 -46.67 -8.55 13.40
C SER B 580 -46.76 -8.20 11.95
N LYS B 581 -47.85 -7.58 11.54
CA LYS B 581 -48.18 -7.38 10.14
C LYS B 581 -47.06 -6.67 9.44
N TYR B 582 -46.42 -5.77 10.13
CA TYR B 582 -45.40 -4.93 9.54
C TYR B 582 -44.05 -5.60 9.60
N ALA B 583 -43.99 -6.85 10.02
CA ALA B 583 -42.71 -7.49 10.27
C ALA B 583 -41.80 -7.59 9.08
N MET B 584 -42.31 -8.04 7.96
CA MET B 584 -41.50 -8.25 6.78
C MET B 584 -41.14 -6.95 6.14
N GLU B 585 -42.09 -6.06 6.22
CA GLU B 585 -42.01 -4.78 5.59
C GLU B 585 -40.84 -4.00 6.16
N MET B 586 -40.62 -4.12 7.45
CA MET B 586 -39.49 -3.48 8.09
C MET B 586 -38.14 -3.97 7.64
N SER B 587 -37.98 -5.28 7.51
CA SER B 587 -36.69 -5.80 7.10
C SER B 587 -36.24 -5.19 5.78
N SER B 588 -37.19 -4.75 4.94
CA SER B 588 -36.84 -4.00 3.73
C SER B 588 -36.29 -2.62 4.08
N PHE B 589 -36.93 -1.97 5.03
CA PHE B 589 -36.53 -0.67 5.50
C PHE B 589 -35.15 -0.79 6.08
N ILE B 590 -34.92 -1.82 6.86
CA ILE B 590 -33.58 -2.08 7.36
C ILE B 590 -32.59 -2.46 6.28
N TYR B 591 -33.03 -3.25 5.29
CA TYR B 591 -32.15 -3.60 4.20
C TYR B 591 -31.78 -2.34 3.47
N LYS B 592 -32.76 -1.49 3.21
CA LYS B 592 -32.50 -0.37 2.35
C LYS B 592 -31.46 0.52 2.98
N ASN B 593 -31.71 0.89 4.21
CA ASN B 593 -30.85 1.80 4.94
C ASN B 593 -29.48 1.29 5.36
N HIS B 594 -29.40 0.04 5.79
CA HIS B 594 -28.18 -0.48 6.37
C HIS B 594 -27.44 -1.68 5.82
N TRP B 595 -27.81 -2.23 4.67
CA TRP B 595 -27.12 -3.42 4.20
C TRP B 595 -26.18 -3.13 3.06
N THR B 596 -24.94 -3.55 3.21
CA THR B 596 -23.99 -3.46 2.15
C THR B 596 -23.17 -4.73 2.11
N PHE B 597 -22.70 -5.12 0.95
CA PHE B 597 -21.92 -6.36 0.81
C PHE B 597 -20.64 -6.31 1.61
N PRO B 598 -19.73 -5.35 1.43
CA PRO B 598 -18.43 -5.45 2.10
C PRO B 598 -18.53 -5.40 3.61
N ASP B 599 -19.64 -4.92 4.17
CA ASP B 599 -19.72 -4.86 5.62
C ASP B 599 -20.09 -6.19 6.23
N GLN B 600 -20.56 -7.16 5.44
CA GLN B 600 -20.81 -8.50 5.98
C GLN B 600 -19.53 -9.23 6.37
N ALA B 601 -18.37 -8.73 5.96
CA ALA B 601 -17.09 -9.29 6.39
C ALA B 601 -16.90 -9.07 7.88
N LEU B 602 -16.71 -10.15 8.64
CA LEU B 602 -16.61 -10.06 10.10
C LEU B 602 -15.76 -8.89 10.58
N PRO B 603 -14.51 -8.70 10.13
CA PRO B 603 -13.72 -7.58 10.65
C PRO B 603 -14.35 -6.21 10.40
N ALA B 604 -14.93 -5.99 9.22
CA ALA B 604 -15.46 -4.66 8.93
C ALA B 604 -16.75 -4.41 9.68
N GLU B 605 -17.56 -5.45 9.89
CA GLU B 605 -18.76 -5.30 10.72
C GLU B 605 -18.38 -5.00 12.16
N LEU B 606 -17.35 -5.68 12.67
CA LEU B 606 -16.79 -5.35 13.97
C LEU B 606 -16.35 -3.91 14.01
N LYS B 607 -15.45 -3.52 13.10
CA LYS B 607 -15.00 -2.13 13.08
C LYS B 607 -16.19 -1.19 12.93
N LYS B 608 -17.28 -1.65 12.32
CA LYS B 608 -18.42 -0.78 12.10
C LYS B 608 -19.12 -0.45 13.42
N ARG B 609 -19.37 -1.45 14.24
CA ARG B 609 -19.91 -1.20 15.55
C ARG B 609 -18.86 -0.66 16.49
N GLY B 610 -17.63 -0.48 16.01
CA GLY B 610 -16.58 0.03 16.85
C GLY B 610 -16.17 -0.89 17.96
N MET B 611 -16.38 -2.20 17.78
CA MET B 611 -15.90 -3.22 18.70
C MET B 611 -14.45 -3.66 18.43
N ALA B 612 -13.84 -3.19 17.33
CA ALA B 612 -12.44 -3.54 17.09
C ALA B 612 -11.80 -2.48 16.21
N VAL B 613 -10.49 -2.33 16.30
CA VAL B 613 -9.80 -1.33 15.52
C VAL B 613 -8.57 -1.92 14.87
N GLU B 614 -8.00 -1.20 13.93
CA GLU B 614 -6.75 -1.63 13.33
C GLU B 614 -5.58 -1.30 14.24
N ASP B 615 -4.95 -2.32 14.80
CA ASP B 615 -3.71 -2.16 15.54
C ASP B 615 -2.67 -3.13 15.02
N PRO B 616 -1.46 -2.54 14.63
CA PRO B 616 -0.55 -3.48 13.97
C PRO B 616 -0.03 -4.61 14.82
N GLU B 617 0.38 -4.35 16.04
CA GLU B 617 0.93 -5.40 16.87
C GLU B 617 -0.25 -6.09 17.47
N ALA B 618 -1.12 -6.58 16.61
CA ALA B 618 -2.35 -7.21 17.04
C ALA B 618 -2.40 -8.43 16.22
N PRO B 619 -3.09 -9.51 16.79
CA PRO B 619 -2.86 -10.78 16.09
C PRO B 619 -3.18 -10.77 14.62
N HIS B 620 -4.22 -10.07 14.20
CA HIS B 620 -4.44 -9.95 12.77
C HIS B 620 -4.47 -8.55 12.19
N GLY B 621 -3.96 -7.57 12.91
CA GLY B 621 -4.18 -6.19 12.52
C GLY B 621 -5.50 -5.73 13.07
N LEU B 622 -6.11 -6.53 13.92
CA LEU B 622 -7.38 -6.21 14.55
C LEU B 622 -7.26 -6.38 16.04
N ARG B 623 -7.75 -5.41 16.82
CA ARG B 623 -7.68 -5.48 18.26
C ARG B 623 -9.07 -5.39 18.80
N LEU B 624 -9.45 -6.21 19.77
CA LEU B 624 -10.81 -6.07 20.29
C LEU B 624 -10.87 -5.05 21.43
N ARG B 625 -11.91 -4.22 21.41
CA ARG B 625 -12.21 -3.25 22.48
C ARG B 625 -12.64 -3.93 23.74
N ILE B 626 -13.37 -5.01 23.57
CA ILE B 626 -13.56 -5.97 24.61
C ILE B 626 -12.76 -7.18 24.20
N LYS B 627 -11.72 -7.50 24.95
CA LYS B 627 -10.89 -8.62 24.58
C LYS B 627 -11.68 -9.90 24.63
N ASP B 628 -12.52 -10.05 25.62
CA ASP B 628 -13.39 -11.20 25.69
C ASP B 628 -14.74 -10.89 25.11
N TYR B 629 -14.95 -11.27 23.85
CA TYR B 629 -16.22 -11.20 23.21
C TYR B 629 -16.26 -12.52 22.51
N PRO B 630 -17.11 -13.51 23.04
CA PRO B 630 -16.99 -14.81 22.38
C PRO B 630 -17.31 -14.84 20.89
N TYR B 631 -18.37 -14.19 20.44
CA TYR B 631 -18.80 -14.35 19.08
C TYR B 631 -17.66 -13.90 18.21
N ALA B 632 -16.95 -12.89 18.65
CA ALA B 632 -15.89 -12.29 17.85
C ALA B 632 -14.63 -13.15 17.86
N VAL B 633 -14.26 -13.65 19.04
CA VAL B 633 -12.94 -14.25 19.14
C VAL B 633 -12.97 -15.63 18.51
N ASP B 634 -14.09 -16.33 18.62
CA ASP B 634 -14.24 -17.58 17.88
C ASP B 634 -14.45 -17.30 16.39
N GLY B 635 -15.39 -16.38 16.07
CA GLY B 635 -15.68 -16.03 14.68
C GLY B 635 -14.46 -15.59 13.90
N LEU B 636 -13.60 -14.76 14.50
CA LEU B 636 -12.42 -14.25 13.80
C LEU B 636 -11.43 -15.37 13.46
N GLU B 637 -11.22 -16.32 14.37
CA GLU B 637 -10.48 -17.51 13.98
C GLU B 637 -11.12 -18.14 12.74
N VAL B 638 -12.44 -18.36 12.79
CA VAL B 638 -13.16 -18.95 11.65
C VAL B 638 -12.98 -18.09 10.40
N TRP B 639 -13.43 -16.84 10.47
CA TRP B 639 -13.28 -15.90 9.36
C TRP B 639 -11.91 -15.96 8.69
N TYR B 640 -10.83 -15.97 9.48
CA TYR B 640 -9.52 -15.96 8.85
C TYR B 640 -9.18 -17.33 8.28
N ALA B 641 -9.67 -18.41 8.91
CA ALA B 641 -9.48 -19.76 8.39
C ALA B 641 -10.05 -19.91 6.99
N ILE B 642 -11.31 -19.49 6.83
CA ILE B 642 -11.95 -19.49 5.51
C ILE B 642 -11.16 -18.63 4.54
N GLU B 643 -10.86 -17.38 4.91
CA GLU B 643 -10.10 -16.53 4.01
C GLU B 643 -8.83 -17.23 3.57
N SER B 644 -8.15 -17.89 4.51
CA SER B 644 -6.91 -18.58 4.22
C SER B 644 -7.09 -19.72 3.24
N TRP B 645 -8.30 -20.23 3.08
CA TRP B 645 -8.62 -21.34 2.18
C TRP B 645 -9.18 -20.88 0.85
N VAL B 646 -10.05 -19.86 0.86
CA VAL B 646 -10.41 -19.19 -0.38
C VAL B 646 -9.18 -18.62 -1.06
N ARG B 647 -8.17 -18.21 -0.29
CA ARG B 647 -6.95 -17.66 -0.84
C ARG B 647 -6.08 -18.74 -1.50
N ASP B 648 -5.84 -19.84 -0.77
CA ASP B 648 -5.15 -21.01 -1.35
C ASP B 648 -5.80 -21.40 -2.67
N TYR B 649 -7.12 -21.35 -2.74
CA TYR B 649 -7.83 -21.98 -3.85
C TYR B 649 -7.98 -21.06 -5.05
N ILE B 650 -8.25 -19.76 -4.84
CA ILE B 650 -8.37 -18.83 -5.95
C ILE B 650 -7.04 -18.66 -6.70
N PHE B 651 -5.92 -18.89 -6.02
CA PHE B 651 -4.62 -18.79 -6.66
C PHE B 651 -4.09 -20.13 -7.17
N LEU B 652 -4.94 -21.17 -7.16
CA LEU B 652 -4.63 -22.39 -7.89
C LEU B 652 -5.09 -22.31 -9.33
N PHE B 653 -6.09 -21.47 -9.61
CA PHE B 653 -6.71 -21.36 -10.92
C PHE B 653 -6.57 -19.99 -11.56
N TYR B 654 -6.47 -18.94 -10.76
CA TYR B 654 -6.15 -17.61 -11.25
C TYR B 654 -4.69 -17.36 -10.86
N LYS B 655 -3.79 -17.49 -11.85
CA LYS B 655 -2.35 -17.31 -11.63
C LYS B 655 -1.89 -15.87 -11.85
N ILE B 656 -2.54 -15.14 -12.75
CA ILE B 656 -2.30 -13.73 -12.99
C ILE B 656 -3.61 -12.99 -12.76
N GLU B 657 -3.52 -11.66 -12.64
CA GLU B 657 -4.74 -10.91 -12.37
C GLU B 657 -5.63 -10.74 -13.61
N GLU B 658 -5.10 -10.87 -14.82
CA GLU B 658 -5.99 -10.74 -15.96
C GLU B 658 -6.76 -12.01 -16.25
N ASP B 659 -6.39 -13.14 -15.62
CA ASP B 659 -7.27 -14.28 -15.70
C ASP B 659 -8.62 -13.96 -15.10
N ILE B 660 -8.68 -13.03 -14.15
CA ILE B 660 -9.96 -12.60 -13.61
C ILE B 660 -10.62 -11.59 -14.55
N GLN B 661 -9.85 -10.62 -15.07
CA GLN B 661 -10.45 -9.64 -15.95
C GLN B 661 -11.10 -10.30 -17.16
N THR B 662 -10.59 -11.45 -17.58
CA THR B 662 -11.01 -12.09 -18.82
C THR B 662 -11.81 -13.38 -18.60
N ASP B 663 -12.30 -13.62 -17.38
CA ASP B 663 -13.23 -14.73 -17.17
C ASP B 663 -14.61 -14.30 -17.62
N THR B 664 -15.02 -14.72 -18.82
CA THR B 664 -16.34 -14.35 -19.33
C THR B 664 -17.41 -14.55 -18.26
N GLU B 665 -17.41 -15.73 -17.64
CA GLU B 665 -18.46 -16.09 -16.70
C GLU B 665 -18.35 -15.29 -15.41
N LEU B 666 -17.15 -15.21 -14.81
CA LEU B 666 -17.02 -14.50 -13.54
C LEU B 666 -17.55 -13.08 -13.67
N GLN B 667 -17.13 -12.38 -14.73
CA GLN B 667 -17.60 -11.02 -14.94
C GLN B 667 -19.10 -11.00 -15.13
N ALA B 668 -19.64 -12.00 -15.85
CA ALA B 668 -21.09 -12.16 -15.93
C ALA B 668 -21.67 -12.43 -14.55
N TRP B 669 -21.08 -13.36 -13.83
CA TRP B 669 -21.63 -13.75 -12.54
C TRP B 669 -21.74 -12.53 -11.62
N TRP B 670 -20.74 -11.63 -11.65
CA TRP B 670 -20.75 -10.51 -10.71
C TRP B 670 -21.56 -9.33 -11.21
N LYS B 671 -21.81 -9.24 -12.50
CA LYS B 671 -22.68 -8.18 -12.98
C LYS B 671 -24.13 -8.48 -12.66
N GLU B 672 -24.55 -9.75 -12.82
CA GLU B 672 -25.92 -10.07 -12.49
C GLU B 672 -26.14 -10.10 -10.99
N VAL B 673 -25.09 -10.34 -10.21
CA VAL B 673 -25.26 -10.25 -8.76
C VAL B 673 -25.71 -8.85 -8.36
N ARG B 674 -25.20 -7.82 -9.05
CA ARG B 674 -25.50 -6.46 -8.64
C ARG B 674 -26.72 -5.85 -9.35
N GLU B 675 -26.94 -6.11 -10.63
CA GLU B 675 -27.99 -5.37 -11.34
C GLU B 675 -29.30 -6.11 -11.41
N GLU B 676 -29.37 -7.33 -10.89
CA GLU B 676 -30.60 -8.11 -10.83
C GLU B 676 -30.81 -8.63 -9.41
N GLY B 677 -29.86 -9.43 -8.92
CA GLY B 677 -30.09 -10.17 -7.69
C GLY B 677 -30.31 -9.27 -6.48
N HIS B 678 -29.42 -8.29 -6.30
CA HIS B 678 -29.60 -7.18 -5.34
C HIS B 678 -29.87 -5.85 -6.06
N GLY B 679 -30.49 -5.89 -7.24
CA GLY B 679 -30.61 -4.76 -8.15
C GLY B 679 -31.29 -3.53 -7.59
N ASP B 680 -31.91 -3.64 -6.42
CA ASP B 680 -32.45 -2.46 -5.77
C ASP B 680 -31.39 -1.68 -4.99
N LYS B 681 -30.17 -2.22 -4.89
CA LYS B 681 -28.99 -1.48 -4.47
C LYS B 681 -27.97 -1.45 -5.61
N LYS B 682 -28.48 -1.54 -6.85
CA LYS B 682 -27.63 -1.73 -8.02
C LYS B 682 -26.64 -0.59 -8.18
N SER B 683 -27.06 0.61 -7.81
CA SER B 683 -26.32 1.85 -8.05
C SER B 683 -25.48 2.32 -6.86
N GLU B 684 -25.33 1.49 -5.80
CA GLU B 684 -24.52 1.87 -4.65
C GLU B 684 -23.02 1.78 -5.00
N PRO B 685 -22.21 2.73 -4.55
CA PRO B 685 -20.80 2.76 -4.94
C PRO B 685 -19.93 1.70 -4.29
N TRP B 686 -20.41 1.04 -3.23
CA TRP B 686 -19.56 0.13 -2.48
C TRP B 686 -19.44 -1.24 -3.10
N TRP B 687 -19.97 -1.47 -4.28
CA TRP B 687 -19.89 -2.79 -4.82
C TRP B 687 -18.50 -3.01 -5.35
N PRO B 688 -17.89 -4.21 -4.98
CA PRO B 688 -16.53 -4.37 -5.52
C PRO B 688 -16.48 -4.59 -7.01
N LYS B 689 -15.44 -4.08 -7.63
CA LYS B 689 -15.19 -4.17 -9.07
C LYS B 689 -14.89 -5.57 -9.64
N MET B 690 -14.10 -6.32 -8.90
CA MET B 690 -13.62 -7.62 -9.34
C MET B 690 -12.40 -7.64 -10.23
N GLN B 691 -11.71 -6.52 -10.39
CA GLN B 691 -10.49 -6.52 -11.18
C GLN B 691 -9.43 -7.39 -10.53
N THR B 692 -9.26 -7.26 -9.23
CA THR B 692 -8.20 -7.96 -8.53
C THR B 692 -8.58 -9.37 -8.17
N ARG B 693 -7.61 -10.24 -8.01
CA ARG B 693 -7.87 -11.52 -7.42
C ARG B 693 -8.32 -11.24 -6.03
N GLU B 694 -7.72 -10.24 -5.41
CA GLU B 694 -8.02 -9.98 -4.02
C GLU B 694 -9.50 -9.74 -3.82
N GLU B 695 -10.13 -8.94 -4.69
CA GLU B 695 -11.57 -8.74 -4.57
C GLU B 695 -12.32 -10.06 -4.67
N LEU B 696 -11.80 -11.03 -5.44
CA LEU B 696 -12.44 -12.34 -5.53
C LEU B 696 -12.18 -13.17 -4.28
N VAL B 697 -10.97 -13.05 -3.71
CA VAL B 697 -10.68 -13.77 -2.47
C VAL B 697 -11.51 -13.21 -1.33
N GLU B 698 -11.71 -11.89 -1.31
CA GLU B 698 -12.40 -11.25 -0.20
C GLU B 698 -13.91 -11.25 -0.34
N SER B 699 -14.44 -11.34 -1.55
CA SER B 699 -15.89 -11.44 -1.71
C SER B 699 -16.40 -12.88 -1.55
N CYS B 700 -15.67 -13.87 -2.10
CA CYS B 700 -16.06 -15.26 -1.86
C CYS B 700 -16.02 -15.58 -0.38
N THR B 701 -15.04 -15.04 0.35
CA THR B 701 -14.94 -15.39 1.76
C THR B 701 -16.09 -14.78 2.54
N ILE B 702 -16.65 -13.66 2.04
CA ILE B 702 -17.85 -13.09 2.63
C ILE B 702 -19.02 -14.07 2.50
N ILE B 703 -19.14 -14.72 1.33
CA ILE B 703 -20.30 -15.56 1.01
C ILE B 703 -20.27 -16.85 1.79
N ILE B 704 -19.08 -17.38 2.03
CA ILE B 704 -18.97 -18.60 2.82
C ILE B 704 -19.17 -18.29 4.30
N TRP B 705 -18.69 -17.14 4.75
CA TRP B 705 -18.89 -16.71 6.13
C TRP B 705 -20.37 -16.56 6.44
N VAL B 706 -21.11 -15.84 5.57
CA VAL B 706 -22.52 -15.55 5.82
C VAL B 706 -23.35 -16.84 5.78
N ALA B 707 -23.01 -17.75 4.87
CA ALA B 707 -23.74 -19.00 4.73
C ALA B 707 -23.38 -20.03 5.79
N SER B 708 -22.20 -19.94 6.41
CA SER B 708 -21.75 -20.99 7.33
C SER B 708 -21.86 -20.51 8.76
N ALA B 709 -20.92 -19.69 9.22
CA ALA B 709 -20.86 -19.40 10.63
C ALA B 709 -21.80 -18.27 11.05
N LEU B 710 -22.00 -17.27 10.20
CA LEU B 710 -22.95 -16.22 10.53
C LEU B 710 -24.36 -16.78 10.71
N HIS B 711 -24.87 -17.54 9.73
CA HIS B 711 -26.17 -18.14 9.95
C HIS B 711 -26.15 -19.04 11.18
N ALA B 712 -25.02 -19.71 11.42
CA ALA B 712 -24.94 -20.67 12.51
C ALA B 712 -25.04 -19.98 13.86
N ALA B 713 -24.14 -19.02 14.13
CA ALA B 713 -24.06 -18.32 15.40
C ALA B 713 -25.36 -17.67 15.83
N VAL B 714 -26.37 -17.68 14.97
CA VAL B 714 -27.66 -17.05 15.29
C VAL B 714 -28.80 -18.02 15.03
N ASN B 715 -28.53 -19.14 14.37
CA ASN B 715 -29.64 -20.08 14.17
C ASN B 715 -29.72 -21.17 15.23
N PHE B 716 -28.58 -21.72 15.65
CA PHE B 716 -28.57 -22.87 16.53
C PHE B 716 -28.44 -22.49 17.99
N GLY B 717 -28.52 -21.21 18.31
CA GLY B 717 -28.63 -20.84 19.70
C GLY B 717 -30.06 -20.56 20.13
N GLN B 718 -31.01 -20.60 19.18
CA GLN B 718 -32.36 -20.12 19.46
C GLN B 718 -33.00 -20.93 20.59
N TYR B 719 -33.08 -22.25 20.43
CA TYR B 719 -33.65 -23.03 21.52
C TYR B 719 -32.79 -23.06 22.79
N PRO B 720 -31.45 -23.03 22.69
CA PRO B 720 -30.64 -22.99 23.94
C PRO B 720 -30.95 -21.81 24.85
N VAL B 721 -31.04 -20.60 24.30
CA VAL B 721 -31.11 -19.39 25.10
C VAL B 721 -32.53 -18.82 25.14
N ALA B 722 -33.23 -18.82 24.01
CA ALA B 722 -34.58 -18.26 23.95
C ALA B 722 -35.64 -19.32 24.09
N GLY B 723 -35.24 -20.58 24.18
CA GLY B 723 -36.21 -21.63 24.41
C GLY B 723 -36.98 -21.45 25.68
N TYR B 724 -36.38 -20.79 26.68
CA TYR B 724 -37.09 -20.39 27.90
C TYR B 724 -37.60 -18.98 27.67
N LEU B 725 -38.91 -18.85 27.48
CA LEU B 725 -39.50 -17.60 27.01
C LEU B 725 -39.15 -16.36 27.84
N PRO B 726 -39.15 -16.45 29.15
CA PRO B 726 -38.89 -15.28 29.98
C PRO B 726 -37.52 -14.66 29.78
N ASN B 727 -36.53 -15.47 29.53
CA ASN B 727 -35.20 -14.97 29.28
C ASN B 727 -35.12 -14.11 28.04
N ARG B 728 -35.82 -14.51 26.99
CA ARG B 728 -35.79 -13.77 25.73
C ARG B 728 -37.17 -13.56 25.18
N PRO B 729 -37.91 -12.54 25.78
CA PRO B 729 -39.29 -12.46 25.27
C PRO B 729 -39.39 -12.07 23.80
N THR B 730 -40.32 -12.68 23.09
CA THR B 730 -40.69 -12.30 21.75
C THR B 730 -41.45 -11.03 21.58
N ILE B 731 -42.47 -10.85 22.41
CA ILE B 731 -43.50 -9.84 22.24
C ILE B 731 -43.89 -9.28 23.57
N SER B 732 -44.36 -8.04 23.57
CA SER B 732 -44.77 -7.44 24.82
C SER B 732 -46.19 -6.98 24.65
N ARG B 733 -47.06 -7.28 25.60
CA ARG B 733 -48.45 -6.95 25.45
C ARG B 733 -48.90 -5.66 26.11
N GLN B 734 -48.06 -5.09 26.97
CA GLN B 734 -48.44 -3.90 27.69
C GLN B 734 -47.34 -2.91 27.88
N TYR B 735 -47.74 -1.67 28.07
CA TYR B 735 -46.84 -0.58 28.36
C TYR B 735 -46.45 -0.63 29.81
N MET B 736 -45.42 0.09 30.20
CA MET B 736 -44.99 0.05 31.58
C MET B 736 -46.01 0.73 32.46
N PRO B 737 -46.33 0.13 33.60
CA PRO B 737 -47.34 0.68 34.50
C PRO B 737 -46.95 2.10 34.92
N LYS B 738 -47.91 3.00 34.80
CA LYS B 738 -47.76 4.36 35.27
C LYS B 738 -48.02 4.39 36.78
N GLU B 739 -47.47 5.40 37.43
CA GLU B 739 -47.46 5.49 38.88
C GLU B 739 -48.83 5.81 39.46
N ASN B 740 -49.05 5.43 40.70
CA ASN B 740 -50.33 5.70 41.33
C ASN B 740 -51.43 5.16 40.43
N THR B 741 -51.22 3.96 39.94
CA THR B 741 -52.19 3.29 39.11
C THR B 741 -52.45 2.00 39.77
N PRO B 742 -53.68 1.42 39.48
CA PRO B 742 -53.90 0.14 40.15
C PRO B 742 -52.81 -0.84 39.80
N GLU B 743 -52.38 -0.84 38.54
CA GLU B 743 -51.35 -1.76 38.05
C GLU B 743 -50.07 -1.54 38.80
N PHE B 744 -49.77 -0.29 39.07
CA PHE B 744 -48.61 0.02 39.86
C PHE B 744 -48.78 -0.59 41.23
N GLU B 745 -50.00 -0.59 41.75
CA GLU B 745 -50.26 -1.23 43.02
C GLU B 745 -49.92 -2.68 42.86
N GLU B 746 -50.33 -3.25 41.73
CA GLU B 746 -50.16 -4.67 41.46
C GLU B 746 -48.70 -5.07 41.39
N LEU B 747 -47.89 -4.18 40.86
CA LEU B 747 -46.48 -4.41 40.71
C LEU B 747 -45.85 -4.65 42.05
N GLU B 748 -46.25 -3.89 43.05
CA GLU B 748 -45.75 -4.16 44.39
C GLU B 748 -46.21 -5.50 44.96
N LYS B 749 -47.48 -5.84 44.77
CA LYS B 749 -47.98 -7.15 45.19
C LYS B 749 -47.57 -8.40 44.40
N ASN B 750 -47.69 -8.40 43.08
CA ASN B 750 -47.30 -9.54 42.27
C ASN B 750 -46.54 -9.06 41.06
N PRO B 751 -45.31 -8.58 41.24
CA PRO B 751 -44.56 -8.05 40.10
C PRO B 751 -44.24 -9.10 39.11
N ASP B 752 -44.24 -10.37 39.53
CA ASP B 752 -43.91 -11.45 38.62
C ASP B 752 -45.07 -11.78 37.69
N LYS B 753 -46.30 -11.43 38.03
CA LYS B 753 -47.38 -11.59 37.06
C LYS B 753 -47.34 -10.49 36.00
N VAL B 754 -47.20 -9.23 36.41
CA VAL B 754 -47.12 -8.13 35.47
C VAL B 754 -46.02 -8.42 34.44
N PHE B 755 -45.07 -9.27 34.81
CA PHE B 755 -44.08 -9.71 33.83
C PHE B 755 -44.74 -10.57 32.75
N LEU B 756 -45.34 -11.70 33.17
CA LEU B 756 -46.03 -12.63 32.26
C LEU B 756 -47.31 -12.05 31.68
N LYS B 757 -47.69 -10.84 32.04
CA LYS B 757 -48.82 -10.19 31.39
C LYS B 757 -48.37 -9.30 30.25
N THR B 758 -47.28 -8.61 30.52
CA THR B 758 -46.58 -7.75 29.60
C THR B 758 -45.97 -8.49 28.44
N ILE B 759 -45.42 -9.65 28.71
CA ILE B 759 -44.81 -10.47 27.68
C ILE B 759 -45.72 -11.52 27.07
N THR B 760 -45.13 -12.35 26.23
CA THR B 760 -45.83 -13.17 25.28
C THR B 760 -46.81 -14.10 25.91
N ALA B 761 -47.97 -14.23 25.28
CA ALA B 761 -49.05 -15.06 25.76
C ALA B 761 -48.73 -16.49 25.53
N GLN B 762 -49.49 -17.38 26.12
CA GLN B 762 -49.20 -18.79 25.98
C GLN B 762 -49.27 -19.23 24.54
N LEU B 763 -50.30 -18.81 23.83
CA LEU B 763 -50.60 -19.40 22.56
C LEU B 763 -49.42 -19.23 21.64
N GLN B 764 -48.83 -18.06 21.67
CA GLN B 764 -47.69 -17.69 20.84
C GLN B 764 -46.38 -18.19 21.41
N THR B 765 -46.32 -18.50 22.71
CA THR B 765 -45.13 -19.15 23.28
C THR B 765 -45.03 -20.63 22.88
N LEU B 766 -46.13 -21.35 22.85
CA LEU B 766 -46.05 -22.74 22.43
C LEU B 766 -45.87 -22.85 20.93
N LEU B 767 -46.24 -21.83 20.18
CA LEU B 767 -45.82 -21.74 18.80
C LEU B 767 -44.32 -21.56 18.71
N GLY B 768 -43.80 -20.59 19.48
CA GLY B 768 -42.46 -20.09 19.24
C GLY B 768 -41.36 -21.03 19.66
N ILE B 769 -41.44 -21.52 20.91
CA ILE B 769 -40.66 -22.65 21.37
C ILE B 769 -40.60 -23.75 20.33
N SER B 770 -41.77 -24.30 19.98
CA SER B 770 -41.81 -25.40 19.03
C SER B 770 -41.27 -25.00 17.67
N LEU B 771 -41.28 -23.72 17.34
CA LEU B 771 -40.80 -23.31 16.02
C LEU B 771 -39.28 -23.18 16.00
N ILE B 772 -38.70 -22.58 17.05
CA ILE B 772 -37.26 -22.45 17.17
C ILE B 772 -36.63 -23.72 17.72
N GLU B 773 -37.44 -24.69 18.12
CA GLU B 773 -36.88 -26.00 18.43
C GLU B 773 -36.49 -26.71 17.14
N ILE B 774 -37.44 -26.83 16.21
CA ILE B 774 -37.12 -27.42 14.91
C ILE B 774 -36.01 -26.63 14.25
N LEU B 775 -36.04 -25.30 14.38
CA LEU B 775 -35.05 -24.47 13.70
C LEU B 775 -33.66 -24.64 14.28
N SER B 776 -33.56 -25.08 15.54
CA SER B 776 -32.26 -25.28 16.17
C SER B 776 -31.69 -26.68 15.96
N THR B 777 -32.53 -27.59 15.52
CA THR B 777 -32.12 -28.94 15.35
C THR B 777 -31.11 -29.05 14.27
N HIS B 778 -30.17 -29.95 14.48
CA HIS B 778 -29.20 -30.36 13.51
C HIS B 778 -29.68 -31.71 13.01
N SER B 779 -29.64 -31.90 11.70
CA SER B 779 -29.94 -33.17 11.06
C SER B 779 -28.78 -34.17 11.05
N SER B 780 -29.13 -35.43 10.88
CA SER B 780 -28.17 -36.51 10.67
C SER B 780 -27.45 -36.27 9.36
N ASP B 781 -28.21 -35.77 8.41
CA ASP B 781 -27.80 -35.41 7.08
C ASP B 781 -26.76 -34.33 7.05
N GLU B 782 -26.85 -33.41 7.99
CA GLU B 782 -26.18 -32.15 7.82
C GLU B 782 -24.71 -32.38 7.67
N VAL B 783 -24.08 -31.50 6.90
CA VAL B 783 -22.68 -31.59 6.57
C VAL B 783 -22.10 -30.38 7.22
N TYR B 784 -20.91 -30.44 7.81
CA TYR B 784 -20.48 -29.26 8.54
C TYR B 784 -19.23 -28.67 7.92
N LEU B 785 -18.77 -27.58 8.53
CA LEU B 785 -17.74 -26.77 7.93
C LEU B 785 -16.42 -27.52 7.97
N GLY B 786 -15.78 -27.66 6.81
CA GLY B 786 -14.62 -28.52 6.62
C GLY B 786 -14.90 -29.88 6.00
N GLN B 787 -16.15 -30.18 5.63
CA GLN B 787 -16.54 -31.45 5.00
C GLN B 787 -17.19 -31.20 3.64
N ARG B 788 -17.25 -32.26 2.81
CA ARG B 788 -17.95 -32.25 1.53
C ARG B 788 -18.65 -33.58 1.32
N ASP B 789 -19.63 -33.58 0.39
CA ASP B 789 -20.46 -34.75 0.16
C ASP B 789 -19.64 -35.94 -0.30
N SER B 790 -18.69 -35.72 -1.21
CA SER B 790 -17.82 -36.82 -1.58
C SER B 790 -16.45 -36.27 -1.90
N LYS B 791 -15.44 -37.11 -1.66
CA LYS B 791 -14.05 -36.69 -1.50
C LYS B 791 -13.31 -36.50 -2.81
N GLU B 792 -14.05 -36.55 -3.92
CA GLU B 792 -13.48 -36.51 -5.24
C GLU B 792 -14.07 -35.39 -6.07
N TRP B 793 -14.39 -34.26 -5.46
CA TRP B 793 -15.15 -33.22 -6.13
C TRP B 793 -14.34 -32.44 -7.15
N ALA B 794 -13.04 -32.72 -7.29
CA ALA B 794 -12.24 -32.17 -8.38
C ALA B 794 -11.06 -33.08 -8.63
N ALA B 795 -10.64 -33.12 -9.89
CA ALA B 795 -9.50 -33.93 -10.30
C ALA B 795 -8.17 -33.17 -10.26
N GLU B 796 -8.10 -32.00 -9.63
CA GLU B 796 -6.82 -31.33 -9.41
C GLU B 796 -6.40 -31.62 -7.97
N LYS B 797 -5.32 -32.38 -7.81
CA LYS B 797 -4.96 -32.84 -6.47
C LYS B 797 -4.50 -31.71 -5.57
N GLU B 798 -3.92 -30.64 -6.12
CA GLU B 798 -3.54 -29.51 -5.27
C GLU B 798 -4.76 -28.81 -4.70
N ALA B 799 -5.93 -29.01 -5.29
CA ALA B 799 -7.15 -28.49 -4.73
C ALA B 799 -7.66 -29.36 -3.60
N LEU B 800 -7.32 -30.64 -3.58
CA LEU B 800 -7.78 -31.51 -2.51
C LEU B 800 -6.82 -31.53 -1.31
N GLU B 801 -5.62 -30.97 -1.42
CA GLU B 801 -4.81 -30.74 -0.22
C GLU B 801 -5.08 -29.36 0.36
N ALA B 802 -5.27 -28.34 -0.48
CA ALA B 802 -5.68 -27.04 0.05
C ALA B 802 -6.92 -27.18 0.91
N PHE B 803 -7.80 -28.13 0.57
CA PHE B 803 -9.03 -28.34 1.34
C PHE B 803 -8.85 -29.31 2.48
N GLU B 804 -7.88 -30.22 2.39
CA GLU B 804 -7.57 -30.96 3.58
C GLU B 804 -6.93 -30.03 4.61
N LYS B 805 -6.12 -29.10 4.14
CA LYS B 805 -5.46 -28.19 5.09
C LYS B 805 -6.47 -27.24 5.72
N PHE B 806 -7.54 -26.90 4.99
CA PHE B 806 -8.61 -26.11 5.60
C PHE B 806 -9.33 -26.93 6.68
N GLY B 807 -9.63 -28.20 6.40
CA GLY B 807 -10.36 -29.01 7.36
C GLY B 807 -9.60 -29.21 8.65
N GLU B 808 -8.27 -29.34 8.57
CA GLU B 808 -7.44 -29.55 9.75
C GLU B 808 -7.21 -28.27 10.55
N LYS B 809 -7.18 -27.11 9.87
CA LYS B 809 -7.19 -25.81 10.53
C LYS B 809 -8.56 -25.48 11.11
N VAL B 810 -9.59 -26.23 10.70
CA VAL B 810 -10.89 -26.12 11.35
C VAL B 810 -10.93 -27.01 12.59
N LYS B 811 -10.23 -28.15 12.55
CA LYS B 811 -10.12 -29.01 13.74
C LYS B 811 -9.35 -28.31 14.84
N GLU B 812 -8.37 -27.50 14.44
CA GLU B 812 -7.57 -26.76 15.39
C GLU B 812 -8.39 -25.69 16.11
N ILE B 813 -9.29 -25.02 15.37
CA ILE B 813 -10.14 -23.98 15.95
C ILE B 813 -11.08 -24.62 16.96
N GLU B 814 -11.44 -25.88 16.75
CA GLU B 814 -12.33 -26.55 17.66
C GLU B 814 -11.67 -26.78 19.01
N LYS B 815 -10.34 -26.88 19.03
CA LYS B 815 -9.51 -27.12 20.21
C LYS B 815 -9.18 -25.83 20.96
N ASN B 816 -8.94 -24.73 20.25
CA ASN B 816 -8.76 -23.44 20.91
C ASN B 816 -10.05 -22.99 21.59
N ILE B 817 -11.18 -23.25 20.95
CA ILE B 817 -12.46 -22.96 21.58
C ILE B 817 -12.60 -23.74 22.89
N ASP B 818 -12.33 -25.04 22.84
CA ASP B 818 -12.46 -25.88 24.03
C ASP B 818 -11.40 -25.62 25.09
N GLU B 819 -10.32 -24.90 24.75
CA GLU B 819 -9.37 -24.46 25.77
C GLU B 819 -9.81 -23.15 26.41
N ARG B 820 -10.62 -22.35 25.70
CA ARG B 820 -11.08 -21.07 26.23
C ARG B 820 -12.37 -21.18 27.04
N ASN B 821 -13.07 -22.30 26.95
CA ASN B 821 -14.21 -22.47 27.83
C ASN B 821 -13.77 -23.05 29.16
N ASP B 822 -12.74 -23.90 29.17
CA ASP B 822 -12.13 -24.41 30.41
C ASP B 822 -11.30 -23.34 31.10
N ASP B 823 -10.97 -22.26 30.39
CA ASP B 823 -10.12 -21.18 30.92
C ASP B 823 -10.96 -20.24 31.78
N GLU B 824 -10.73 -20.25 33.09
CA GLU B 824 -11.64 -19.47 33.91
C GLU B 824 -11.32 -17.97 33.93
N THR B 825 -10.22 -17.63 33.29
CA THR B 825 -9.83 -16.26 33.14
C THR B 825 -10.89 -15.48 32.41
N LEU B 826 -11.52 -16.04 31.38
CA LEU B 826 -12.48 -15.24 30.60
C LEU B 826 -13.92 -15.45 31.03
N LYS B 827 -14.44 -14.48 31.76
CA LYS B 827 -15.70 -14.61 32.41
C LYS B 827 -16.88 -14.73 31.46
N ASN B 828 -16.86 -13.97 30.39
CA ASN B 828 -18.03 -13.84 29.55
C ASN B 828 -18.41 -15.14 28.87
N ARG B 829 -17.45 -16.03 28.73
CA ARG B 829 -17.64 -17.29 28.04
C ARG B 829 -18.62 -18.29 28.64
N THR B 830 -18.62 -18.47 29.95
CA THR B 830 -19.50 -19.45 30.58
C THR B 830 -20.71 -18.80 31.17
N GLY B 831 -20.44 -17.70 31.82
CA GLY B 831 -21.48 -16.89 32.38
C GLY B 831 -22.05 -17.57 33.59
N LEU B 832 -22.99 -16.91 34.25
CA LEU B 832 -23.54 -17.42 35.49
C LEU B 832 -24.58 -18.49 35.27
N VAL B 833 -24.85 -18.82 34.02
CA VAL B 833 -25.67 -19.98 33.71
C VAL B 833 -24.83 -21.23 33.50
N LYS B 834 -23.52 -21.09 33.44
CA LYS B 834 -22.66 -22.21 33.11
C LYS B 834 -23.00 -22.93 31.79
N MET B 835 -23.05 -22.15 30.72
CA MET B 835 -23.46 -22.51 29.36
C MET B 835 -22.33 -22.11 28.43
N PRO B 836 -21.35 -23.00 28.25
CA PRO B 836 -20.16 -22.62 27.49
C PRO B 836 -20.52 -22.16 26.10
N TYR B 837 -19.79 -21.17 25.62
CA TYR B 837 -20.14 -20.58 24.34
C TYR B 837 -19.74 -21.51 23.21
N THR B 838 -20.67 -22.34 22.72
CA THR B 838 -20.41 -23.35 21.69
C THR B 838 -21.06 -23.03 20.34
N LEU B 839 -21.56 -21.81 20.16
CA LEU B 839 -22.23 -21.46 18.92
C LEU B 839 -21.30 -21.45 17.72
N LEU B 840 -19.97 -21.52 17.91
CA LEU B 840 -19.06 -21.57 16.78
C LEU B 840 -18.09 -22.76 16.85
N PHE B 841 -18.46 -23.80 17.59
CA PHE B 841 -17.85 -25.12 17.52
C PHE B 841 -18.18 -25.77 16.18
N PRO B 842 -17.22 -25.93 15.28
CA PRO B 842 -17.59 -26.31 13.91
C PRO B 842 -18.36 -27.63 13.84
N SER B 843 -17.80 -28.67 14.41
CA SER B 843 -18.35 -29.98 14.29
C SER B 843 -19.47 -30.16 15.23
N SER B 844 -20.42 -31.01 14.88
CA SER B 844 -21.54 -31.32 15.71
C SER B 844 -22.17 -32.59 15.28
N GLU B 845 -23.17 -33.02 16.02
CA GLU B 845 -23.85 -34.28 15.78
C GLU B 845 -25.31 -33.93 15.75
N GLY B 846 -26.18 -34.88 15.50
CA GLY B 846 -27.57 -34.59 15.21
C GLY B 846 -28.38 -34.02 16.34
N GLY B 847 -29.47 -33.36 16.00
CA GLY B 847 -30.39 -32.83 16.97
C GLY B 847 -30.09 -31.43 17.45
N VAL B 848 -30.85 -30.97 18.45
CA VAL B 848 -30.64 -29.63 18.94
C VAL B 848 -29.50 -29.72 19.91
N THR B 849 -28.31 -29.71 19.35
CA THR B 849 -27.11 -29.91 20.11
C THR B 849 -26.42 -28.62 20.49
N GLY B 850 -26.97 -27.50 20.11
CA GLY B 850 -26.44 -26.22 20.55
C GLY B 850 -25.02 -25.92 20.14
N ARG B 851 -24.58 -26.52 19.04
CA ARG B 851 -23.27 -26.23 18.48
C ARG B 851 -23.24 -26.62 17.03
N GLY B 852 -22.16 -26.24 16.37
CA GLY B 852 -21.83 -26.71 15.04
C GLY B 852 -22.10 -25.73 13.93
N ILE B 853 -21.29 -25.79 12.88
CA ILE B 853 -21.38 -24.90 11.74
C ILE B 853 -21.64 -25.65 10.46
N PRO B 854 -22.97 -25.69 10.04
CA PRO B 854 -23.17 -26.33 8.75
C PRO B 854 -22.51 -25.55 7.66
N ASN B 855 -22.24 -26.22 6.56
CA ASN B 855 -21.68 -25.60 5.37
C ASN B 855 -22.55 -24.49 4.85
N SER B 856 -23.84 -24.61 5.07
CA SER B 856 -24.84 -23.95 4.27
C SER B 856 -25.89 -23.40 5.20
N VAL B 857 -26.79 -22.60 4.62
CA VAL B 857 -28.00 -22.20 5.33
C VAL B 857 -29.07 -23.28 5.12
N SER B 858 -29.04 -24.33 5.94
CA SER B 858 -29.94 -25.47 5.75
C SER B 858 -31.26 -25.32 6.50
N ILE B 859 -31.37 -24.35 7.41
CA ILE B 859 -32.61 -24.16 8.16
C ILE B 859 -32.78 -22.73 8.83
#